data_3VU5
# 
_entry.id   3VU5 
# 
_audit_conform.dict_name       mmcif_pdbx.dic 
_audit_conform.dict_version    5.398 
_audit_conform.dict_location   http://mmcif.pdb.org/dictionaries/ascii/mmcif_pdbx.dic 
# 
loop_
_database_2.database_id 
_database_2.database_code 
_database_2.pdbx_database_accession 
_database_2.pdbx_DOI 
PDB   3VU5         pdb_00003vu5 10.2210/pdb3vu5/pdb 
RCSB  RCSB095503   ?            ?                   
WWPDB D_1000095503 ?            ?                   
# 
loop_
_pdbx_audit_revision_history.ordinal 
_pdbx_audit_revision_history.data_content_type 
_pdbx_audit_revision_history.major_revision 
_pdbx_audit_revision_history.minor_revision 
_pdbx_audit_revision_history.revision_date 
1 'Structure model' 1 0 2012-12-19 
2 'Structure model' 1 1 2013-07-24 
3 'Structure model' 1 2 2023-11-08 
4 'Structure model' 1 3 2024-11-06 
# 
_pdbx_audit_revision_details.ordinal             1 
_pdbx_audit_revision_details.revision_ordinal    1 
_pdbx_audit_revision_details.data_content_type   'Structure model' 
_pdbx_audit_revision_details.provider            repository 
_pdbx_audit_revision_details.type                'Initial release' 
_pdbx_audit_revision_details.description         ? 
_pdbx_audit_revision_details.details             ? 
# 
loop_
_pdbx_audit_revision_group.ordinal 
_pdbx_audit_revision_group.revision_ordinal 
_pdbx_audit_revision_group.data_content_type 
_pdbx_audit_revision_group.group 
1 2 'Structure model' 'Database references'    
2 3 'Structure model' 'Data collection'        
3 3 'Structure model' 'Database references'    
4 3 'Structure model' 'Derived calculations'   
5 3 'Structure model' 'Refinement description' 
6 4 'Structure model' 'Structure summary'      
# 
loop_
_pdbx_audit_revision_category.ordinal 
_pdbx_audit_revision_category.revision_ordinal 
_pdbx_audit_revision_category.data_content_type 
_pdbx_audit_revision_category.category 
1 3 'Structure model' chem_comp_atom                
2 3 'Structure model' chem_comp_bond                
3 3 'Structure model' database_2                    
4 3 'Structure model' pdbx_initial_refinement_model 
5 3 'Structure model' struct_conn                   
6 3 'Structure model' struct_ref_seq_dif            
7 3 'Structure model' struct_site                   
8 4 'Structure model' pdbx_entry_details            
9 4 'Structure model' pdbx_modification_feature     
# 
loop_
_pdbx_audit_revision_item.ordinal 
_pdbx_audit_revision_item.revision_ordinal 
_pdbx_audit_revision_item.data_content_type 
_pdbx_audit_revision_item.item 
1 3 'Structure model' '_database_2.pdbx_DOI'                
2 3 'Structure model' '_database_2.pdbx_database_accession' 
3 3 'Structure model' '_struct_conn.pdbx_leaving_atom_flag' 
4 3 'Structure model' '_struct_ref_seq_dif.details'         
5 3 'Structure model' '_struct_site.pdbx_auth_asym_id'      
6 3 'Structure model' '_struct_site.pdbx_auth_comp_id'      
7 3 'Structure model' '_struct_site.pdbx_auth_seq_id'       
# 
_pdbx_database_status.status_code                     REL 
_pdbx_database_status.entry_id                        3VU5 
_pdbx_database_status.recvd_initial_deposition_date   2012-06-19 
_pdbx_database_status.deposit_site                    PDBJ 
_pdbx_database_status.process_site                    PDBJ 
_pdbx_database_status.methods_development_category    ? 
_pdbx_database_status.status_code_sf                  REL 
_pdbx_database_status.status_code_mr                  ? 
_pdbx_database_status.SG_entry                        ? 
_pdbx_database_status.status_code_cs                  ? 
_pdbx_database_status.pdb_format_compatible           Y 
_pdbx_database_status.status_code_nmr_data            ? 
# 
loop_
_pdbx_database_related.db_name 
_pdbx_database_related.db_id 
_pdbx_database_related.details 
_pdbx_database_related.content_type 
PDB 3vgx . unspecified 
PDB 1env . unspecified 
PDB 3VU6 . unspecified 
# 
loop_
_audit_author.name 
_audit_author.pdbx_ordinal 
'Yao, X.'           1 
'Chong, H.H.'       2 
'Waltersperger, S.' 3 
'Wang, M.T.'        4 
'He, Y.X.'          5 
'Cui, S.'           6 
# 
_citation.id                        primary 
_citation.title                     
'Short-peptide fusion inhibitors with high potency against wild-type and enfuvirtide-resistant HIV-1' 
_citation.journal_abbrev            'Faseb J.' 
_citation.journal_volume            27 
_citation.page_first                1203 
_citation.page_last                 1213 
_citation.year                      2013 
_citation.journal_id_ASTM           FAJOEC 
_citation.country                   US 
_citation.journal_id_ISSN           0892-6638 
_citation.journal_id_CSD            2074 
_citation.book_publisher            ? 
_citation.pdbx_database_id_PubMed   23233535 
_citation.pdbx_database_id_DOI      10.1096/fj.12-222547 
# 
loop_
_citation_author.citation_id 
_citation_author.name 
_citation_author.ordinal 
_citation_author.identifier_ORCID 
primary 'Chong, H.H.'       1  ? 
primary 'Yao, X.'           2  ? 
primary 'Qiu, Z.'           3  ? 
primary 'Sun, J.'           4  ? 
primary 'Zhang, M.'         5  ? 
primary 'Waltersperger, S.' 6  ? 
primary 'Wang, M.T.'        7  ? 
primary 'Liu, S.-L.'        8  ? 
primary 'Cui, S.'           9  ? 
primary 'He, Y.X.'          10 ? 
# 
loop_
_entity.id 
_entity.type 
_entity.src_method 
_entity.pdbx_description 
_entity.formula_weight 
_entity.pdbx_number_of_molecules 
_entity.pdbx_ec 
_entity.pdbx_mutation 
_entity.pdbx_fragment 
_entity.details 
1 polymer     nat 'Transmembrane protein gp41' 4489.252 1  ? ? 'UNP residues 553-590' ? 
2 polymer     syn SC22                         2885.309 1  ? ? ?                      ? 
3 non-polymer syn 'SULFATE ION'                96.063   1  ? ? ?                      ? 
4 non-polymer syn 'AMMONIUM ION'               18.038   1  ? ? ?                      ? 
5 water       nat water                        18.015   44 ? ? ?                      ? 
# 
loop_
_entity_poly.entity_id 
_entity_poly.type 
_entity_poly.nstd_linkage 
_entity_poly.nstd_monomer 
_entity_poly.pdbx_seq_one_letter_code 
_entity_poly.pdbx_seq_one_letter_code_can 
_entity_poly.pdbx_strand_id 
_entity_poly.pdbx_target_identifier 
1 'polypeptide(L)' no yes 'NNLLRAIEAQQHLLQLTVWGIKQLQARILAVERYLKDQ(NH2)' NNLLRAIEAQQHLLQLTVWGIKQLQARILAVERYLKDQX A ? 
2 'polypeptide(L)' no yes '(ACE)WEEWDKKIEEYTKKIEELIKKS'                 XWEEWDKKIEEYTKKIEELIKKS                 B ? 
# 
loop_
_pdbx_entity_nonpoly.entity_id 
_pdbx_entity_nonpoly.name 
_pdbx_entity_nonpoly.comp_id 
3 'SULFATE ION'  SO4 
4 'AMMONIUM ION' NH4 
5 water          HOH 
# 
loop_
_entity_poly_seq.entity_id 
_entity_poly_seq.num 
_entity_poly_seq.mon_id 
_entity_poly_seq.hetero 
1 1  ASN n 
1 2  ASN n 
1 3  LEU n 
1 4  LEU n 
1 5  ARG n 
1 6  ALA n 
1 7  ILE n 
1 8  GLU n 
1 9  ALA n 
1 10 GLN n 
1 11 GLN n 
1 12 HIS n 
1 13 LEU n 
1 14 LEU n 
1 15 GLN n 
1 16 LEU n 
1 17 THR n 
1 18 VAL n 
1 19 TRP n 
1 20 GLY n 
1 21 ILE n 
1 22 LYS n 
1 23 GLN n 
1 24 LEU n 
1 25 GLN n 
1 26 ALA n 
1 27 ARG n 
1 28 ILE n 
1 29 LEU n 
1 30 ALA n 
1 31 VAL n 
1 32 GLU n 
1 33 ARG n 
1 34 TYR n 
1 35 LEU n 
1 36 LYS n 
1 37 ASP n 
1 38 GLN n 
1 39 NH2 n 
2 1  ACE n 
2 2  TRP n 
2 3  GLU n 
2 4  GLU n 
2 5  TRP n 
2 6  ASP n 
2 7  LYS n 
2 8  LYS n 
2 9  ILE n 
2 10 GLU n 
2 11 GLU n 
2 12 TYR n 
2 13 THR n 
2 14 LYS n 
2 15 LYS n 
2 16 ILE n 
2 17 GLU n 
2 18 GLU n 
2 19 LEU n 
2 20 ILE n 
2 21 LYS n 
2 22 LYS n 
2 23 SER n 
# 
_entity_src_nat.entity_id                  1 
_entity_src_nat.pdbx_src_id                1 
_entity_src_nat.pdbx_alt_source_flag       sample 
_entity_src_nat.pdbx_beg_seq_num           ? 
_entity_src_nat.pdbx_end_seq_num           ? 
_entity_src_nat.common_name                HIV-1 
_entity_src_nat.pdbx_organism_scientific   'Human immunodeficiency virus 1' 
_entity_src_nat.pdbx_ncbi_taxonomy_id      11676 
_entity_src_nat.genus                      ? 
_entity_src_nat.species                    ? 
_entity_src_nat.strain                     ? 
_entity_src_nat.tissue                     ? 
_entity_src_nat.tissue_fraction            ? 
_entity_src_nat.pdbx_secretion             ? 
_entity_src_nat.pdbx_fragment              ? 
_entity_src_nat.pdbx_variant               ? 
_entity_src_nat.pdbx_cell_line             ? 
_entity_src_nat.pdbx_atcc                  ? 
_entity_src_nat.pdbx_cellular_location     ? 
_entity_src_nat.pdbx_organ                 ? 
_entity_src_nat.pdbx_organelle             ? 
_entity_src_nat.pdbx_cell                  ? 
_entity_src_nat.pdbx_plasmid_name          ? 
_entity_src_nat.pdbx_plasmid_details       ? 
_entity_src_nat.details                    ? 
# 
_pdbx_entity_src_syn.entity_id              2 
_pdbx_entity_src_syn.pdbx_src_id            1 
_pdbx_entity_src_syn.pdbx_alt_source_flag   sample 
_pdbx_entity_src_syn.pdbx_beg_seq_num       ? 
_pdbx_entity_src_syn.pdbx_end_seq_num       ? 
_pdbx_entity_src_syn.organism_scientific    ? 
_pdbx_entity_src_syn.organism_common_name   ? 
_pdbx_entity_src_syn.ncbi_taxonomy_id       ? 
_pdbx_entity_src_syn.details                
'Sequence of SC22 does not occur naturally in HIV-1, but designed based on sequence of HIV-1 gp41 CHR' 
# 
loop_
_chem_comp.id 
_chem_comp.type 
_chem_comp.mon_nstd_flag 
_chem_comp.name 
_chem_comp.pdbx_synonyms 
_chem_comp.formula 
_chem_comp.formula_weight 
ACE non-polymer         . 'ACETYL GROUP'  ? 'C2 H4 O'        44.053  
ALA 'L-peptide linking' y ALANINE         ? 'C3 H7 N O2'     89.093  
ARG 'L-peptide linking' y ARGININE        ? 'C6 H15 N4 O2 1' 175.209 
ASN 'L-peptide linking' y ASPARAGINE      ? 'C4 H8 N2 O3'    132.118 
ASP 'L-peptide linking' y 'ASPARTIC ACID' ? 'C4 H7 N O4'     133.103 
GLN 'L-peptide linking' y GLUTAMINE       ? 'C5 H10 N2 O3'   146.144 
GLU 'L-peptide linking' y 'GLUTAMIC ACID' ? 'C5 H9 N O4'     147.129 
GLY 'peptide linking'   y GLYCINE         ? 'C2 H5 N O2'     75.067  
HIS 'L-peptide linking' y HISTIDINE       ? 'C6 H10 N3 O2 1' 156.162 
HOH non-polymer         . WATER           ? 'H2 O'           18.015  
ILE 'L-peptide linking' y ISOLEUCINE      ? 'C6 H13 N O2'    131.173 
LEU 'L-peptide linking' y LEUCINE         ? 'C6 H13 N O2'    131.173 
LYS 'L-peptide linking' y LYSINE          ? 'C6 H15 N2 O2 1' 147.195 
NH2 non-polymer         . 'AMINO GROUP'   ? 'H2 N'           16.023  
NH4 non-polymer         . 'AMMONIUM ION'  ? 'H4 N 1'         18.038  
SER 'L-peptide linking' y SERINE          ? 'C3 H7 N O3'     105.093 
SO4 non-polymer         . 'SULFATE ION'   ? 'O4 S -2'        96.063  
THR 'L-peptide linking' y THREONINE       ? 'C4 H9 N O3'     119.119 
TRP 'L-peptide linking' y TRYPTOPHAN      ? 'C11 H12 N2 O2'  204.225 
TYR 'L-peptide linking' y TYROSINE        ? 'C9 H11 N O3'    181.189 
VAL 'L-peptide linking' y VALINE          ? 'C5 H11 N O2'    117.146 
# 
loop_
_pdbx_poly_seq_scheme.asym_id 
_pdbx_poly_seq_scheme.entity_id 
_pdbx_poly_seq_scheme.seq_id 
_pdbx_poly_seq_scheme.mon_id 
_pdbx_poly_seq_scheme.ndb_seq_num 
_pdbx_poly_seq_scheme.pdb_seq_num 
_pdbx_poly_seq_scheme.auth_seq_num 
_pdbx_poly_seq_scheme.pdb_mon_id 
_pdbx_poly_seq_scheme.auth_mon_id 
_pdbx_poly_seq_scheme.pdb_strand_id 
_pdbx_poly_seq_scheme.pdb_ins_code 
_pdbx_poly_seq_scheme.hetero 
A 1 1  ASN 1  553 553 ASN ASN A . n 
A 1 2  ASN 2  554 554 ASN ASN A . n 
A 1 3  LEU 3  555 555 LEU LEU A . n 
A 1 4  LEU 4  556 556 LEU LEU A . n 
A 1 5  ARG 5  557 557 ARG ARG A . n 
A 1 6  ALA 6  558 558 ALA ALA A . n 
A 1 7  ILE 7  559 559 ILE ILE A . n 
A 1 8  GLU 8  560 560 GLU GLU A . n 
A 1 9  ALA 9  561 561 ALA ALA A . n 
A 1 10 GLN 10 562 562 GLN GLN A . n 
A 1 11 GLN 11 563 563 GLN GLN A . n 
A 1 12 HIS 12 564 564 HIS HIS A . n 
A 1 13 LEU 13 565 565 LEU LEU A . n 
A 1 14 LEU 14 566 566 LEU LEU A . n 
A 1 15 GLN 15 567 567 GLN GLN A . n 
A 1 16 LEU 16 568 568 LEU LEU A . n 
A 1 17 THR 17 569 569 THR THR A . n 
A 1 18 VAL 18 570 570 VAL VAL A . n 
A 1 19 TRP 19 571 571 TRP TRP A . n 
A 1 20 GLY 20 572 572 GLY GLY A . n 
A 1 21 ILE 21 573 573 ILE ILE A . n 
A 1 22 LYS 22 574 574 LYS LYS A . n 
A 1 23 GLN 23 575 575 GLN GLN A . n 
A 1 24 LEU 24 576 576 LEU LEU A . n 
A 1 25 GLN 25 577 577 GLN GLN A . n 
A 1 26 ALA 26 578 578 ALA ALA A . n 
A 1 27 ARG 27 579 579 ARG ARG A . n 
A 1 28 ILE 28 580 580 ILE ILE A . n 
A 1 29 LEU 29 581 581 LEU LEU A . n 
A 1 30 ALA 30 582 582 ALA ALA A . n 
A 1 31 VAL 31 583 583 VAL VAL A . n 
A 1 32 GLU 32 584 584 GLU GLU A . n 
A 1 33 ARG 33 585 585 ARG ARG A . n 
A 1 34 TYR 34 586 586 TYR TYR A . n 
A 1 35 LEU 35 587 587 LEU LEU A . n 
A 1 36 LYS 36 588 588 LYS LYS A . n 
A 1 37 ASP 37 589 589 ASP ASP A . n 
A 1 38 GLN 38 590 590 GLN GLN A . n 
A 1 39 NH2 39 591 591 NH2 NH2 A . n 
B 2 1  ACE 1  627 627 ACE ACE B . n 
B 2 2  TRP 2  628 628 TRP TRP B . n 
B 2 3  GLU 3  629 629 GLU GLU B . n 
B 2 4  GLU 4  630 630 GLU GLU B . n 
B 2 5  TRP 5  631 631 TRP TRP B . n 
B 2 6  ASP 6  632 632 ASP ASP B . n 
B 2 7  LYS 7  633 633 LYS LYS B . n 
B 2 8  LYS 8  634 634 LYS LYS B . n 
B 2 9  ILE 9  635 635 ILE ILE B . n 
B 2 10 GLU 10 636 636 GLU GLU B . n 
B 2 11 GLU 11 637 637 GLU GLU B . n 
B 2 12 TYR 12 638 638 TYR TYR B . n 
B 2 13 THR 13 639 639 THR THR B . n 
B 2 14 LYS 14 640 640 LYS LYS B . n 
B 2 15 LYS 15 641 641 LYS LYS B . n 
B 2 16 ILE 16 642 642 ILE ILE B . n 
B 2 17 GLU 17 643 643 GLU GLU B . n 
B 2 18 GLU 18 644 644 GLU GLU B . n 
B 2 19 LEU 19 645 645 LEU LEU B . n 
B 2 20 ILE 20 646 646 ILE ILE B . n 
B 2 21 LYS 21 647 647 LYS LYS B . n 
B 2 22 LYS 22 648 648 LYS LYS B . n 
B 2 23 SER 23 649 649 SER SER B . n 
# 
loop_
_pdbx_nonpoly_scheme.asym_id 
_pdbx_nonpoly_scheme.entity_id 
_pdbx_nonpoly_scheme.mon_id 
_pdbx_nonpoly_scheme.ndb_seq_num 
_pdbx_nonpoly_scheme.pdb_seq_num 
_pdbx_nonpoly_scheme.auth_seq_num 
_pdbx_nonpoly_scheme.pdb_mon_id 
_pdbx_nonpoly_scheme.auth_mon_id 
_pdbx_nonpoly_scheme.pdb_strand_id 
_pdbx_nonpoly_scheme.pdb_ins_code 
C 3 SO4 1  601 1  SO4 SO4 A . 
D 4 NH4 1  602 1  NH4 NH4 A . 
E 5 HOH 1  701 1  HOH HOH A . 
E 5 HOH 2  702 2  HOH HOH A . 
E 5 HOH 3  703 3  HOH HOH A . 
E 5 HOH 4  704 4  HOH HOH A . 
E 5 HOH 5  705 5  HOH HOH A . 
E 5 HOH 6  706 6  HOH HOH A . 
E 5 HOH 7  707 7  HOH HOH A . 
E 5 HOH 8  708 8  HOH HOH A . 
E 5 HOH 9  709 9  HOH HOH A . 
E 5 HOH 10 710 10 HOH HOH A . 
E 5 HOH 11 711 11 HOH HOH A . 
E 5 HOH 12 712 12 HOH HOH A . 
E 5 HOH 13 713 13 HOH HOH A . 
E 5 HOH 14 714 14 HOH HOH A . 
E 5 HOH 15 715 15 HOH HOH A . 
E 5 HOH 16 716 16 HOH HOH A . 
E 5 HOH 17 717 17 HOH HOH A . 
E 5 HOH 18 718 18 HOH HOH A . 
E 5 HOH 19 719 19 HOH HOH A . 
E 5 HOH 20 720 20 HOH HOH A . 
E 5 HOH 21 721 21 HOH HOH A . 
E 5 HOH 22 722 22 HOH HOH A . 
E 5 HOH 23 723 26 HOH HOH A . 
E 5 HOH 24 724 27 HOH HOH A . 
E 5 HOH 25 725 28 HOH HOH A . 
E 5 HOH 26 726 30 HOH HOH A . 
E 5 HOH 27 727 31 HOH HOH A . 
E 5 HOH 28 728 35 HOH HOH A . 
E 5 HOH 29 729 39 HOH HOH A . 
E 5 HOH 30 730 41 HOH HOH A . 
E 5 HOH 31 731 43 HOH HOH A . 
E 5 HOH 32 732 44 HOH HOH A . 
F 5 HOH 1  701 23 HOH HOH B . 
F 5 HOH 2  702 24 HOH HOH B . 
F 5 HOH 3  703 25 HOH HOH B . 
F 5 HOH 4  704 29 HOH HOH B . 
F 5 HOH 5  705 32 HOH HOH B . 
F 5 HOH 6  706 33 HOH HOH B . 
F 5 HOH 7  707 34 HOH HOH B . 
F 5 HOH 8  708 36 HOH HOH B . 
F 5 HOH 9  709 37 HOH HOH B . 
F 5 HOH 10 710 38 HOH HOH B . 
F 5 HOH 11 711 40 HOH HOH B . 
F 5 HOH 12 712 42 HOH HOH B . 
# 
loop_
_software.name 
_software.classification 
_software.version 
_software.citation_id 
_software.pdbx_ordinal 
RemDAq 'data collection' .                            ? 1 
PHASER phasing           .                            ? 2 
PHENIX refinement        '(phenix.refine: 1.7.3_928)' ? 3 
XDS    'data reduction'  package                      ? 4 
XDS    'data scaling'    package                      ? 5 
# 
_cell.entry_id           3VU5 
_cell.length_a           45.281 
_cell.length_b           45.281 
_cell.length_c           183.218 
_cell.angle_alpha        90.00 
_cell.angle_beta         90.00 
_cell.angle_gamma        120.00 
_cell.Z_PDB              12 
_cell.pdbx_unique_axis   ? 
_cell.length_a_esd       ? 
_cell.length_b_esd       ? 
_cell.length_c_esd       ? 
_cell.angle_alpha_esd    ? 
_cell.angle_beta_esd     ? 
_cell.angle_gamma_esd    ? 
# 
_symmetry.entry_id                         3VU5 
_symmetry.space_group_name_H-M             'P 63 2 2' 
_symmetry.pdbx_full_space_group_name_H-M   ? 
_symmetry.cell_setting                     ? 
_symmetry.Int_Tables_number                182 
_symmetry.space_group_name_Hall            ? 
# 
_exptl.entry_id          3VU5 
_exptl.method            'X-RAY DIFFRACTION' 
_exptl.crystals_number   1 
# 
_exptl_crystal.id                    1 
_exptl_crystal.density_meas          ? 
_exptl_crystal.density_Matthews      3.68 
_exptl_crystal.density_percent_sol   66.54 
_exptl_crystal.description           ? 
_exptl_crystal.F_000                 ? 
_exptl_crystal.preparation           ? 
# 
_exptl_crystal_grow.crystal_id      1 
_exptl_crystal_grow.method          'VAPOR DIFFUSION, HANGING DROP' 
_exptl_crystal_grow.temp            295 
_exptl_crystal_grow.temp_details    ? 
_exptl_crystal_grow.pH              4.8 
_exptl_crystal_grow.pdbx_details    
'0.2M ammonium sulphate, 0.1M sodium acetate, 24% PEG4000, pH 4.8, VAPOR DIFFUSION, HANGING DROP, temperature 295K' 
_exptl_crystal_grow.pdbx_pH_range   . 
# 
_diffrn.id                     1 
_diffrn.ambient_temp           100 
_diffrn.ambient_temp_details   ? 
_diffrn.crystal_id             1 
# 
_diffrn_detector.diffrn_id              1 
_diffrn_detector.detector               PIXEL 
_diffrn_detector.type                   'PSI PILATUS 6M' 
_diffrn_detector.pdbx_collection_date   2012-05-22 
_diffrn_detector.details                ? 
# 
_diffrn_radiation.diffrn_id                        1 
_diffrn_radiation.wavelength_id                    1 
_diffrn_radiation.pdbx_monochromatic_or_laue_m_l   M 
_diffrn_radiation.monochromator                    'Bartels Monochromator Crystal Type Si (111)' 
_diffrn_radiation.pdbx_diffrn_protocol             'SINGLE WAVELENGTH' 
_diffrn_radiation.pdbx_scattering_type             x-ray 
# 
_diffrn_radiation_wavelength.id           1 
_diffrn_radiation_wavelength.wavelength   1.000 
_diffrn_radiation_wavelength.wt           1.0 
# 
_diffrn_source.diffrn_id                   1 
_diffrn_source.source                      SYNCHROTRON 
_diffrn_source.type                        'SLS BEAMLINE X10SA' 
_diffrn_source.pdbx_synchrotron_site       SLS 
_diffrn_source.pdbx_synchrotron_beamline   X10SA 
_diffrn_source.pdbx_wavelength             ? 
_diffrn_source.pdbx_wavelength_list        1.000 
# 
_reflns.entry_id                     3VU5 
_reflns.observed_criterion_sigma_I   -3.0 
_reflns.observed_criterion_sigma_F   -3.0 
_reflns.d_resolution_low             45.805 
_reflns.d_resolution_high            2.087 
_reflns.number_obs                   7093 
_reflns.number_all                   7093 
_reflns.percent_possible_obs         95 
_reflns.pdbx_Rmerge_I_obs            0.052 
_reflns.pdbx_Rsym_value              ? 
_reflns.pdbx_netI_over_sigmaI        21.92 
_reflns.B_iso_Wilson_estimate        32.090 
_reflns.pdbx_redundancy              7 
_reflns.R_free_details               ? 
_reflns.limit_h_max                  ? 
_reflns.limit_h_min                  ? 
_reflns.limit_k_max                  ? 
_reflns.limit_k_min                  ? 
_reflns.limit_l_max                  ? 
_reflns.limit_l_min                  ? 
_reflns.observed_criterion_F_max     ? 
_reflns.observed_criterion_F_min     ? 
_reflns.pdbx_chi_squared             ? 
_reflns.pdbx_scaling_rejects         ? 
_reflns.pdbx_ordinal                 1 
_reflns.pdbx_diffrn_id               1 
# 
_reflns_shell.d_res_high                  2.09 
_reflns_shell.d_res_low                   2.21 
_reflns_shell.percent_possible_all        72.3 
_reflns_shell.Rmerge_I_obs                0.151 
_reflns_shell.pdbx_Rsym_value             ? 
_reflns_shell.meanI_over_sigI_obs         3.59 
_reflns_shell.pdbx_redundancy             1.57 
_reflns_shell.percent_possible_obs        ? 
_reflns_shell.number_unique_all           1468 
_reflns_shell.number_measured_all         ? 
_reflns_shell.number_measured_obs         ? 
_reflns_shell.number_unique_obs           ? 
_reflns_shell.pdbx_chi_squared            ? 
_reflns_shell.pdbx_rejects                ? 
_reflns_shell.pdbx_netI_over_sigmaI_obs   ? 
_reflns_shell.number_possible             ? 
_reflns_shell.Rmerge_F_all                ? 
_reflns_shell.Rmerge_F_obs                ? 
_reflns_shell.Rmerge_I_all                ? 
_reflns_shell.meanI_over_sigI_all         ? 
_reflns_shell.pdbx_Rrim_I_all             ? 
_reflns_shell.pdbx_Rpim_I_all             ? 
_reflns_shell.pdbx_ordinal                1 
_reflns_shell.pdbx_diffrn_id              1 
# 
_refine.entry_id                                 3VU5 
_refine.ls_number_reflns_obs                     7089 
_refine.ls_number_reflns_all                     7093 
_refine.pdbx_ls_sigma_I                          ? 
_refine.pdbx_ls_sigma_F                          2.27 
_refine.pdbx_data_cutoff_high_absF               ? 
_refine.pdbx_data_cutoff_low_absF                ? 
_refine.pdbx_data_cutoff_high_rms_absF           ? 
_refine.ls_d_res_low                             45.805 
_refine.ls_d_res_high                            2.087 
_refine.ls_percent_reflns_obs                    96.75 
_refine.ls_R_factor_obs                          0.2342 
_refine.ls_R_factor_all                          0.2342 
_refine.ls_R_factor_R_work                       0.2326 
_refine.ls_R_factor_R_free                       0.2652 
_refine.ls_R_factor_R_free_error                 ? 
_refine.ls_R_factor_R_free_error_details         ? 
_refine.ls_percent_reflns_R_free                 5.01 
_refine.ls_number_reflns_R_free                  355 
_refine.ls_number_parameters                     ? 
_refine.ls_number_restraints                     ? 
_refine.correlation_coeff_Fo_to_Fc               ? 
_refine.correlation_coeff_Fo_to_Fc_free          ? 
_refine.B_iso_mean                               43.2915 
_refine.aniso_B[1][1]                            6.0961 
_refine.aniso_B[2][2]                            6.0961 
_refine.aniso_B[3][3]                            -12.1922 
_refine.aniso_B[1][2]                            0.0000 
_refine.aniso_B[1][3]                            -0.0000 
_refine.aniso_B[2][3]                            -0.0000 
_refine.solvent_model_details                    'FLAT BULK SOLVENT MODEL' 
_refine.solvent_model_param_ksol                 0.378 
_refine.solvent_model_param_bsol                 51.374 
_refine.pdbx_solvent_vdw_probe_radii             1.10 
_refine.pdbx_solvent_ion_probe_radii             ? 
_refine.pdbx_solvent_shrinkage_radii             0.86 
_refine.pdbx_ls_cross_valid_method               ? 
_refine.details                                  ? 
_refine.pdbx_starting_model                      1ENV 
_refine.pdbx_method_to_determine_struct          'MOLECULAR REPLACEMENT' 
_refine.pdbx_isotropic_thermal_model             ? 
_refine.pdbx_stereochemistry_target_values       ML 
_refine.pdbx_stereochem_target_val_spec_case     ? 
_refine.pdbx_R_Free_selection_details            RANDOM 
_refine.pdbx_overall_ESU_R                       ? 
_refine.pdbx_overall_ESU_R_Free                  ? 
_refine.overall_SU_ML                            0.21 
_refine.overall_FOM_work_R_set                   0.8068 
_refine.B_iso_max                                113.140 
_refine.B_iso_min                                17.100 
_refine.pdbx_overall_phase_error                 23.9900 
_refine.occupancy_max                            1.000 
_refine.occupancy_min                            0.440 
_refine.pdbx_diffrn_id                           1 
_refine.pdbx_refine_id                           'X-RAY DIFFRACTION' 
_refine.ls_redundancy_reflns_obs                 ? 
_refine.overall_SU_B                             ? 
_refine.overall_SU_R_Cruickshank_DPI             ? 
_refine.overall_SU_R_free                        ? 
_refine.ls_wR_factor_R_free                      ? 
_refine.ls_wR_factor_R_work                      ? 
_refine.overall_FOM_free_R_set                   ? 
_refine.pdbx_TLS_residual_ADP_flag               ? 
_refine.pdbx_overall_SU_R_free_Cruickshank_DPI   ? 
_refine.pdbx_overall_SU_R_Blow_DPI               ? 
_refine.pdbx_overall_SU_R_free_Blow_DPI          ? 
# 
_refine_hist.pdbx_refine_id                   'X-RAY DIFFRACTION' 
_refine_hist.cycle_id                         LAST 
_refine_hist.pdbx_number_atoms_protein        521 
_refine_hist.pdbx_number_atoms_nucleic_acid   0 
_refine_hist.pdbx_number_atoms_ligand         6 
_refine_hist.number_atoms_solvent             44 
_refine_hist.number_atoms_total               571 
_refine_hist.d_res_high                       2.087 
_refine_hist.d_res_low                        45.805 
# 
loop_
_refine_ls_restr.pdbx_refine_id 
_refine_ls_restr.type 
_refine_ls_restr.number 
_refine_ls_restr.dev_ideal 
_refine_ls_restr.dev_ideal_target 
_refine_ls_restr.weight 
_refine_ls_restr.pdbx_restraint_function 
'X-RAY DIFFRACTION' f_bond_d           532 0.015  ? ? ? 
'X-RAY DIFFRACTION' f_angle_d          714 1.399  ? ? ? 
'X-RAY DIFFRACTION' f_chiral_restr     78  0.094  ? ? ? 
'X-RAY DIFFRACTION' f_plane_restr      87  0.006  ? ? ? 
'X-RAY DIFFRACTION' f_dihedral_angle_d 205 15.917 ? ? ? 
# 
loop_
_refine_ls_shell.d_res_high 
_refine_ls_shell.d_res_low 
_refine_ls_shell.pdbx_total_number_of_bins_used 
_refine_ls_shell.percent_reflns_obs 
_refine_ls_shell.number_reflns_R_work 
_refine_ls_shell.R_factor_all 
_refine_ls_shell.R_factor_R_work 
_refine_ls_shell.R_factor_R_free 
_refine_ls_shell.percent_reflns_R_free 
_refine_ls_shell.number_reflns_R_free 
_refine_ls_shell.R_factor_R_free_error 
_refine_ls_shell.number_reflns_all 
_refine_ls_shell.number_reflns_obs 
_refine_ls_shell.pdbx_refine_id 
_refine_ls_shell.redundancy_reflns_obs 
2.0868 2.3888  3 90.0000  2010 . 0.2001 0.2240 . 105 . 2115 . 'X-RAY DIFFRACTION' . 
2.3888 3.0095  3 100.0000 2267 . 0.1930 0.2636 . 120 . 2387 . 'X-RAY DIFFRACTION' . 
3.0095 45.8155 3 100.0000 2457 . 0.2554 0.2741 . 130 . 2587 . 'X-RAY DIFFRACTION' . 
# 
_struct.entry_id                  3VU5 
_struct.title                     'Short peptide HIV entry Inhibitor SC22EK' 
_struct.pdbx_model_details        ? 
_struct.pdbx_CASP_flag            ? 
_struct.pdbx_model_type_details   ? 
# 
_struct_keywords.entry_id        3VU5 
_struct_keywords.pdbx_keywords   'MEMBRANE PROTEIN/INHIBITOR' 
_struct_keywords.text            
'6-helix bundle, coiled-coil, membrane, fusion inhibitor, HIV entry, MEMBRANE PROTEIN-INHIBITOR complex' 
# 
loop_
_struct_asym.id 
_struct_asym.pdbx_blank_PDB_chainid_flag 
_struct_asym.pdbx_modified 
_struct_asym.entity_id 
_struct_asym.details 
A N N 1 ? 
B N N 2 ? 
C N N 3 ? 
D N N 4 ? 
E N N 5 ? 
F N N 5 ? 
# 
loop_
_struct_ref.id 
_struct_ref.db_name 
_struct_ref.db_code 
_struct_ref.pdbx_db_accession 
_struct_ref.entity_id 
_struct_ref.pdbx_seq_one_letter_code 
_struct_ref.pdbx_align_begin 
_struct_ref.pdbx_db_isoform 
1 UNP ENV_HV1B1 P03375 1 NNLLRAIEAQQHLLQLTVWGIKQLQARILAVERYLKDQ 553 ? 
2 PDB 3VU5      3VU5   2 ?                                      ?   ? 
# 
loop_
_struct_ref_seq.align_id 
_struct_ref_seq.ref_id 
_struct_ref_seq.pdbx_PDB_id_code 
_struct_ref_seq.pdbx_strand_id 
_struct_ref_seq.seq_align_beg 
_struct_ref_seq.pdbx_seq_align_beg_ins_code 
_struct_ref_seq.seq_align_end 
_struct_ref_seq.pdbx_seq_align_end_ins_code 
_struct_ref_seq.pdbx_db_accession 
_struct_ref_seq.db_align_beg 
_struct_ref_seq.pdbx_db_align_beg_ins_code 
_struct_ref_seq.db_align_end 
_struct_ref_seq.pdbx_db_align_end_ins_code 
_struct_ref_seq.pdbx_auth_seq_align_beg 
_struct_ref_seq.pdbx_auth_seq_align_end 
1 1 3VU5 A 1 ? 38 ? P03375 553 ? 590 ? 553 590 
2 2 3VU5 B 1 ? 23 ? 3VU5   627 ? 649 ? 627 649 
# 
loop_
_struct_ref_seq_dif.align_id 
_struct_ref_seq_dif.pdbx_pdb_id_code 
_struct_ref_seq_dif.mon_id 
_struct_ref_seq_dif.pdbx_pdb_strand_id 
_struct_ref_seq_dif.seq_num 
_struct_ref_seq_dif.pdbx_pdb_ins_code 
_struct_ref_seq_dif.pdbx_seq_db_name 
_struct_ref_seq_dif.pdbx_seq_db_accession_code 
_struct_ref_seq_dif.db_mon_id 
_struct_ref_seq_dif.pdbx_seq_db_seq_num 
_struct_ref_seq_dif.details 
_struct_ref_seq_dif.pdbx_auth_seq_num 
_struct_ref_seq_dif.pdbx_ordinal 
1 3VU5 NH2 A 39 ? UNP P03375 ? ? amidation   591 1 
2 3VU5 ACE B 1  ? PDB 3VU5   ? ? acetylation 627 2 
# 
_pdbx_struct_assembly.id                   1 
_pdbx_struct_assembly.details              author_and_software_defined_assembly 
_pdbx_struct_assembly.method_details       PISA 
_pdbx_struct_assembly.oligomeric_details   hexameric 
_pdbx_struct_assembly.oligomeric_count     6 
# 
loop_
_pdbx_struct_assembly_prop.biol_id 
_pdbx_struct_assembly_prop.type 
_pdbx_struct_assembly_prop.value 
_pdbx_struct_assembly_prop.details 
1 'ABSA (A^2)' 10330 ? 
1 MORE         -93   ? 
1 'SSA (A^2)'  9860  ? 
# 
_pdbx_struct_assembly_gen.assembly_id       1 
_pdbx_struct_assembly_gen.oper_expression   1,2,3 
_pdbx_struct_assembly_gen.asym_id_list      A,B,C,D,E,F 
# 
loop_
_pdbx_struct_oper_list.id 
_pdbx_struct_oper_list.type 
_pdbx_struct_oper_list.name 
_pdbx_struct_oper_list.symmetry_operation 
_pdbx_struct_oper_list.matrix[1][1] 
_pdbx_struct_oper_list.matrix[1][2] 
_pdbx_struct_oper_list.matrix[1][3] 
_pdbx_struct_oper_list.vector[1] 
_pdbx_struct_oper_list.matrix[2][1] 
_pdbx_struct_oper_list.matrix[2][2] 
_pdbx_struct_oper_list.matrix[2][3] 
_pdbx_struct_oper_list.vector[2] 
_pdbx_struct_oper_list.matrix[3][1] 
_pdbx_struct_oper_list.matrix[3][2] 
_pdbx_struct_oper_list.matrix[3][3] 
_pdbx_struct_oper_list.vector[3] 
1 'identity operation'         1_555 x,y,z       1.0000000000 0.0000000000  0.0000000000 0.0000000000 0.0000000000  1.0000000000  0.0000000000  0.0000000000  0.0000000000 0.0000000000  1.0000000000  0.0000000000  
2 'crystal symmetry operation' 2_565 -y,x-y+1,z  0.7905119854 -0.5529591533 0.2633001627 4.6802761772 -0.0078827930 -0.4390661047 -0.8984201786 7.6991040224  0.6123958380 0.7081363785  -0.3514458807 -8.8637204154 
3 'crystal symmetry operation' 3_455 -x+y-1,-x,z 0.7905119854 -0.0078827930 0.6123958380 1.7889815220 -0.5529591533 -0.4390661047 0.7081363785  12.2451400401 0.2633001627 -0.8984201786 -0.3514458807 2.5695949038 
# 
_struct_biol.id        1 
_struct_biol.details   ? 
# 
loop_
_struct_conf.conf_type_id 
_struct_conf.id 
_struct_conf.pdbx_PDB_helix_id 
_struct_conf.beg_label_comp_id 
_struct_conf.beg_label_asym_id 
_struct_conf.beg_label_seq_id 
_struct_conf.pdbx_beg_PDB_ins_code 
_struct_conf.end_label_comp_id 
_struct_conf.end_label_asym_id 
_struct_conf.end_label_seq_id 
_struct_conf.pdbx_end_PDB_ins_code 
_struct_conf.beg_auth_comp_id 
_struct_conf.beg_auth_asym_id 
_struct_conf.beg_auth_seq_id 
_struct_conf.end_auth_comp_id 
_struct_conf.end_auth_asym_id 
_struct_conf.end_auth_seq_id 
_struct_conf.pdbx_PDB_helix_class 
_struct_conf.details 
_struct_conf.pdbx_PDB_helix_length 
HELX_P HELX_P1 1 ASN A 1 ? GLN A 38 ? ASN A 553 GLN A 590 1 ? 38 
HELX_P HELX_P2 2 TRP B 2 ? SER B 23 ? TRP B 628 SER B 649 1 ? 22 
# 
_struct_conf_type.id          HELX_P 
_struct_conf_type.criteria    ? 
_struct_conf_type.reference   ? 
# 
loop_
_struct_conn.id 
_struct_conn.conn_type_id 
_struct_conn.pdbx_leaving_atom_flag 
_struct_conn.pdbx_PDB_id 
_struct_conn.ptnr1_label_asym_id 
_struct_conn.ptnr1_label_comp_id 
_struct_conn.ptnr1_label_seq_id 
_struct_conn.ptnr1_label_atom_id 
_struct_conn.pdbx_ptnr1_label_alt_id 
_struct_conn.pdbx_ptnr1_PDB_ins_code 
_struct_conn.pdbx_ptnr1_standard_comp_id 
_struct_conn.ptnr1_symmetry 
_struct_conn.ptnr2_label_asym_id 
_struct_conn.ptnr2_label_comp_id 
_struct_conn.ptnr2_label_seq_id 
_struct_conn.ptnr2_label_atom_id 
_struct_conn.pdbx_ptnr2_label_alt_id 
_struct_conn.pdbx_ptnr2_PDB_ins_code 
_struct_conn.ptnr1_auth_asym_id 
_struct_conn.ptnr1_auth_comp_id 
_struct_conn.ptnr1_auth_seq_id 
_struct_conn.ptnr2_auth_asym_id 
_struct_conn.ptnr2_auth_comp_id 
_struct_conn.ptnr2_auth_seq_id 
_struct_conn.ptnr2_symmetry 
_struct_conn.pdbx_ptnr3_label_atom_id 
_struct_conn.pdbx_ptnr3_label_seq_id 
_struct_conn.pdbx_ptnr3_label_comp_id 
_struct_conn.pdbx_ptnr3_label_asym_id 
_struct_conn.pdbx_ptnr3_label_alt_id 
_struct_conn.pdbx_ptnr3_PDB_ins_code 
_struct_conn.details 
_struct_conn.pdbx_dist_value 
_struct_conn.pdbx_value_order 
_struct_conn.pdbx_role 
covale1 covale both ? A GLN 38 C ? ? ? 1_555 A NH2 39 N ? ? A GLN 590 A NH2 591 1_555 ? ? ? ? ? ? ? 1.328 ? ? 
covale2 covale both ? B ACE 1  C ? ? ? 1_555 B TRP 2  N ? ? B ACE 627 B TRP 628 1_555 ? ? ? ? ? ? ? 1.340 ? ? 
# 
_struct_conn_type.id          covale 
_struct_conn_type.criteria    ? 
_struct_conn_type.reference   ? 
# 
loop_
_pdbx_modification_feature.ordinal 
_pdbx_modification_feature.label_comp_id 
_pdbx_modification_feature.label_asym_id 
_pdbx_modification_feature.label_seq_id 
_pdbx_modification_feature.label_alt_id 
_pdbx_modification_feature.modified_residue_label_comp_id 
_pdbx_modification_feature.modified_residue_label_asym_id 
_pdbx_modification_feature.modified_residue_label_seq_id 
_pdbx_modification_feature.modified_residue_label_alt_id 
_pdbx_modification_feature.auth_comp_id 
_pdbx_modification_feature.auth_asym_id 
_pdbx_modification_feature.auth_seq_id 
_pdbx_modification_feature.PDB_ins_code 
_pdbx_modification_feature.symmetry 
_pdbx_modification_feature.modified_residue_auth_comp_id 
_pdbx_modification_feature.modified_residue_auth_asym_id 
_pdbx_modification_feature.modified_residue_auth_seq_id 
_pdbx_modification_feature.modified_residue_PDB_ins_code 
_pdbx_modification_feature.modified_residue_symmetry 
_pdbx_modification_feature.comp_id_linking_atom 
_pdbx_modification_feature.modified_residue_id_linking_atom 
_pdbx_modification_feature.modified_residue_id 
_pdbx_modification_feature.ref_pcm_id 
_pdbx_modification_feature.ref_comp_id 
_pdbx_modification_feature.type 
_pdbx_modification_feature.category 
1 ACE B 1  ? TRP B 2  ? ACE B 627 ? 1_555 TRP B 628 ? 1_555 . . TRP 16 ACE None 'Terminal acetylation' 
2 NH2 A 39 ? GLN A 38 ? NH2 A 591 ? 1_555 GLN A 590 ? 1_555 . . GLN 18 NH2 None 'Terminal amidation'   
# 
loop_
_struct_site.id 
_struct_site.pdbx_evidence_code 
_struct_site.pdbx_auth_asym_id 
_struct_site.pdbx_auth_comp_id 
_struct_site.pdbx_auth_seq_id 
_struct_site.pdbx_auth_ins_code 
_struct_site.pdbx_num_residues 
_struct_site.details 
AC1 Software A SO4 601 ? 6  'BINDING SITE FOR RESIDUE SO4 A 601' 
AC2 Software A NH4 602 ? 3  'BINDING SITE FOR RESIDUE NH4 A 602' 
AC3 Software ? ?   ?   ? 25 'BINDING SITE FOR CHAIN B OF SC22'   
# 
loop_
_struct_site_gen.id 
_struct_site_gen.site_id 
_struct_site_gen.pdbx_num_res 
_struct_site_gen.label_comp_id 
_struct_site_gen.label_asym_id 
_struct_site_gen.label_seq_id 
_struct_site_gen.pdbx_auth_ins_code 
_struct_site_gen.auth_comp_id 
_struct_site_gen.auth_asym_id 
_struct_site_gen.auth_seq_id 
_struct_site_gen.label_atom_id 
_struct_site_gen.label_alt_id 
_struct_site_gen.symmetry 
_struct_site_gen.details 
1  AC1 6  ARG A 33 ? ARG A 585 . ? 1_555  ? 
2  AC1 6  ARG A 33 ? ARG A 585 . ? 8_555  ? 
3  AC1 6  LYS A 36 ? LYS A 588 . ? 1_555  ? 
4  AC1 6  LYS A 36 ? LYS A 588 . ? 8_555  ? 
5  AC1 6  NH4 D .  ? NH4 A 602 . ? 8_555  ? 
6  AC1 6  NH4 D .  ? NH4 A 602 . ? 1_555  ? 
7  AC2 3  LYS A 36 ? LYS A 588 . ? 8_555  ? 
8  AC2 3  SO4 C .  ? SO4 A 601 . ? 1_555  ? 
9  AC2 3  SO4 C .  ? SO4 A 601 . ? 8_555  ? 
10 AC3 25 ASN A 1  ? ASN A 553 . ? 10_554 ? 
11 AC3 25 ASN A 2  ? ASN A 554 . ? 10_554 ? 
12 AC3 25 ASN A 2  ? ASN A 554 . ? 3_455  ? 
13 AC3 25 LEU A 3  ? LEU A 555 . ? 3_455  ? 
14 AC3 25 ARG A 5  ? ARG A 557 . ? 3_455  ? 
15 AC3 25 GLU A 8  ? GLU A 560 . ? 1_555  ? 
16 AC3 25 ALA A 9  ? ALA A 561 . ? 3_455  ? 
17 AC3 25 GLN A 10 ? GLN A 562 . ? 3_455  ? 
18 AC3 25 GLN A 11 ? GLN A 563 . ? 1_555  ? 
19 AC3 25 HIS A 12 ? HIS A 564 . ? 3_455  ? 
20 AC3 25 LEU A 13 ? LEU A 565 . ? 3_455  ? 
21 AC3 25 GLN A 15 ? GLN A 567 . ? 1_555  ? 
22 AC3 25 LEU A 16 ? LEU A 568 . ? 3_455  ? 
23 AC3 25 TRP A 19 ? TRP A 571 . ? 3_455  ? 
24 AC3 25 LYS A 22 ? LYS A 574 . ? 1_555  ? 
25 AC3 25 ARG A 27 ? ARG A 579 . ? 3_455  ? 
26 AC3 25 HOH E .  ? HOH A 702 . ? 3_455  ? 
27 AC3 25 HOH F .  ? HOH B 701 . ? 1_555  ? 
28 AC3 25 HOH F .  ? HOH B 702 . ? 1_555  ? 
29 AC3 25 HOH F .  ? HOH B 704 . ? 1_555  ? 
30 AC3 25 HOH F .  ? HOH B 705 . ? 1_555  ? 
31 AC3 25 HOH F .  ? HOH B 706 . ? 1_555  ? 
32 AC3 25 HOH F .  ? HOH B 707 . ? 1_555  ? 
33 AC3 25 HOH F .  ? HOH B 708 . ? 1_555  ? 
34 AC3 25 HOH F .  ? HOH B 710 . ? 1_555  ? 
# 
_pdbx_entry_details.entry_id                   3VU5 
_pdbx_entry_details.compound_details           ? 
_pdbx_entry_details.source_details             ? 
_pdbx_entry_details.nonpolymer_details         ? 
_pdbx_entry_details.sequence_details           ? 
_pdbx_entry_details.has_ligand_of_interest     ? 
_pdbx_entry_details.has_protein_modification   Y 
# 
loop_
_pdbx_validate_close_contact.id 
_pdbx_validate_close_contact.PDB_model_num 
_pdbx_validate_close_contact.auth_atom_id_1 
_pdbx_validate_close_contact.auth_asym_id_1 
_pdbx_validate_close_contact.auth_comp_id_1 
_pdbx_validate_close_contact.auth_seq_id_1 
_pdbx_validate_close_contact.PDB_ins_code_1 
_pdbx_validate_close_contact.label_alt_id_1 
_pdbx_validate_close_contact.auth_atom_id_2 
_pdbx_validate_close_contact.auth_asym_id_2 
_pdbx_validate_close_contact.auth_comp_id_2 
_pdbx_validate_close_contact.auth_seq_id_2 
_pdbx_validate_close_contact.PDB_ins_code_2 
_pdbx_validate_close_contact.label_alt_id_2 
_pdbx_validate_close_contact.dist 
1 1 O B HOH 711 ? ? O B HOH 712 ? ? 2.10 
2 1 O A HOH 726 ? ? O B HOH 703 ? ? 2.16 
3 1 O B GLU 643 ? ? O B HOH 706 ? ? 2.19 
# 
loop_
_pdbx_validate_rmsd_angle.id 
_pdbx_validate_rmsd_angle.PDB_model_num 
_pdbx_validate_rmsd_angle.auth_atom_id_1 
_pdbx_validate_rmsd_angle.auth_asym_id_1 
_pdbx_validate_rmsd_angle.auth_comp_id_1 
_pdbx_validate_rmsd_angle.auth_seq_id_1 
_pdbx_validate_rmsd_angle.PDB_ins_code_1 
_pdbx_validate_rmsd_angle.label_alt_id_1 
_pdbx_validate_rmsd_angle.auth_atom_id_2 
_pdbx_validate_rmsd_angle.auth_asym_id_2 
_pdbx_validate_rmsd_angle.auth_comp_id_2 
_pdbx_validate_rmsd_angle.auth_seq_id_2 
_pdbx_validate_rmsd_angle.PDB_ins_code_2 
_pdbx_validate_rmsd_angle.label_alt_id_2 
_pdbx_validate_rmsd_angle.auth_atom_id_3 
_pdbx_validate_rmsd_angle.auth_asym_id_3 
_pdbx_validate_rmsd_angle.auth_comp_id_3 
_pdbx_validate_rmsd_angle.auth_seq_id_3 
_pdbx_validate_rmsd_angle.PDB_ins_code_3 
_pdbx_validate_rmsd_angle.label_alt_id_3 
_pdbx_validate_rmsd_angle.angle_value 
_pdbx_validate_rmsd_angle.angle_target_value 
_pdbx_validate_rmsd_angle.angle_deviation 
_pdbx_validate_rmsd_angle.angle_standard_deviation 
_pdbx_validate_rmsd_angle.linker_flag 
1 1 NE A ARG 579 ? ? CZ A ARG 579 ? ? NH1 A ARG 579 ? ? 126.00 120.30 5.70  0.50 N 
2 1 NE A ARG 579 ? ? CZ A ARG 579 ? ? NH2 A ARG 579 ? ? 113.77 120.30 -6.53 0.50 N 
# 
loop_
_pdbx_struct_special_symmetry.id 
_pdbx_struct_special_symmetry.PDB_model_num 
_pdbx_struct_special_symmetry.auth_asym_id 
_pdbx_struct_special_symmetry.auth_comp_id 
_pdbx_struct_special_symmetry.auth_seq_id 
_pdbx_struct_special_symmetry.PDB_ins_code 
_pdbx_struct_special_symmetry.label_asym_id 
_pdbx_struct_special_symmetry.label_comp_id 
_pdbx_struct_special_symmetry.label_seq_id 
1 1 A HOH 711 ? E HOH . 
2 1 A HOH 713 ? E HOH . 
3 1 A HOH 714 ? E HOH . 
# 
loop_
_chem_comp_atom.comp_id 
_chem_comp_atom.atom_id 
_chem_comp_atom.type_symbol 
_chem_comp_atom.pdbx_aromatic_flag 
_chem_comp_atom.pdbx_stereo_config 
_chem_comp_atom.pdbx_ordinal 
ACE C    C N N 1   
ACE O    O N N 2   
ACE CH3  C N N 3   
ACE H    H N N 4   
ACE H1   H N N 5   
ACE H2   H N N 6   
ACE H3   H N N 7   
ALA N    N N N 8   
ALA CA   C N S 9   
ALA C    C N N 10  
ALA O    O N N 11  
ALA CB   C N N 12  
ALA OXT  O N N 13  
ALA H    H N N 14  
ALA H2   H N N 15  
ALA HA   H N N 16  
ALA HB1  H N N 17  
ALA HB2  H N N 18  
ALA HB3  H N N 19  
ALA HXT  H N N 20  
ARG N    N N N 21  
ARG CA   C N S 22  
ARG C    C N N 23  
ARG O    O N N 24  
ARG CB   C N N 25  
ARG CG   C N N 26  
ARG CD   C N N 27  
ARG NE   N N N 28  
ARG CZ   C N N 29  
ARG NH1  N N N 30  
ARG NH2  N N N 31  
ARG OXT  O N N 32  
ARG H    H N N 33  
ARG H2   H N N 34  
ARG HA   H N N 35  
ARG HB2  H N N 36  
ARG HB3  H N N 37  
ARG HG2  H N N 38  
ARG HG3  H N N 39  
ARG HD2  H N N 40  
ARG HD3  H N N 41  
ARG HE   H N N 42  
ARG HH11 H N N 43  
ARG HH12 H N N 44  
ARG HH21 H N N 45  
ARG HH22 H N N 46  
ARG HXT  H N N 47  
ASN N    N N N 48  
ASN CA   C N S 49  
ASN C    C N N 50  
ASN O    O N N 51  
ASN CB   C N N 52  
ASN CG   C N N 53  
ASN OD1  O N N 54  
ASN ND2  N N N 55  
ASN OXT  O N N 56  
ASN H    H N N 57  
ASN H2   H N N 58  
ASN HA   H N N 59  
ASN HB2  H N N 60  
ASN HB3  H N N 61  
ASN HD21 H N N 62  
ASN HD22 H N N 63  
ASN HXT  H N N 64  
ASP N    N N N 65  
ASP CA   C N S 66  
ASP C    C N N 67  
ASP O    O N N 68  
ASP CB   C N N 69  
ASP CG   C N N 70  
ASP OD1  O N N 71  
ASP OD2  O N N 72  
ASP OXT  O N N 73  
ASP H    H N N 74  
ASP H2   H N N 75  
ASP HA   H N N 76  
ASP HB2  H N N 77  
ASP HB3  H N N 78  
ASP HD2  H N N 79  
ASP HXT  H N N 80  
GLN N    N N N 81  
GLN CA   C N S 82  
GLN C    C N N 83  
GLN O    O N N 84  
GLN CB   C N N 85  
GLN CG   C N N 86  
GLN CD   C N N 87  
GLN OE1  O N N 88  
GLN NE2  N N N 89  
GLN OXT  O N N 90  
GLN H    H N N 91  
GLN H2   H N N 92  
GLN HA   H N N 93  
GLN HB2  H N N 94  
GLN HB3  H N N 95  
GLN HG2  H N N 96  
GLN HG3  H N N 97  
GLN HE21 H N N 98  
GLN HE22 H N N 99  
GLN HXT  H N N 100 
GLU N    N N N 101 
GLU CA   C N S 102 
GLU C    C N N 103 
GLU O    O N N 104 
GLU CB   C N N 105 
GLU CG   C N N 106 
GLU CD   C N N 107 
GLU OE1  O N N 108 
GLU OE2  O N N 109 
GLU OXT  O N N 110 
GLU H    H N N 111 
GLU H2   H N N 112 
GLU HA   H N N 113 
GLU HB2  H N N 114 
GLU HB3  H N N 115 
GLU HG2  H N N 116 
GLU HG3  H N N 117 
GLU HE2  H N N 118 
GLU HXT  H N N 119 
GLY N    N N N 120 
GLY CA   C N N 121 
GLY C    C N N 122 
GLY O    O N N 123 
GLY OXT  O N N 124 
GLY H    H N N 125 
GLY H2   H N N 126 
GLY HA2  H N N 127 
GLY HA3  H N N 128 
GLY HXT  H N N 129 
HIS N    N N N 130 
HIS CA   C N S 131 
HIS C    C N N 132 
HIS O    O N N 133 
HIS CB   C N N 134 
HIS CG   C Y N 135 
HIS ND1  N Y N 136 
HIS CD2  C Y N 137 
HIS CE1  C Y N 138 
HIS NE2  N Y N 139 
HIS OXT  O N N 140 
HIS H    H N N 141 
HIS H2   H N N 142 
HIS HA   H N N 143 
HIS HB2  H N N 144 
HIS HB3  H N N 145 
HIS HD1  H N N 146 
HIS HD2  H N N 147 
HIS HE1  H N N 148 
HIS HE2  H N N 149 
HIS HXT  H N N 150 
HOH O    O N N 151 
HOH H1   H N N 152 
HOH H2   H N N 153 
ILE N    N N N 154 
ILE CA   C N S 155 
ILE C    C N N 156 
ILE O    O N N 157 
ILE CB   C N S 158 
ILE CG1  C N N 159 
ILE CG2  C N N 160 
ILE CD1  C N N 161 
ILE OXT  O N N 162 
ILE H    H N N 163 
ILE H2   H N N 164 
ILE HA   H N N 165 
ILE HB   H N N 166 
ILE HG12 H N N 167 
ILE HG13 H N N 168 
ILE HG21 H N N 169 
ILE HG22 H N N 170 
ILE HG23 H N N 171 
ILE HD11 H N N 172 
ILE HD12 H N N 173 
ILE HD13 H N N 174 
ILE HXT  H N N 175 
LEU N    N N N 176 
LEU CA   C N S 177 
LEU C    C N N 178 
LEU O    O N N 179 
LEU CB   C N N 180 
LEU CG   C N N 181 
LEU CD1  C N N 182 
LEU CD2  C N N 183 
LEU OXT  O N N 184 
LEU H    H N N 185 
LEU H2   H N N 186 
LEU HA   H N N 187 
LEU HB2  H N N 188 
LEU HB3  H N N 189 
LEU HG   H N N 190 
LEU HD11 H N N 191 
LEU HD12 H N N 192 
LEU HD13 H N N 193 
LEU HD21 H N N 194 
LEU HD22 H N N 195 
LEU HD23 H N N 196 
LEU HXT  H N N 197 
LYS N    N N N 198 
LYS CA   C N S 199 
LYS C    C N N 200 
LYS O    O N N 201 
LYS CB   C N N 202 
LYS CG   C N N 203 
LYS CD   C N N 204 
LYS CE   C N N 205 
LYS NZ   N N N 206 
LYS OXT  O N N 207 
LYS H    H N N 208 
LYS H2   H N N 209 
LYS HA   H N N 210 
LYS HB2  H N N 211 
LYS HB3  H N N 212 
LYS HG2  H N N 213 
LYS HG3  H N N 214 
LYS HD2  H N N 215 
LYS HD3  H N N 216 
LYS HE2  H N N 217 
LYS HE3  H N N 218 
LYS HZ1  H N N 219 
LYS HZ2  H N N 220 
LYS HZ3  H N N 221 
LYS HXT  H N N 222 
NH2 N    N N N 223 
NH2 HN1  H N N 224 
NH2 HN2  H N N 225 
NH4 N    N N N 226 
NH4 HN1  H N N 227 
NH4 HN2  H N N 228 
NH4 HN3  H N N 229 
NH4 HN4  H N N 230 
SER N    N N N 231 
SER CA   C N S 232 
SER C    C N N 233 
SER O    O N N 234 
SER CB   C N N 235 
SER OG   O N N 236 
SER OXT  O N N 237 
SER H    H N N 238 
SER H2   H N N 239 
SER HA   H N N 240 
SER HB2  H N N 241 
SER HB3  H N N 242 
SER HG   H N N 243 
SER HXT  H N N 244 
SO4 S    S N N 245 
SO4 O1   O N N 246 
SO4 O2   O N N 247 
SO4 O3   O N N 248 
SO4 O4   O N N 249 
THR N    N N N 250 
THR CA   C N S 251 
THR C    C N N 252 
THR O    O N N 253 
THR CB   C N R 254 
THR OG1  O N N 255 
THR CG2  C N N 256 
THR OXT  O N N 257 
THR H    H N N 258 
THR H2   H N N 259 
THR HA   H N N 260 
THR HB   H N N 261 
THR HG1  H N N 262 
THR HG21 H N N 263 
THR HG22 H N N 264 
THR HG23 H N N 265 
THR HXT  H N N 266 
TRP N    N N N 267 
TRP CA   C N S 268 
TRP C    C N N 269 
TRP O    O N N 270 
TRP CB   C N N 271 
TRP CG   C Y N 272 
TRP CD1  C Y N 273 
TRP CD2  C Y N 274 
TRP NE1  N Y N 275 
TRP CE2  C Y N 276 
TRP CE3  C Y N 277 
TRP CZ2  C Y N 278 
TRP CZ3  C Y N 279 
TRP CH2  C Y N 280 
TRP OXT  O N N 281 
TRP H    H N N 282 
TRP H2   H N N 283 
TRP HA   H N N 284 
TRP HB2  H N N 285 
TRP HB3  H N N 286 
TRP HD1  H N N 287 
TRP HE1  H N N 288 
TRP HE3  H N N 289 
TRP HZ2  H N N 290 
TRP HZ3  H N N 291 
TRP HH2  H N N 292 
TRP HXT  H N N 293 
TYR N    N N N 294 
TYR CA   C N S 295 
TYR C    C N N 296 
TYR O    O N N 297 
TYR CB   C N N 298 
TYR CG   C Y N 299 
TYR CD1  C Y N 300 
TYR CD2  C Y N 301 
TYR CE1  C Y N 302 
TYR CE2  C Y N 303 
TYR CZ   C Y N 304 
TYR OH   O N N 305 
TYR OXT  O N N 306 
TYR H    H N N 307 
TYR H2   H N N 308 
TYR HA   H N N 309 
TYR HB2  H N N 310 
TYR HB3  H N N 311 
TYR HD1  H N N 312 
TYR HD2  H N N 313 
TYR HE1  H N N 314 
TYR HE2  H N N 315 
TYR HH   H N N 316 
TYR HXT  H N N 317 
VAL N    N N N 318 
VAL CA   C N S 319 
VAL C    C N N 320 
VAL O    O N N 321 
VAL CB   C N N 322 
VAL CG1  C N N 323 
VAL CG2  C N N 324 
VAL OXT  O N N 325 
VAL H    H N N 326 
VAL H2   H N N 327 
VAL HA   H N N 328 
VAL HB   H N N 329 
VAL HG11 H N N 330 
VAL HG12 H N N 331 
VAL HG13 H N N 332 
VAL HG21 H N N 333 
VAL HG22 H N N 334 
VAL HG23 H N N 335 
VAL HXT  H N N 336 
# 
loop_
_chem_comp_bond.comp_id 
_chem_comp_bond.atom_id_1 
_chem_comp_bond.atom_id_2 
_chem_comp_bond.value_order 
_chem_comp_bond.pdbx_aromatic_flag 
_chem_comp_bond.pdbx_stereo_config 
_chem_comp_bond.pdbx_ordinal 
ACE C   O    doub N N 1   
ACE C   CH3  sing N N 2   
ACE C   H    sing N N 3   
ACE CH3 H1   sing N N 4   
ACE CH3 H2   sing N N 5   
ACE CH3 H3   sing N N 6   
ALA N   CA   sing N N 7   
ALA N   H    sing N N 8   
ALA N   H2   sing N N 9   
ALA CA  C    sing N N 10  
ALA CA  CB   sing N N 11  
ALA CA  HA   sing N N 12  
ALA C   O    doub N N 13  
ALA C   OXT  sing N N 14  
ALA CB  HB1  sing N N 15  
ALA CB  HB2  sing N N 16  
ALA CB  HB3  sing N N 17  
ALA OXT HXT  sing N N 18  
ARG N   CA   sing N N 19  
ARG N   H    sing N N 20  
ARG N   H2   sing N N 21  
ARG CA  C    sing N N 22  
ARG CA  CB   sing N N 23  
ARG CA  HA   sing N N 24  
ARG C   O    doub N N 25  
ARG C   OXT  sing N N 26  
ARG CB  CG   sing N N 27  
ARG CB  HB2  sing N N 28  
ARG CB  HB3  sing N N 29  
ARG CG  CD   sing N N 30  
ARG CG  HG2  sing N N 31  
ARG CG  HG3  sing N N 32  
ARG CD  NE   sing N N 33  
ARG CD  HD2  sing N N 34  
ARG CD  HD3  sing N N 35  
ARG NE  CZ   sing N N 36  
ARG NE  HE   sing N N 37  
ARG CZ  NH1  sing N N 38  
ARG CZ  NH2  doub N N 39  
ARG NH1 HH11 sing N N 40  
ARG NH1 HH12 sing N N 41  
ARG NH2 HH21 sing N N 42  
ARG NH2 HH22 sing N N 43  
ARG OXT HXT  sing N N 44  
ASN N   CA   sing N N 45  
ASN N   H    sing N N 46  
ASN N   H2   sing N N 47  
ASN CA  C    sing N N 48  
ASN CA  CB   sing N N 49  
ASN CA  HA   sing N N 50  
ASN C   O    doub N N 51  
ASN C   OXT  sing N N 52  
ASN CB  CG   sing N N 53  
ASN CB  HB2  sing N N 54  
ASN CB  HB3  sing N N 55  
ASN CG  OD1  doub N N 56  
ASN CG  ND2  sing N N 57  
ASN ND2 HD21 sing N N 58  
ASN ND2 HD22 sing N N 59  
ASN OXT HXT  sing N N 60  
ASP N   CA   sing N N 61  
ASP N   H    sing N N 62  
ASP N   H2   sing N N 63  
ASP CA  C    sing N N 64  
ASP CA  CB   sing N N 65  
ASP CA  HA   sing N N 66  
ASP C   O    doub N N 67  
ASP C   OXT  sing N N 68  
ASP CB  CG   sing N N 69  
ASP CB  HB2  sing N N 70  
ASP CB  HB3  sing N N 71  
ASP CG  OD1  doub N N 72  
ASP CG  OD2  sing N N 73  
ASP OD2 HD2  sing N N 74  
ASP OXT HXT  sing N N 75  
GLN N   CA   sing N N 76  
GLN N   H    sing N N 77  
GLN N   H2   sing N N 78  
GLN CA  C    sing N N 79  
GLN CA  CB   sing N N 80  
GLN CA  HA   sing N N 81  
GLN C   O    doub N N 82  
GLN C   OXT  sing N N 83  
GLN CB  CG   sing N N 84  
GLN CB  HB2  sing N N 85  
GLN CB  HB3  sing N N 86  
GLN CG  CD   sing N N 87  
GLN CG  HG2  sing N N 88  
GLN CG  HG3  sing N N 89  
GLN CD  OE1  doub N N 90  
GLN CD  NE2  sing N N 91  
GLN NE2 HE21 sing N N 92  
GLN NE2 HE22 sing N N 93  
GLN OXT HXT  sing N N 94  
GLU N   CA   sing N N 95  
GLU N   H    sing N N 96  
GLU N   H2   sing N N 97  
GLU CA  C    sing N N 98  
GLU CA  CB   sing N N 99  
GLU CA  HA   sing N N 100 
GLU C   O    doub N N 101 
GLU C   OXT  sing N N 102 
GLU CB  CG   sing N N 103 
GLU CB  HB2  sing N N 104 
GLU CB  HB3  sing N N 105 
GLU CG  CD   sing N N 106 
GLU CG  HG2  sing N N 107 
GLU CG  HG3  sing N N 108 
GLU CD  OE1  doub N N 109 
GLU CD  OE2  sing N N 110 
GLU OE2 HE2  sing N N 111 
GLU OXT HXT  sing N N 112 
GLY N   CA   sing N N 113 
GLY N   H    sing N N 114 
GLY N   H2   sing N N 115 
GLY CA  C    sing N N 116 
GLY CA  HA2  sing N N 117 
GLY CA  HA3  sing N N 118 
GLY C   O    doub N N 119 
GLY C   OXT  sing N N 120 
GLY OXT HXT  sing N N 121 
HIS N   CA   sing N N 122 
HIS N   H    sing N N 123 
HIS N   H2   sing N N 124 
HIS CA  C    sing N N 125 
HIS CA  CB   sing N N 126 
HIS CA  HA   sing N N 127 
HIS C   O    doub N N 128 
HIS C   OXT  sing N N 129 
HIS CB  CG   sing N N 130 
HIS CB  HB2  sing N N 131 
HIS CB  HB3  sing N N 132 
HIS CG  ND1  sing Y N 133 
HIS CG  CD2  doub Y N 134 
HIS ND1 CE1  doub Y N 135 
HIS ND1 HD1  sing N N 136 
HIS CD2 NE2  sing Y N 137 
HIS CD2 HD2  sing N N 138 
HIS CE1 NE2  sing Y N 139 
HIS CE1 HE1  sing N N 140 
HIS NE2 HE2  sing N N 141 
HIS OXT HXT  sing N N 142 
HOH O   H1   sing N N 143 
HOH O   H2   sing N N 144 
ILE N   CA   sing N N 145 
ILE N   H    sing N N 146 
ILE N   H2   sing N N 147 
ILE CA  C    sing N N 148 
ILE CA  CB   sing N N 149 
ILE CA  HA   sing N N 150 
ILE C   O    doub N N 151 
ILE C   OXT  sing N N 152 
ILE CB  CG1  sing N N 153 
ILE CB  CG2  sing N N 154 
ILE CB  HB   sing N N 155 
ILE CG1 CD1  sing N N 156 
ILE CG1 HG12 sing N N 157 
ILE CG1 HG13 sing N N 158 
ILE CG2 HG21 sing N N 159 
ILE CG2 HG22 sing N N 160 
ILE CG2 HG23 sing N N 161 
ILE CD1 HD11 sing N N 162 
ILE CD1 HD12 sing N N 163 
ILE CD1 HD13 sing N N 164 
ILE OXT HXT  sing N N 165 
LEU N   CA   sing N N 166 
LEU N   H    sing N N 167 
LEU N   H2   sing N N 168 
LEU CA  C    sing N N 169 
LEU CA  CB   sing N N 170 
LEU CA  HA   sing N N 171 
LEU C   O    doub N N 172 
LEU C   OXT  sing N N 173 
LEU CB  CG   sing N N 174 
LEU CB  HB2  sing N N 175 
LEU CB  HB3  sing N N 176 
LEU CG  CD1  sing N N 177 
LEU CG  CD2  sing N N 178 
LEU CG  HG   sing N N 179 
LEU CD1 HD11 sing N N 180 
LEU CD1 HD12 sing N N 181 
LEU CD1 HD13 sing N N 182 
LEU CD2 HD21 sing N N 183 
LEU CD2 HD22 sing N N 184 
LEU CD2 HD23 sing N N 185 
LEU OXT HXT  sing N N 186 
LYS N   CA   sing N N 187 
LYS N   H    sing N N 188 
LYS N   H2   sing N N 189 
LYS CA  C    sing N N 190 
LYS CA  CB   sing N N 191 
LYS CA  HA   sing N N 192 
LYS C   O    doub N N 193 
LYS C   OXT  sing N N 194 
LYS CB  CG   sing N N 195 
LYS CB  HB2  sing N N 196 
LYS CB  HB3  sing N N 197 
LYS CG  CD   sing N N 198 
LYS CG  HG2  sing N N 199 
LYS CG  HG3  sing N N 200 
LYS CD  CE   sing N N 201 
LYS CD  HD2  sing N N 202 
LYS CD  HD3  sing N N 203 
LYS CE  NZ   sing N N 204 
LYS CE  HE2  sing N N 205 
LYS CE  HE3  sing N N 206 
LYS NZ  HZ1  sing N N 207 
LYS NZ  HZ2  sing N N 208 
LYS NZ  HZ3  sing N N 209 
LYS OXT HXT  sing N N 210 
NH2 N   HN1  sing N N 211 
NH2 N   HN2  sing N N 212 
NH4 N   HN1  sing N N 213 
NH4 N   HN2  sing N N 214 
NH4 N   HN3  sing N N 215 
NH4 N   HN4  sing N N 216 
SER N   CA   sing N N 217 
SER N   H    sing N N 218 
SER N   H2   sing N N 219 
SER CA  C    sing N N 220 
SER CA  CB   sing N N 221 
SER CA  HA   sing N N 222 
SER C   O    doub N N 223 
SER C   OXT  sing N N 224 
SER CB  OG   sing N N 225 
SER CB  HB2  sing N N 226 
SER CB  HB3  sing N N 227 
SER OG  HG   sing N N 228 
SER OXT HXT  sing N N 229 
SO4 S   O1   doub N N 230 
SO4 S   O2   doub N N 231 
SO4 S   O3   sing N N 232 
SO4 S   O4   sing N N 233 
THR N   CA   sing N N 234 
THR N   H    sing N N 235 
THR N   H2   sing N N 236 
THR CA  C    sing N N 237 
THR CA  CB   sing N N 238 
THR CA  HA   sing N N 239 
THR C   O    doub N N 240 
THR C   OXT  sing N N 241 
THR CB  OG1  sing N N 242 
THR CB  CG2  sing N N 243 
THR CB  HB   sing N N 244 
THR OG1 HG1  sing N N 245 
THR CG2 HG21 sing N N 246 
THR CG2 HG22 sing N N 247 
THR CG2 HG23 sing N N 248 
THR OXT HXT  sing N N 249 
TRP N   CA   sing N N 250 
TRP N   H    sing N N 251 
TRP N   H2   sing N N 252 
TRP CA  C    sing N N 253 
TRP CA  CB   sing N N 254 
TRP CA  HA   sing N N 255 
TRP C   O    doub N N 256 
TRP C   OXT  sing N N 257 
TRP CB  CG   sing N N 258 
TRP CB  HB2  sing N N 259 
TRP CB  HB3  sing N N 260 
TRP CG  CD1  doub Y N 261 
TRP CG  CD2  sing Y N 262 
TRP CD1 NE1  sing Y N 263 
TRP CD1 HD1  sing N N 264 
TRP CD2 CE2  doub Y N 265 
TRP CD2 CE3  sing Y N 266 
TRP NE1 CE2  sing Y N 267 
TRP NE1 HE1  sing N N 268 
TRP CE2 CZ2  sing Y N 269 
TRP CE3 CZ3  doub Y N 270 
TRP CE3 HE3  sing N N 271 
TRP CZ2 CH2  doub Y N 272 
TRP CZ2 HZ2  sing N N 273 
TRP CZ3 CH2  sing Y N 274 
TRP CZ3 HZ3  sing N N 275 
TRP CH2 HH2  sing N N 276 
TRP OXT HXT  sing N N 277 
TYR N   CA   sing N N 278 
TYR N   H    sing N N 279 
TYR N   H2   sing N N 280 
TYR CA  C    sing N N 281 
TYR CA  CB   sing N N 282 
TYR CA  HA   sing N N 283 
TYR C   O    doub N N 284 
TYR C   OXT  sing N N 285 
TYR CB  CG   sing N N 286 
TYR CB  HB2  sing N N 287 
TYR CB  HB3  sing N N 288 
TYR CG  CD1  doub Y N 289 
TYR CG  CD2  sing Y N 290 
TYR CD1 CE1  sing Y N 291 
TYR CD1 HD1  sing N N 292 
TYR CD2 CE2  doub Y N 293 
TYR CD2 HD2  sing N N 294 
TYR CE1 CZ   doub Y N 295 
TYR CE1 HE1  sing N N 296 
TYR CE2 CZ   sing Y N 297 
TYR CE2 HE2  sing N N 298 
TYR CZ  OH   sing N N 299 
TYR OH  HH   sing N N 300 
TYR OXT HXT  sing N N 301 
VAL N   CA   sing N N 302 
VAL N   H    sing N N 303 
VAL N   H2   sing N N 304 
VAL CA  C    sing N N 305 
VAL CA  CB   sing N N 306 
VAL CA  HA   sing N N 307 
VAL C   O    doub N N 308 
VAL C   OXT  sing N N 309 
VAL CB  CG1  sing N N 310 
VAL CB  CG2  sing N N 311 
VAL CB  HB   sing N N 312 
VAL CG1 HG11 sing N N 313 
VAL CG1 HG12 sing N N 314 
VAL CG1 HG13 sing N N 315 
VAL CG2 HG21 sing N N 316 
VAL CG2 HG22 sing N N 317 
VAL CG2 HG23 sing N N 318 
VAL OXT HXT  sing N N 319 
# 
_pdbx_initial_refinement_model.id               1 
_pdbx_initial_refinement_model.entity_id_list   ? 
_pdbx_initial_refinement_model.type             'experimental model' 
_pdbx_initial_refinement_model.source_name      PDB 
_pdbx_initial_refinement_model.accession_code   1ENV 
_pdbx_initial_refinement_model.details          ? 
# 
_atom_sites.entry_id                    3VU5 
_atom_sites.fract_transf_matrix[1][1]   0.00839540 
_atom_sites.fract_transf_matrix[1][2]   0.00107739 
_atom_sites.fract_transf_matrix[1][3]   -0.02405456 
_atom_sites.fract_transf_matrix[2][1]   0.00810293 
_atom_sites.fract_transf_matrix[2][2]   0.02214995 
_atom_sites.fract_transf_matrix[2][3]   -0.00969655 
_atom_sites.fract_transf_matrix[3][1]   0.00506255 
_atom_sites.fract_transf_matrix[3][2]   -0.00110006 
_atom_sites.fract_transf_matrix[3][3]   0.00171763 
_atom_sites.fract_transf_vector[1]      -0.409065 
_atom_sites.fract_transf_vector[2]      0.148265 
_atom_sites.fract_transf_vector[3]      -0.117208 
# 
loop_
_atom_type.symbol 
C 
H 
N 
O 
S 
# 
loop_
_atom_site.group_PDB 
_atom_site.id 
_atom_site.type_symbol 
_atom_site.label_atom_id 
_atom_site.label_alt_id 
_atom_site.label_comp_id 
_atom_site.label_asym_id 
_atom_site.label_entity_id 
_atom_site.label_seq_id 
_atom_site.pdbx_PDB_ins_code 
_atom_site.Cartn_x 
_atom_site.Cartn_y 
_atom_site.Cartn_z 
_atom_site.occupancy 
_atom_site.B_iso_or_equiv 
_atom_site.pdbx_formal_charge 
_atom_site.auth_seq_id 
_atom_site.auth_comp_id 
_atom_site.auth_asym_id 
_atom_site.auth_atom_id 
_atom_site.pdbx_PDB_model_num 
ATOM   1    N N    . ASN A 1 1  ? -19.117 7.676   -14.589 1.00 57.13  ? 553 ASN A N    1 
ATOM   2    C CA   . ASN A 1 1  ? -18.657 6.419   -15.178 1.00 52.69  ? 553 ASN A CA   1 
ATOM   3    C C    . ASN A 1 1  ? -17.181 6.459   -15.617 1.00 54.38  ? 553 ASN A C    1 
ATOM   4    O O    . ASN A 1 1  ? -16.400 5.550   -15.323 1.00 41.86  ? 553 ASN A O    1 
ATOM   5    C CB   . ASN A 1 1  ? -19.520 6.051   -16.359 1.00 56.43  ? 553 ASN A CB   1 
ATOM   6    C CG   . ASN A 1 1  ? -19.235 4.666   -16.874 1.00 61.88  ? 553 ASN A CG   1 
ATOM   7    O OD1  . ASN A 1 1  ? -18.607 3.857   -16.196 1.00 77.12  ? 553 ASN A OD1  1 
ATOM   8    N ND2  . ASN A 1 1  ? -19.705 4.375   -18.075 1.00 72.45  ? 553 ASN A ND2  1 
ATOM   9    H HA   . ASN A 1 1  ? -18.748 5.709   -14.511 1.00 63.23  ? 553 ASN A HA   1 
ATOM   10   H HB2  . ASN A 1 1  ? -20.452 6.086   -16.093 1.00 67.71  ? 553 ASN A HB2  1 
ATOM   11   H HB3  . ASN A 1 1  ? -19.356 6.679   -17.080 1.00 67.71  ? 553 ASN A HB3  1 
ATOM   12   H HD21 . ASN A 1 1  ? -20.148 4.966   -18.517 1.00 86.94  ? 553 ASN A HD21 1 
ATOM   13   H HD22 . ASN A 1 1  ? -19.569 3.597   -18.414 1.00 86.94  ? 553 ASN A HD22 1 
ATOM   14   N N    . ASN A 1 2  ? -16.808 7.506   -16.334 1.00 43.74  ? 554 ASN A N    1 
ATOM   15   C CA   . ASN A 1 2  ? -15.411 7.791   -16.530 1.00 49.95  ? 554 ASN A CA   1 
ATOM   16   C C    . ASN A 1 2  ? -14.822 8.217   -15.202 1.00 49.79  ? 554 ASN A C    1 
ATOM   17   O O    . ASN A 1 2  ? -13.600 8.065   -14.967 1.00 41.83  ? 554 ASN A O    1 
ATOM   18   C CB   . ASN A 1 2  ? -15.210 8.883   -17.561 1.00 46.84  ? 554 ASN A CB   1 
ATOM   19   C CG   . ASN A 1 2  ? -15.381 8.378   -18.965 1.00 53.90  ? 554 ASN A CG   1 
ATOM   20   O OD1  . ASN A 1 2  ? -15.087 7.219   -19.257 1.00 52.35  ? 554 ASN A OD1  1 
ATOM   21   N ND2  . ASN A 1 2  ? -15.853 9.248   -19.854 1.00 53.98  ? 554 ASN A ND2  1 
ATOM   22   H H    . ASN A 1 2  ? -17.345 8.059   -16.715 1.00 52.49  ? 554 ASN A H    1 
ATOM   23   H HA   . ASN A 1 2  ? -14.949 6.983   -16.834 1.00 59.94  ? 554 ASN A HA   1 
ATOM   24   H HB2  . ASN A 1 2  ? -15.862 9.585   -17.412 1.00 56.20  ? 554 ASN A HB2  1 
ATOM   25   H HB3  . ASN A 1 2  ? -14.311 9.238   -17.476 1.00 56.20  ? 554 ASN A HB3  1 
ATOM   26   H HD21 . ASN A 1 2  ? -16.043 10.050  -19.611 1.00 64.77  ? 554 ASN A HD21 1 
ATOM   27   H HD22 . ASN A 1 2  ? -15.969 9.008   -20.671 1.00 64.77  ? 554 ASN A HD22 1 
ATOM   28   N N    . LEU A 1 3  ? -15.691 8.733   -14.330 1.00 40.60  ? 555 LEU A N    1 
ATOM   29   C CA   . LEU A 1 3  ? -15.256 9.166   -13.005 1.00 46.57  ? 555 LEU A CA   1 
ATOM   30   C C    . LEU A 1 3  ? -14.892 7.957   -12.163 1.00 42.72  ? 555 LEU A C    1 
ATOM   31   O O    . LEU A 1 3  ? -13.878 7.954   -11.442 1.00 40.51  ? 555 LEU A O    1 
ATOM   32   C CB   . LEU A 1 3  ? -16.340 9.985   -12.295 1.00 49.39  ? 555 LEU A CB   1 
ATOM   33   C CG   . LEU A 1 3  ? -15.749 11.132  -11.446 1.00 53.40  ? 555 LEU A CG   1 
ATOM   34   C CD1  . LEU A 1 3  ? -15.337 12.298  -12.324 1.00 49.32  ? 555 LEU A CD1  1 
ATOM   35   C CD2  . LEU A 1 3  ? -16.735 11.613  -10.429 1.00 66.97  ? 555 LEU A CD2  1 
ATOM   36   H H    . LEU A 1 3  ? -16.532 8.840   -14.480 1.00 48.72  ? 555 LEU A H    1 
ATOM   37   H HA   . LEU A 1 3  ? -14.458 9.728   -13.095 1.00 55.88  ? 555 LEU A HA   1 
ATOM   38   H HB2  . LEU A 1 3  ? -16.929 10.374  -12.960 1.00 59.27  ? 555 LEU A HB2  1 
ATOM   39   H HB3  . LEU A 1 3  ? -16.842 9.401   -11.706 1.00 59.27  ? 555 LEU A HB3  1 
ATOM   40   H HG   . LEU A 1 3  ? -14.962 10.810  -10.978 1.00 64.08  ? 555 LEU A HG   1 
ATOM   41   H HD11 . LEU A 1 3  ? -14.975 12.993  -11.770 1.00 59.18  ? 555 LEU A HD11 1 
ATOM   42   H HD12 . LEU A 1 3  ? -14.673 11.999  -12.950 1.00 59.18  ? 555 LEU A HD12 1 
ATOM   43   H HD13 . LEU A 1 3  ? -16.108 12.623  -12.795 1.00 59.18  ? 555 LEU A HD13 1 
ATOM   44   H HD21 . LEU A 1 3  ? -16.338 12.324  -9.920  1.00 80.36  ? 555 LEU A HD21 1 
ATOM   45   H HD22 . LEU A 1 3  ? -17.519 11.933  -10.881 1.00 80.36  ? 555 LEU A HD22 1 
ATOM   46   H HD23 . LEU A 1 3  ? -16.967 10.884  -9.848  1.00 80.36  ? 555 LEU A HD23 1 
ATOM   47   N N    . LEU A 1 4  ? -15.708 6.919   -12.269 1.00 34.79  ? 556 LEU A N    1 
ATOM   48   C CA   . LEU A 1 4  ? -15.446 5.684   -11.551 1.00 41.85  ? 556 LEU A CA   1 
ATOM   49   C C    . LEU A 1 4  ? -14.198 5.019   -12.086 1.00 38.30  ? 556 LEU A C    1 
ATOM   50   O O    . LEU A 1 4  ? -13.394 4.537   -11.296 1.00 37.71  ? 556 LEU A O    1 
ATOM   51   C CB   . LEU A 1 4  ? -16.616 4.728   -11.643 1.00 39.85  ? 556 LEU A CB   1 
ATOM   52   C CG   . LEU A 1 4  ? -16.458 3.355   -10.996 1.00 43.15  ? 556 LEU A CG   1 
ATOM   53   C CD1  . LEU A 1 4  ? -16.301 3.474   -9.473  1.00 39.76  ? 556 LEU A CD1  1 
ATOM   54   C CD2  . LEU A 1 4  ? -17.657 2.497   -11.366 1.00 46.27  ? 556 LEU A CD2  1 
ATOM   55   H H    . LEU A 1 4  ? -16.420 6.905   -12.749 1.00 41.75  ? 556 LEU A H    1 
ATOM   56   H HA   . LEU A 1 4  ? -15.298 5.889   -10.605 1.00 50.22  ? 556 LEU A HA   1 
ATOM   57   H HB2  . LEU A 1 4  ? -17.382 5.152   -11.226 1.00 47.82  ? 556 LEU A HB2  1 
ATOM   58   H HB3  . LEU A 1 4  ? -16.807 4.579   -12.582 1.00 47.82  ? 556 LEU A HB3  1 
ATOM   59   H HG   . LEU A 1 4  ? -15.662 2.928   -11.348 1.00 51.78  ? 556 LEU A HG   1 
ATOM   60   H HD11 . LEU A 1 4  ? -16.206 2.596   -9.099  1.00 47.72  ? 556 LEU A HD11 1 
ATOM   61   H HD12 . LEU A 1 4  ? -15.522 4.000   -9.279  1.00 47.72  ? 556 LEU A HD12 1 
ATOM   62   H HD13 . LEU A 1 4  ? -17.082 3.901   -9.111  1.00 47.72  ? 556 LEU A HD13 1 
ATOM   63   H HD21 . LEU A 1 4  ? -17.560 1.633   -10.960 1.00 55.52  ? 556 LEU A HD21 1 
ATOM   64   H HD22 . LEU A 1 4  ? -18.456 2.922   -11.046 1.00 55.52  ? 556 LEU A HD22 1 
ATOM   65   H HD23 . LEU A 1 4  ? -17.693 2.408   -12.322 1.00 55.52  ? 556 LEU A HD23 1 
ATOM   66   N N    . ARG A 1 5  ? -14.030 5.006   -13.408 1.00 34.32  ? 557 ARG A N    1 
ATOM   67   C CA   . ARG A 1 5  ? -12.855 4.411   -14.016 1.00 37.69  ? 557 ARG A CA   1 
ATOM   68   C C    . ARG A 1 5  ? -11.569 5.138   -13.560 1.00 40.01  ? 557 ARG A C    1 
ATOM   69   O O    . ARG A 1 5  ? -10.524 4.505   -13.396 1.00 32.21  ? 557 ARG A O    1 
ATOM   70   C CB   . ARG A 1 5  ? -12.935 4.407   -15.543 1.00 36.55  ? 557 ARG A CB   1 
ATOM   71   C CG   . ARG A 1 5  ? -13.847 3.323   -16.148 1.00 54.12  ? 557 ARG A CG   1 
ATOM   72   C CD   . ARG A 1 5  ? -13.860 3.406   -17.691 1.00 63.19  ? 557 ARG A CD   1 
ATOM   73   N NE   . ARG A 1 5  ? -14.859 2.540   -18.336 1.00 70.99  ? 557 ARG A NE   1 
ATOM   74   C CZ   . ARG A 1 5  ? -16.000 2.958   -18.900 1.00 77.44  ? 557 ARG A CZ   1 
ATOM   75   N NH1  . ARG A 1 5  ? -16.332 4.244   -18.918 1.00 71.70  ? 557 ARG A NH1  1 
ATOM   76   N NH2  . ARG A 1 5  ? -16.828 2.081   -19.457 1.00 75.93  ? 557 ARG A NH2  1 
ATOM   77   H H    . ARG A 1 5  ? -14.588 5.338   -13.972 1.00 41.18  ? 557 ARG A H    1 
ATOM   78   H HA   . ARG A 1 5  ? -12.790 3.478   -13.720 1.00 45.23  ? 557 ARG A HA   1 
ATOM   79   H HB2  . ARG A 1 5  ? -13.271 5.268   -15.837 1.00 43.86  ? 557 ARG A HB2  1 
ATOM   80   H HB3  . ARG A 1 5  ? -12.042 4.269   -15.899 1.00 43.86  ? 557 ARG A HB3  1 
ATOM   81   H HG2  . ARG A 1 5  ? -13.520 2.448   -15.892 1.00 64.94  ? 557 ARG A HG2  1 
ATOM   82   H HG3  . ARG A 1 5  ? -14.754 3.452   -15.828 1.00 64.94  ? 557 ARG A HG3  1 
ATOM   83   H HD2  . ARG A 1 5  ? -14.051 4.321   -17.952 1.00 75.82  ? 557 ARG A HD2  1 
ATOM   84   H HD3  . ARG A 1 5  ? -12.987 3.148   -18.024 1.00 75.82  ? 557 ARG A HD3  1 
ATOM   85   H HE   . ARG A 1 5  ? -14.697 1.695   -18.350 1.00 85.19  ? 557 ARG A HE   1 
ATOM   86   H HH11 . ARG A 1 5  ? -15.810 4.828   -18.563 1.00 86.04  ? 557 ARG A HH11 1 
ATOM   87   H HH12 . ARG A 1 5  ? -17.070 4.493   -19.284 1.00 86.04  ? 557 ARG A HH12 1 
ATOM   88   H HH21 . ARG A 1 5  ? -16.632 1.243   -19.455 1.00 91.12  ? 557 ARG A HH21 1 
ATOM   89   H HH22 . ARG A 1 5  ? -17.561 2.350   -19.817 1.00 91.12  ? 557 ARG A HH22 1 
ATOM   90   N N    . ALA A 1 6  ? -11.659 6.456   -13.401 1.00 35.32  ? 558 ALA A N    1 
ATOM   91   C CA   . ALA A 1 6  ? -10.559 7.260   -12.902 1.00 35.45  ? 558 ALA A CA   1 
ATOM   92   C C    . ALA A 1 6  ? -10.142 6.758   -11.549 1.00 35.52  ? 558 ALA A C    1 
ATOM   93   O O    . ALA A 1 6  ? -8.966  6.533   -11.310 1.00 33.18  ? 558 ALA A O    1 
ATOM   94   C CB   . ALA A 1 6  ? -10.947 8.709   -12.786 1.00 30.19  ? 558 ALA A CB   1 
ATOM   95   H H    . ALA A 1 6  ? -12.364 6.914   -13.580 1.00 42.38  ? 558 ALA A H    1 
ATOM   96   H HA   . ALA A 1 6  ? -9.795  7.188   -13.511 1.00 42.54  ? 558 ALA A HA   1 
ATOM   97   H HB1  . ALA A 1 6  ? -10.196 9.208   -12.453 1.00 36.22  ? 558 ALA A HB1  1 
ATOM   98   H HB2  . ALA A 1 6  ? -11.198 9.035   -13.653 1.00 36.22  ? 558 ALA A HB2  1 
ATOM   99   H HB3  . ALA A 1 6  ? -11.686 8.787   -12.179 1.00 36.22  ? 558 ALA A HB3  1 
ATOM   100  N N    . ILE A 1 7  ? -11.130 6.607   -10.672 1.00 33.04  ? 559 ILE A N    1 
ATOM   101  C CA   . ILE A 1 7  ? -10.918 6.199   -9.297  1.00 33.45  ? 559 ILE A CA   1 
ATOM   102  C C    . ILE A 1 7  ? -10.341 4.798   -9.234  1.00 37.57  ? 559 ILE A C    1 
ATOM   103  O O    . ILE A 1 7  ? -9.491  4.520   -8.382  1.00 29.23  ? 559 ILE A O    1 
ATOM   104  C CB   . ILE A 1 7  ? -12.234 6.294   -8.512  1.00 37.77  ? 559 ILE A CB   1 
ATOM   105  C CG1  . ILE A 1 7  ? -12.522 7.745   -8.170  1.00 38.90  ? 559 ILE A CG1  1 
ATOM   106  C CG2  . ILE A 1 7  ? -12.229 5.499   -7.217  1.00 39.20  ? 559 ILE A CG2  1 
ATOM   107  C CD1  . ILE A 1 7  ? -14.046 7.992   -8.148  1.00 43.22  ? 559 ILE A CD1  1 
ATOM   108  H H    . ILE A 1 7  ? -11.958 6.741   -10.862 1.00 39.65  ? 559 ILE A H    1 
ATOM   109  H HA   . ILE A 1 7  ? -10.274 6.809   -8.880  1.00 40.14  ? 559 ILE A HA   1 
ATOM   110  H HB   . ILE A 1 7  ? -12.951 5.961   -9.073  1.00 45.32  ? 559 ILE A HB   1 
ATOM   111  H HG12 . ILE A 1 7  ? -12.163 7.949   -7.293  1.00 46.69  ? 559 ILE A HG12 1 
ATOM   112  H HG13 . ILE A 1 7  ? -12.125 8.321   -8.843  1.00 46.69  ? 559 ILE A HG13 1 
ATOM   113  H HG21 . ILE A 1 7  ? -13.079 5.605   -6.784  1.00 47.04  ? 559 ILE A HG21 1 
ATOM   114  H HG22 . ILE A 1 7  ? -12.078 4.573   -7.420  1.00 47.04  ? 559 ILE A HG22 1 
ATOM   115  H HG23 . ILE A 1 7  ? -11.528 5.829   -6.651  1.00 47.04  ? 559 ILE A HG23 1 
ATOM   116  H HD11 . ILE A 1 7  ? -14.210 8.913   -7.931  1.00 51.87  ? 559 ILE A HD11 1 
ATOM   117  H HD12 . ILE A 1 7  ? -14.409 7.789   -9.014  1.00 51.87  ? 559 ILE A HD12 1 
ATOM   118  H HD13 . ILE A 1 7  ? -14.445 7.423   -7.485  1.00 51.87  ? 559 ILE A HD13 1 
ATOM   119  N N    . GLU A 1 8  ? -10.794 3.917   -10.122 1.00 31.39  ? 560 GLU A N    1 
ATOM   120  C CA   . GLU A 1 8  ? -10.234 2.570   -10.193 1.00 33.04  ? 560 GLU A CA   1 
ATOM   121  C C    . GLU A 1 8  ? -8.763  2.610   -10.597 1.00 34.68  ? 560 GLU A C    1 
ATOM   122  O O    . GLU A 1 8  ? -7.979  1.858   -10.067 1.00 34.16  ? 560 GLU A O    1 
ATOM   123  C CB   . GLU A 1 8  ? -11.041 1.679   -11.155 1.00 31.14  ? 560 GLU A CB   1 
ATOM   124  C CG   . GLU A 1 8  ? -12.451 1.404   -10.601 1.00 33.72  ? 560 GLU A CG   1 
ATOM   125  C CD   . GLU A 1 8  ? -13.410 0.762   -11.627 1.00 41.65  ? 560 GLU A CD   1 
ATOM   126  O OE1  . GLU A 1 8  ? -14.482 0.272   -11.207 1.00 51.43  ? 560 GLU A OE1  1 
ATOM   127  O OE2  . GLU A 1 8  ? -13.103 0.751   -12.834 1.00 35.04  ? 560 GLU A OE2  1 
ATOM   128  H H    . GLU A 1 8  ? -11.421 4.072   -10.690 1.00 37.67  ? 560 GLU A H    1 
ATOM   129  H HA   . GLU A 1 8  ? -10.285 2.163   -9.302  1.00 39.65  ? 560 GLU A HA   1 
ATOM   130  H HB2  . GLU A 1 8  ? -11.131 2.127   -12.010 1.00 37.36  ? 560 GLU A HB2  1 
ATOM   131  H HB3  . GLU A 1 8  ? -10.585 0.830   -11.265 1.00 37.36  ? 560 GLU A HB3  1 
ATOM   132  H HG2  . GLU A 1 8  ? -12.378 0.799   -9.845  1.00 40.47  ? 560 GLU A HG2  1 
ATOM   133  H HG3  . GLU A 1 8  ? -12.842 2.243   -10.313 1.00 40.47  ? 560 GLU A HG3  1 
ATOM   134  N N    . ALA A 1 9  ? -8.399  3.492   -11.521 1.00 33.24  ? 561 ALA A N    1 
ATOM   135  C CA   . ALA A 1 9  ? -7.035  3.582   -12.006 1.00 31.70  ? 561 ALA A CA   1 
ATOM   136  C C    . ALA A 1 9  ? -6.143  4.188   -10.918 1.00 35.77  ? 561 ALA A C    1 
ATOM   137  O O    . ALA A 1 9  ? -4.986  3.793   -10.731 1.00 28.62  ? 561 ALA A O    1 
ATOM   138  C CB   . ALA A 1 9  ? -6.983  4.444   -13.259 1.00 31.51  ? 561 ALA A CB   1 
ATOM   139  H H    . ALA A 1 9  ? -8.935  4.057   -11.886 1.00 39.89  ? 561 ALA A H    1 
ATOM   140  H HA   . ALA A 1 9  ? -6.701  2.687   -12.225 1.00 38.05  ? 561 ALA A HA   1 
ATOM   141  H HB1  . ALA A 1 9  ? -6.075  4.493   -13.566 1.00 37.82  ? 561 ALA A HB1  1 
ATOM   142  H HB2  . ALA A 1 9  ? -7.537  4.046   -13.935 1.00 37.82  ? 561 ALA A HB2  1 
ATOM   143  H HB3  . ALA A 1 9  ? -7.305  5.322   -13.047 1.00 37.82  ? 561 ALA A HB3  1 
ATOM   144  N N    . GLN A 1 10 ? -6.691  5.176   -10.228 1.00 30.77  ? 562 GLN A N    1 
ATOM   145  C CA   . GLN A 1 10 ? -6.031  5.758   -9.094  1.00 33.11  ? 562 GLN A CA   1 
ATOM   146  C C    . GLN A 1 10 ? -5.771  4.720   -8.012  1.00 38.25  ? 562 GLN A C    1 
ATOM   147  O O    . GLN A 1 10 ? -4.706  4.757   -7.347  1.00 28.18  ? 562 GLN A O    1 
ATOM   148  C CB   . GLN A 1 10 ? -6.839  6.907   -8.519  1.00 28.24  ? 562 GLN A CB   1 
ATOM   149  C CG   . GLN A 1 10 ? -6.486  8.244   -9.148  1.00 39.24  ? 562 GLN A CG   1 
ATOM   150  C CD   . GLN A 1 10 ? -7.392  9.387   -8.682  1.00 43.97  ? 562 GLN A CD   1 
ATOM   151  O OE1  . GLN A 1 10 ? -8.553  9.179   -8.340  1.00 38.53  ? 562 GLN A OE1  1 
ATOM   152  N NE2  . GLN A 1 10 ? -6.852  10.599  -8.664  1.00 43.51  ? 562 GLN A NE2  1 
ATOM   153  H H    . GLN A 1 10 ? -7.456  5.525   -10.407 1.00 36.93  ? 562 GLN A H    1 
ATOM   154  H HA   . GLN A 1 10 ? -5.165  6.115   -9.381  1.00 39.73  ? 562 GLN A HA   1 
ATOM   155  H HB2  . GLN A 1 10 ? -7.781  6.741   -8.677  1.00 33.88  ? 562 GLN A HB2  1 
ATOM   156  H HB3  . GLN A 1 10 ? -6.667  6.969   -7.567  1.00 33.88  ? 562 GLN A HB3  1 
ATOM   157  H HG2  . GLN A 1 10 ? -5.572  8.471   -8.912  1.00 47.09  ? 562 GLN A HG2  1 
ATOM   158  H HG3  . GLN A 1 10 ? -6.570  8.170   -10.111 1.00 47.09  ? 562 GLN A HG3  1 
ATOM   159  H HE21 . GLN A 1 10 ? -6.035  10.709  -8.906  1.00 52.21  ? 562 GLN A HE21 1 
ATOM   160  H HE22 . GLN A 1 10 ? -7.320  11.274  -8.409  1.00 52.21  ? 562 GLN A HE22 1 
ATOM   161  N N    . GLN A 1 11 ? -6.733  3.827   -7.809  1.00 28.29  ? 563 GLN A N    1 
ATOM   162  C CA   . GLN A 1 11 ? -6.568  2.748   -6.827  1.00 30.81  ? 563 GLN A CA   1 
ATOM   163  C C    . GLN A 1 11 ? -5.424  1.809   -7.230  1.00 33.68  ? 563 GLN A C    1 
ATOM   164  O O    . GLN A 1 11 ? -4.662  1.372   -6.356  1.00 29.13  ? 563 GLN A O    1 
ATOM   165  C CB   . GLN A 1 11 ? -7.856  1.938   -6.630  1.00 35.26  ? 563 GLN A CB   1 
ATOM   166  C CG   . GLN A 1 11 ? -7.790  0.819   -5.532  1.00 30.44  ? 563 GLN A CG   1 
ATOM   167  C CD   . GLN A 1 11 ? -7.436  1.357   -4.153  1.00 38.69  ? 563 GLN A CD   1 
ATOM   168  O OE1  . GLN A 1 11 ? -7.480  2.560   -3.934  1.00 39.04  ? 563 GLN A OE1  1 
ATOM   169  N NE2  . GLN A 1 11 ? -7.087  0.464   -3.211  1.00 33.22  ? 563 GLN A NE2  1 
ATOM   170  H H    . GLN A 1 11 ? -7.487  3.819   -8.221  1.00 33.95  ? 563 GLN A H    1 
ATOM   171  H HA   . GLN A 1 11 ? -6.334  3.146   -5.962  1.00 36.97  ? 563 GLN A HA   1 
ATOM   172  H HB2  . GLN A 1 11 ? -8.568  2.548   -6.381  1.00 42.31  ? 563 GLN A HB2  1 
ATOM   173  H HB3  . GLN A 1 11 ? -8.077  1.506   -7.470  1.00 42.31  ? 563 GLN A HB3  1 
ATOM   174  H HG2  . GLN A 1 11 ? -8.656  0.387   -5.471  1.00 36.53  ? 563 GLN A HG2  1 
ATOM   175  H HG3  . GLN A 1 11 ? -7.114  0.171   -5.783  1.00 36.53  ? 563 GLN A HG3  1 
ATOM   176  H HE21 . GLN A 1 11 ? -7.070  -0.376  -3.399  1.00 39.86  ? 563 GLN A HE21 1 
ATOM   177  H HE22 . GLN A 1 11 ? -6.880  0.731   -2.420  1.00 39.86  ? 563 GLN A HE22 1 
ATOM   178  N N    . HIS A 1 12 ? -5.294  1.495   -8.526  1.00 30.83  ? 564 HIS A N    1 
ATOM   179  C CA   . HIS A 1 12 ? -4.132  0.692   -8.973  1.00 36.57  ? 564 HIS A CA   1 
ATOM   180  C C    . HIS A 1 12 ? -2.827  1.428   -8.701  1.00 31.22  ? 564 HIS A C    1 
ATOM   181  O O    . HIS A 1 12 ? -1.836  0.827   -8.316  1.00 31.00  ? 564 HIS A O    1 
ATOM   182  C CB   . HIS A 1 12 ? -4.189  0.353   -10.472 1.00 33.06  ? 564 HIS A CB   1 
ATOM   183  C CG   . HIS A 1 12 ? -5.143  -0.753  -10.804 1.00 50.55  ? 564 HIS A CG   1 
ATOM   184  N ND1  . HIS A 1 12 ? -4.789  -2.082  -10.745 1.00 53.77  ? 564 HIS A ND1  1 
ATOM   185  C CD2  . HIS A 1 12 ? -6.443  -0.720  -11.207 1.00 43.71  ? 564 HIS A CD2  1 
ATOM   186  C CE1  . HIS A 1 12 ? -5.832  -2.829  -11.094 1.00 54.00  ? 564 HIS A CE1  1 
ATOM   187  N NE2  . HIS A 1 12 ? -6.840  -2.025  -11.383 1.00 44.73  ? 564 HIS A NE2  1 
ATOM   188  H H    . HIS A 1 12 ? -5.840  1.723   -9.150  1.00 36.99  ? 564 HIS A H    1 
ATOM   189  H HA   . HIS A 1 12 ? -4.114  -0.151  -8.472  1.00 43.89  ? 564 HIS A HA   1 
ATOM   190  H HB2  . HIS A 1 12 ? -4.469  1.143   -10.961 1.00 39.67  ? 564 HIS A HB2  1 
ATOM   191  H HB3  . HIS A 1 12 ? -3.305  0.081   -10.767 1.00 39.67  ? 564 HIS A HB3  1 
ATOM   192  H HD1  . HIS A 1 12 ? -4.016  -2.382  -10.516 1.00 64.53  ? 564 HIS A HD1  1 
ATOM   193  H HD2  . HIS A 1 12 ? -6.961  0.040   -11.342 1.00 52.45  ? 564 HIS A HD2  1 
ATOM   194  H HE1  . HIS A 1 12 ? -5.848  -3.759  -11.134 1.00 64.80  ? 564 HIS A HE1  1 
ATOM   195  H HE2  . HIS A 1 12 ? -7.623  -2.277  -11.632 1.00 53.68  ? 564 HIS A HE2  1 
ATOM   196  N N    . LEU A 1 13 ? -2.817  2.737   -8.930  1.00 27.33  ? 565 LEU A N    1 
ATOM   197  C CA   . LEU A 1 13 ? -1.615  3.535   -8.675  1.00 30.52  ? 565 LEU A CA   1 
ATOM   198  C C    . LEU A 1 13 ? -1.221  3.451   -7.207  1.00 34.14  ? 565 LEU A C    1 
ATOM   199  O O    . LEU A 1 13 ? -0.062  3.282   -6.869  1.00 31.97  ? 565 LEU A O    1 
ATOM   200  C CB   . LEU A 1 13 ? -1.864  4.999   -8.992  1.00 35.08  ? 565 LEU A CB   1 
ATOM   201  C CG   . LEU A 1 13 ? -0.987  5.656   -10.037 1.00 47.00  ? 565 LEU A CG   1 
ATOM   202  C CD1  . LEU A 1 13 ? -1.085  4.848   -11.289 1.00 46.73  ? 565 LEU A CD1  1 
ATOM   203  C CD2  . LEU A 1 13 ? -1.468  7.094   -10.282 1.00 43.31  ? 565 LEU A CD2  1 
ATOM   204  H H    . LEU A 1 13 ? -3.486  3.188   -9.230  1.00 32.79  ? 565 LEU A H    1 
ATOM   205  H HA   . LEU A 1 13 ? -0.872  3.210   -9.226  1.00 36.62  ? 565 LEU A HA   1 
ATOM   206  H HB2  . LEU A 1 13 ? -2.780  5.086   -9.296  1.00 42.10  ? 565 LEU A HB2  1 
ATOM   207  H HB3  . LEU A 1 13 ? -1.753  5.504   -8.172  1.00 42.10  ? 565 LEU A HB3  1 
ATOM   208  H HG   . LEU A 1 13 ? -0.065  5.674   -9.739  1.00 56.39  ? 565 LEU A HG   1 
ATOM   209  H HD11 . LEU A 1 13 ? -0.534  5.251   -11.965 1.00 56.07  ? 565 LEU A HD11 1 
ATOM   210  H HD12 . LEU A 1 13 ? -0.782  3.955   -11.109 1.00 56.07  ? 565 LEU A HD12 1 
ATOM   211  H HD13 . LEU A 1 13 ? -2.000  4.831   -11.579 1.00 56.07  ? 565 LEU A HD13 1 
ATOM   212  H HD21 . LEU A 1 13 ? -0.908  7.502   -10.946 1.00 51.97  ? 565 LEU A HD21 1 
ATOM   213  H HD22 . LEU A 1 13 ? -2.377  7.071   -10.590 1.00 51.97  ? 565 LEU A HD22 1 
ATOM   214  H HD23 . LEU A 1 13 ? -1.414  7.585   -9.459  1.00 51.97  ? 565 LEU A HD23 1 
ATOM   215  N N    . LEU A 1 14 ? -2.202  3.617   -6.336  1.00 28.74  ? 566 LEU A N    1 
ATOM   216  C CA   . LEU A 1 14 ? -1.974  3.545   -4.911  1.00 31.32  ? 566 LEU A CA   1 
ATOM   217  C C    . LEU A 1 14 ? -1.400  2.207   -4.463  1.00 32.49  ? 566 LEU A C    1 
ATOM   218  O O    . LEU A 1 14 ? -0.493  2.157   -3.585  1.00 31.50  ? 566 LEU A O    1 
ATOM   219  C CB   . LEU A 1 14 ? -3.285  3.799   -4.177  1.00 31.68  ? 566 LEU A CB   1 
ATOM   220  C CG   . LEU A 1 14 ? -3.655  5.245   -3.891  1.00 35.68  ? 566 LEU A CG   1 
ATOM   221  C CD1  . LEU A 1 14 ? -5.132  5.386   -3.615  1.00 36.24  ? 566 LEU A CD1  1 
ATOM   222  C CD2  . LEU A 1 14 ? -2.867  5.751   -2.706  1.00 38.10  ? 566 LEU A CD2  1 
ATOM   223  H H    . LEU A 1 14 ? -3.020  3.774   -6.551  1.00 34.48  ? 566 LEU A H    1 
ATOM   224  H HA   . LEU A 1 14 ? -1.342  4.247   -4.653  1.00 37.58  ? 566 LEU A HA   1 
ATOM   225  H HB2  . LEU A 1 14 ? -4.004  3.421   -4.707  1.00 38.02  ? 566 LEU A HB2  1 
ATOM   226  H HB3  . LEU A 1 14 ? -3.246  3.341   -3.323  1.00 38.02  ? 566 LEU A HB3  1 
ATOM   227  H HG   . LEU A 1 14 ? -3.434  5.792   -4.662  1.00 42.82  ? 566 LEU A HG   1 
ATOM   228  H HD11 . LEU A 1 14 ? -5.330  6.307   -3.440  1.00 43.49  ? 566 LEU A HD11 1 
ATOM   229  H HD12 . LEU A 1 14 ? -5.622  5.085   -4.384  1.00 43.49  ? 566 LEU A HD12 1 
ATOM   230  H HD13 . LEU A 1 14 ? -5.358  4.850   -2.851  1.00 43.49  ? 566 LEU A HD13 1 
ATOM   231  H HD21 . LEU A 1 14 ? -3.110  6.665   -2.536  1.00 45.72  ? 566 LEU A HD21 1 
ATOM   232  H HD22 . LEU A 1 14 ? -3.073  5.210   -1.940  1.00 45.72  ? 566 LEU A HD22 1 
ATOM   233  H HD23 . LEU A 1 14 ? -1.930  5.692   -2.906  1.00 45.72  ? 566 LEU A HD23 1 
ATOM   234  N N    . GLN A 1 15 ? -1.926  1.107   -5.005  1.00 30.06  ? 567 GLN A N    1 
ATOM   235  C CA   . GLN A 1 15 ? -1.391  -0.214  -4.649  1.00 32.17  ? 567 GLN A CA   1 
ATOM   236  C C    . GLN A 1 15 ? 0.064   -0.389  -5.105  1.00 32.26  ? 567 GLN A C    1 
ATOM   237  O O    . GLN A 1 15 ? 0.867   -1.057  -4.412  1.00 24.26  ? 567 GLN A O    1 
ATOM   238  C CB   . GLN A 1 15 ? -2.264  -1.355  -5.151  1.00 34.93  ? 567 GLN A CB   1 
ATOM   239  C CG   . GLN A 1 15 ? -3.563  -1.503  -4.327  1.00 51.67  ? 567 GLN A CG   1 
ATOM   240  C CD   . GLN A 1 15 ? -3.333  -1.800  -2.826  1.00 52.41  ? 567 GLN A CD   1 
ATOM   241  O OE1  . GLN A 1 15 ? -2.599  -2.731  -2.470  1.00 55.95  ? 567 GLN A OE1  1 
ATOM   242  N NE2  . GLN A 1 15 ? -3.987  -1.016  -1.945  1.00 44.11  ? 567 GLN A NE2  1 
ATOM   243  H H    . GLN A 1 15 ? -2.577  1.094   -5.568  1.00 36.08  ? 567 GLN A H    1 
ATOM   244  H HA   . GLN A 1 15 ? -1.386  -0.276  -3.671  1.00 38.60  ? 567 GLN A HA   1 
ATOM   245  H HB2  . GLN A 1 15 ? -2.509  -1.185  -6.073  1.00 41.91  ? 567 GLN A HB2  1 
ATOM   246  H HB3  . GLN A 1 15 ? -1.768  -2.187  -5.084  1.00 41.91  ? 567 GLN A HB3  1 
ATOM   247  H HG2  . GLN A 1 15 ? -4.067  -0.676  -4.391  1.00 62.01  ? 567 GLN A HG2  1 
ATOM   248  H HG3  . GLN A 1 15 ? -4.084  -2.234  -4.696  1.00 62.01  ? 567 GLN A HG3  1 
ATOM   249  H HE21 . GLN A 1 15 ? -4.502  -0.387  -2.227  1.00 52.93  ? 567 GLN A HE21 1 
ATOM   250  H HE22 . GLN A 1 15 ? -3.890  -1.145  -1.100  1.00 52.93  ? 567 GLN A HE22 1 
ATOM   251  N N    . LEU A 1 16 ? 0.401   0.236   -6.229  1.00 28.50  ? 568 LEU A N    1 
ATOM   252  C CA   . LEU A 1 16 ? 1.791   0.296   -6.695  1.00 28.08  ? 568 LEU A CA   1 
ATOM   253  C C    . LEU A 1 16 ? 2.685   1.097   -5.735  1.00 31.09  ? 568 LEU A C    1 
ATOM   254  O O    . LEU A 1 16 ? 3.857   0.734   -5.513  1.00 29.72  ? 568 LEU A O    1 
ATOM   255  C CB   . LEU A 1 16 ? 1.858   0.886   -8.105  1.00 28.04  ? 568 LEU A CB   1 
ATOM   256  C CG   . LEU A 1 16 ? 1.356   -0.042  -9.223  1.00 31.54  ? 568 LEU A CG   1 
ATOM   257  C CD1  . LEU A 1 16 ? 1.139   0.770   -10.464 1.00 31.61  ? 568 LEU A CD1  1 
ATOM   258  C CD2  . LEU A 1 16 ? 2.376   -1.162  -9.493  1.00 36.05  ? 568 LEU A CD2  1 
ATOM   259  H H    . LEU A 1 16 ? -0.157  0.636   -6.747  1.00 34.20  ? 568 LEU A H    1 
ATOM   260  H HA   . LEU A 1 16 ? 2.146   -0.616  -6.738  1.00 33.69  ? 568 LEU A HA   1 
ATOM   261  H HB2  . LEU A 1 16 ? 1.319   1.691   -8.128  1.00 33.65  ? 568 LEU A HB2  1 
ATOM   262  H HB3  . LEU A 1 16 ? 2.782   1.108   -8.302  1.00 33.65  ? 568 LEU A HB3  1 
ATOM   263  H HG   . LEU A 1 16 ? 0.511   -0.444  -8.962  1.00 37.85  ? 568 LEU A HG   1 
ATOM   264  H HD11 . LEU A 1 16 ? 0.825   0.194   -11.164 1.00 37.93  ? 568 LEU A HD11 1 
ATOM   265  H HD12 . LEU A 1 16 ? 0.487   1.450   -10.281 1.00 37.93  ? 568 LEU A HD12 1 
ATOM   266  H HD13 . LEU A 1 16 ? 1.971   1.175   -10.721 1.00 37.93  ? 568 LEU A HD13 1 
ATOM   267  H HD21 . LEU A 1 16 ? 2.040   -1.727  -10.194 1.00 43.26  ? 568 LEU A HD21 1 
ATOM   268  H HD22 . LEU A 1 16 ? 3.209   -0.768  -9.761  1.00 43.26  ? 568 LEU A HD22 1 
ATOM   269  H HD23 . LEU A 1 16 ? 2.498   -1.673  -8.690  1.00 43.26  ? 568 LEU A HD23 1 
ATOM   270  N N    . THR A 1 17 ? 2.157   2.173   -5.149  1.00 24.84  ? 569 THR A N    1 
ATOM   271  C CA   . THR A 1 17 ? 2.969   2.901   -4.201  1.00 30.65  ? 569 THR A CA   1 
ATOM   272  C C    . THR A 1 17 ? 3.183   2.124   -2.890  1.00 28.90  ? 569 THR A C    1 
ATOM   273  O O    . THR A 1 17 ? 4.301   2.144   -2.331  1.00 25.42  ? 569 THR A O    1 
ATOM   274  C CB   . THR A 1 17 ? 2.498   4.365   -3.971  1.00 25.48  ? 569 THR A CB   1 
ATOM   275  O OG1  . THR A 1 17 ? 1.236   4.383   -3.303  1.00 23.51  ? 569 THR A OG1  1 
ATOM   276  C CG2  . THR A 1 17 ? 2.480   5.086   -5.293  1.00 19.53  ? 569 THR A CG2  1 
ATOM   277  H H    . THR A 1 17 ? 1.367   2.484   -5.281  1.00 29.80  ? 569 THR A H    1 
ATOM   278  H HA   . THR A 1 17 ? 3.859   2.978   -4.604  1.00 36.78  ? 569 THR A HA   1 
ATOM   279  H HB   . THR A 1 17 ? 3.148   4.810   -3.407  1.00 30.58  ? 569 THR A HB   1 
ATOM   280  H HG1  . THR A 1 17 ? 0.674   3.994   -3.755  1.00 28.21  ? 569 THR A HG1  1 
ATOM   281  H HG21 . THR A 1 17 ? 2.190   5.992   -5.168  1.00 23.44  ? 569 THR A HG21 1 
ATOM   282  H HG22 . THR A 1 17 ? 3.360   5.088   -5.677  1.00 23.44  ? 569 THR A HG22 1 
ATOM   283  H HG23 . THR A 1 17 ? 1.877   4.646   -5.898  1.00 23.44  ? 569 THR A HG23 1 
ATOM   284  N N    . VAL A 1 18 ? 2.142   1.430   -2.435  1.00 23.05  ? 570 VAL A N    1 
ATOM   285  C CA   . VAL A 1 18 ? 2.205   0.535   -1.273  1.00 24.66  ? 570 VAL A CA   1 
ATOM   286  C C    . VAL A 1 18 ? 3.270   -0.547  -1.486  1.00 25.12  ? 570 VAL A C    1 
ATOM   287  O O    . VAL A 1 18 ? 4.071   -0.780  -0.609  1.00 23.45  ? 570 VAL A O    1 
ATOM   288  C CB   . VAL A 1 18 ? 0.824   -0.107  -0.939  1.00 27.66  ? 570 VAL A CB   1 
ATOM   289  C CG1  . VAL A 1 18 ? 0.929   -1.225  0.127   1.00 30.27  ? 570 VAL A CG1  1 
ATOM   290  C CG2  . VAL A 1 18 ? -0.124  0.936   -0.428  1.00 33.24  ? 570 VAL A CG2  1 
ATOM   291  H H    . VAL A 1 18 ? 1.362   1.460   -2.795  1.00 27.66  ? 570 VAL A H    1 
ATOM   292  H HA   . VAL A 1 18 ? 2.477   1.064   -0.494  1.00 29.60  ? 570 VAL A HA   1 
ATOM   293  H HB   . VAL A 1 18 ? 0.443   -0.496  -1.754  1.00 33.19  ? 570 VAL A HB   1 
ATOM   294  H HG11 . VAL A 1 18 ? 0.053   -1.582  0.292   1.00 36.33  ? 570 VAL A HG11 1 
ATOM   295  H HG12 . VAL A 1 18 ? 1.508   -1.917  -0.202  1.00 36.33  ? 570 VAL A HG12 1 
ATOM   296  H HG13 . VAL A 1 18 ? 1.289   -0.853  0.936   1.00 36.33  ? 570 VAL A HG13 1 
ATOM   297  H HG21 . VAL A 1 18 ? -0.967  0.521   -0.228  1.00 39.89  ? 570 VAL A HG21 1 
ATOM   298  H HG22 . VAL A 1 18 ? 0.243   1.331   0.366   1.00 39.89  ? 570 VAL A HG22 1 
ATOM   299  H HG23 . VAL A 1 18 ? -0.243  1.608   -1.102  1.00 39.89  ? 570 VAL A HG23 1 
ATOM   300  N N    . TRP A 1 19 ? 3.257   -1.218  -2.634  1.00 23.13  ? 571 TRP A N    1 
ATOM   301  C CA   . TRP A 1 19 ? 4.272   -2.194  -2.970  1.00 27.40  ? 571 TRP A CA   1 
ATOM   302  C C    . TRP A 1 19 ? 5.690   -1.579  -2.811  1.00 27.13  ? 571 TRP A C    1 
ATOM   303  O O    . TRP A 1 19 ? 6.597   -2.201  -2.273  1.00 25.94  ? 571 TRP A O    1 
ATOM   304  C CB   . TRP A 1 19 ? 4.065   -2.701  -4.409  1.00 27.36  ? 571 TRP A CB   1 
ATOM   305  C CG   . TRP A 1 19 ? 5.147   -3.730  -4.862  1.00 28.79  ? 571 TRP A CG   1 
ATOM   306  C CD1  . TRP A 1 19 ? 5.071   -5.104  -4.754  1.00 32.74  ? 571 TRP A CD1  1 
ATOM   307  C CD2  . TRP A 1 19 ? 6.415   -3.457  -5.484  1.00 27.25  ? 571 TRP A CD2  1 
ATOM   308  N NE1  . TRP A 1 19 ? 6.211   -5.685  -5.251  1.00 31.86  ? 571 TRP A NE1  1 
ATOM   309  C CE2  . TRP A 1 19 ? 7.051   -4.707  -5.709  1.00 28.13  ? 571 TRP A CE2  1 
ATOM   310  C CE3  . TRP A 1 19 ? 7.077   -2.285  -5.868  1.00 25.34  ? 571 TRP A CE3  1 
ATOM   311  C CZ2  . TRP A 1 19 ? 8.307   -4.812  -6.305  1.00 33.17  ? 571 TRP A CZ2  1 
ATOM   312  C CZ3  . TRP A 1 19 ? 8.336   -2.391  -6.450  1.00 29.77  ? 571 TRP A CZ3  1 
ATOM   313  C CH2  . TRP A 1 19 ? 8.941   -3.643  -6.660  1.00 33.77  ? 571 TRP A CH2  1 
ATOM   314  H H    . TRP A 1 19 ? 2.658   -1.121  -3.242  1.00 27.76  ? 571 TRP A H    1 
ATOM   315  H HA   . TRP A 1 19 ? 4.200   -2.959  -2.361  1.00 32.88  ? 571 TRP A HA   1 
ATOM   316  H HB2  . TRP A 1 19 ? 3.199   -3.134  -4.468  1.00 32.84  ? 571 TRP A HB2  1 
ATOM   317  H HB3  . TRP A 1 19 ? 4.100   -1.946  -5.016  1.00 32.84  ? 571 TRP A HB3  1 
ATOM   318  H HD1  . TRP A 1 19 ? 4.357   -5.570  -4.385  1.00 39.29  ? 571 TRP A HD1  1 
ATOM   319  H HE1  . TRP A 1 19 ? 6.366   -6.531  -5.280  1.00 38.23  ? 571 TRP A HE1  1 
ATOM   320  H HE3  . TRP A 1 19 ? 6.689   -1.452  -5.727  1.00 30.40  ? 571 TRP A HE3  1 
ATOM   321  H HZ2  . TRP A 1 19 ? 8.709   -5.640  -6.441  1.00 39.81  ? 571 TRP A HZ2  1 
ATOM   322  H HZ3  . TRP A 1 19 ? 8.786   -1.619  -6.709  1.00 35.73  ? 571 TRP A HZ3  1 
ATOM   323  H HH2  . TRP A 1 19 ? 9.779   -3.683  -7.060  1.00 40.53  ? 571 TRP A HH2  1 
ATOM   324  N N    . GLY A 1 20 ? 5.852   -0.353  -3.291  1.00 27.21  ? 572 GLY A N    1 
ATOM   325  C CA   . GLY A 1 20 ? 7.126   0.325   -3.323  1.00 23.58  ? 572 GLY A CA   1 
ATOM   326  C C    . GLY A 1 20 ? 7.595   0.610   -1.929  1.00 23.34  ? 572 GLY A C    1 
ATOM   327  O O    . GLY A 1 20 ? 8.713   0.259   -1.559  1.00 22.91  ? 572 GLY A O    1 
ATOM   328  H H    . GLY A 1 20 ? 5.209   0.118   -3.614  1.00 32.65  ? 572 GLY A H    1 
ATOM   329  H HA2  . GLY A 1 20 ? 7.784   -0.230  -3.770  1.00 28.29  ? 572 GLY A HA2  1 
ATOM   330  H HA3  . GLY A 1 20 ? 7.042   1.163   -3.804  1.00 28.29  ? 572 GLY A HA3  1 
ATOM   331  N N    . ILE A 1 21 ? 6.714   1.188   -1.129  1.00 19.85  ? 573 ILE A N    1 
ATOM   332  C CA   . ILE A 1 21 ? 7.026   1.534   0.242   1.00 23.34  ? 573 ILE A CA   1 
ATOM   333  C C    . ILE A 1 21 ? 7.413   0.313   1.075   1.00 24.67  ? 573 ILE A C    1 
ATOM   334  O O    . ILE A 1 21 ? 8.371   0.351   1.852   1.00 21.42  ? 573 ILE A O    1 
ATOM   335  C CB   . ILE A 1 21 ? 5.823   2.303   0.897   1.00 24.25  ? 573 ILE A CB   1 
ATOM   336  C CG1  . ILE A 1 21 ? 5.698   3.697   0.280   1.00 20.54  ? 573 ILE A CG1  1 
ATOM   337  C CG2  . ILE A 1 21 ? 6.029   2.451   2.397   1.00 27.74  ? 573 ILE A CG2  1 
ATOM   338  C CD1  . ILE A 1 21 ? 4.352   4.376   0.607   1.00 25.55  ? 573 ILE A CD1  1 
ATOM   339  H H    . ILE A 1 21 ? 5.912   1.393   -1.363  1.00 23.82  ? 573 ILE A H    1 
ATOM   340  H HA   . ILE A 1 21 ? 7.796   2.141   0.239   1.00 28.01  ? 573 ILE A HA   1 
ATOM   341  H HB   . ILE A 1 21 ? 5.005   1.810   0.735   1.00 29.10  ? 573 ILE A HB   1 
ATOM   342  H HG12 . ILE A 1 21 ? 6.410   4.260   0.625   1.00 24.65  ? 573 ILE A HG12 1 
ATOM   343  H HG13 . ILE A 1 21 ? 5.771   3.623   -0.684  1.00 24.65  ? 573 ILE A HG13 1 
ATOM   344  H HG21 . ILE A 1 21 ? 5.281   2.923   2.769   1.00 33.29  ? 573 ILE A HG21 1 
ATOM   345  H HG22 . ILE A 1 21 ? 6.094   1.577   2.791   1.00 33.29  ? 573 ILE A HG22 1 
ATOM   346  H HG23 . ILE A 1 21 ? 6.839   2.942   2.555   1.00 33.29  ? 573 ILE A HG23 1 
ATOM   347  H HD11 . ILE A 1 21 ? 4.332   5.244   0.195   1.00 30.66  ? 573 ILE A HD11 1 
ATOM   348  H HD12 . ILE A 1 21 ? 3.638   3.834   0.263   1.00 30.66  ? 573 ILE A HD12 1 
ATOM   349  H HD13 . ILE A 1 21 ? 4.270   4.464   1.560   1.00 30.66  ? 573 ILE A HD13 1 
ATOM   350  N N    . LYS A 1 22 ? 6.682   -0.787  0.919   1.00 21.65  ? 574 LYS A N    1 
ATOM   351  C CA   . LYS A 1 22 ? 7.017   -1.995  1.664   1.00 23.10  ? 574 LYS A CA   1 
ATOM   352  C C    . LYS A 1 22 ? 8.393   -2.582  1.265   1.00 24.68  ? 574 LYS A C    1 
ATOM   353  O O    . LYS A 1 22 ? 9.078   -3.155  2.101   1.00 23.40  ? 574 LYS A O    1 
ATOM   354  C CB   . LYS A 1 22 ? 5.941   -3.054  1.460   1.00 26.83  ? 574 LYS A CB   1 
ATOM   355  C CG   . LYS A 1 22 ? 4.559   -2.646  2.075   1.00 29.84  ? 574 LYS A CG   1 
ATOM   356  C CD   . LYS A 1 22 ? 3.479   -3.710  1.767   1.00 32.93  ? 574 LYS A CD   1 
ATOM   357  C CE   . LYS A 1 22 ? 2.296   -3.597  2.675   1.00 45.63  ? 574 LYS A CE   1 
ATOM   358  N NZ   . LYS A 1 22 ? 1.428   -4.806  2.576   1.00 53.89  ? 574 LYS A NZ   1 
ATOM   359  H H    . LYS A 1 22 ? 6.000   -0.860  0.400   1.00 25.98  ? 574 LYS A H    1 
ATOM   360  H HA   . LYS A 1 22 ? 7.048   -1.780  2.619   1.00 27.72  ? 574 LYS A HA   1 
ATOM   361  H HB2  . LYS A 1 22 ? 5.815   -3.196  0.508   1.00 32.20  ? 574 LYS A HB2  1 
ATOM   362  H HB3  . LYS A 1 22 ? 6.225   -3.879  1.883   1.00 32.20  ? 574 LYS A HB3  1 
ATOM   363  H HG2  . LYS A 1 22 ? 4.646   -2.570  3.038   1.00 35.80  ? 574 LYS A HG2  1 
ATOM   364  H HG3  . LYS A 1 22 ? 4.274   -1.802  1.694   1.00 35.80  ? 574 LYS A HG3  1 
ATOM   365  H HD2  . LYS A 1 22 ? 3.171   -3.594  0.854   1.00 39.52  ? 574 LYS A HD2  1 
ATOM   366  H HD3  . LYS A 1 22 ? 3.863   -4.594  1.879   1.00 39.52  ? 574 LYS A HD3  1 
ATOM   367  H HE2  . LYS A 1 22 ? 2.601   -3.515  3.592   1.00 54.75  ? 574 LYS A HE2  1 
ATOM   368  H HE3  . LYS A 1 22 ? 1.770   -2.822  2.424   1.00 54.75  ? 574 LYS A HE3  1 
ATOM   369  H HZ1  . LYS A 1 22 ? 0.730   -4.724  3.122   1.00 64.66  ? 574 LYS A HZ1  1 
ATOM   370  H HZ2  . LYS A 1 22 ? 1.134   -4.901  1.742   1.00 64.66  ? 574 LYS A HZ2  1 
ATOM   371  H HZ3  . LYS A 1 22 ? 1.890   -5.531  2.805   1.00 64.66  ? 574 LYS A HZ3  1 
ATOM   372  N N    . GLN A 1 23 ? 8.736   -2.505  -0.024  1.00 20.21  ? 575 GLN A N    1 
ATOM   373  C CA   . GLN A 1 23 ? 10.019  -2.951  -0.526  1.00 25.45  ? 575 GLN A CA   1 
ATOM   374  C C    . GLN A 1 23 ? 11.147  -2.100  0.116   1.00 25.30  ? 575 GLN A C    1 
ATOM   375  O O    . GLN A 1 23 ? 12.183  -2.619  0.557   1.00 23.50  ? 575 GLN A O    1 
ATOM   376  C CB   . GLN A 1 23 ? 10.093  -2.743  -2.047  1.00 27.00  ? 575 GLN A CB   1 
ATOM   377  C CG   . GLN A 1 23 ? 9.301   -3.731  -2.890  1.00 31.79  ? 575 GLN A CG   1 
ATOM   378  C CD   . GLN A 1 23 ? 9.916   -5.128  -2.919  1.00 33.06  ? 575 GLN A CD   1 
ATOM   379  O OE1  . GLN A 1 23 ? 11.131  -5.301  -3.066  1.00 32.99  ? 575 GLN A OE1  1 
ATOM   380  N NE2  . GLN A 1 23 ? 9.069   -6.121  -2.826  1.00 32.27  ? 575 GLN A NE2  1 
ATOM   381  H H    . GLN A 1 23 ? 8.221   -2.190  -0.636  1.00 24.25  ? 575 GLN A H    1 
ATOM   382  H HA   . GLN A 1 23 ? 10.162  -3.897  -0.316  1.00 30.54  ? 575 GLN A HA   1 
ATOM   383  H HB2  . GLN A 1 23 ? 9.759   -1.855  -2.251  1.00 32.40  ? 575 GLN A HB2  1 
ATOM   384  H HB3  . GLN A 1 23 ? 11.021  -2.808  -2.320  1.00 32.40  ? 575 GLN A HB3  1 
ATOM   385  H HG2  . GLN A 1 23 ? 8.405   -3.806  -2.526  1.00 38.15  ? 575 GLN A HG2  1 
ATOM   386  H HG3  . GLN A 1 23 ? 9.260   -3.403  -3.802  1.00 38.15  ? 575 GLN A HG3  1 
ATOM   387  H HE21 . GLN A 1 23 ? 8.226   -5.963  -2.754  1.00 38.73  ? 575 GLN A HE21 1 
ATOM   388  H HE22 . GLN A 1 23 ? 9.354   -6.932  -2.837  1.00 38.73  ? 575 GLN A HE22 1 
ATOM   389  N N    . LEU A 1 24 ? 10.941  -0.782  0.129   1.00 21.29  ? 576 LEU A N    1 
ATOM   390  C CA   . LEU A 1 24 ? 11.919  0.137   0.708   1.00 23.68  ? 576 LEU A CA   1 
ATOM   391  C C    . LEU A 1 24 ? 12.115  -0.076  2.203   1.00 23.55  ? 576 LEU A C    1 
ATOM   392  O O    . LEU A 1 24 ? 13.286  -0.066  2.731   1.00 22.98  ? 576 LEU A O    1 
ATOM   393  C CB   . LEU A 1 24 ? 11.542  1.592   0.395   1.00 20.93  ? 576 LEU A CB   1 
ATOM   394  C CG   . LEU A 1 24 ? 11.532  1.884   -1.119  1.00 20.76  ? 576 LEU A CG   1 
ATOM   395  C CD1  . LEU A 1 24 ? 11.084  3.305   -1.398  1.00 26.99  ? 576 LEU A CD1  1 
ATOM   396  C CD2  . LEU A 1 24 ? 12.872  1.649   -1.723  1.00 27.68  ? 576 LEU A CD2  1 
ATOM   397  H H    . LEU A 1 24 ? 10.243  -0.396  -0.192  1.00 25.55  ? 576 LEU A H    1 
ATOM   398  H HA   . LEU A 1 24 ? 12.783  -0.033  0.279   1.00 28.41  ? 576 LEU A HA   1 
ATOM   399  H HB2  . LEU A 1 24 ? 10.655  1.772   0.743   1.00 25.12  ? 576 LEU A HB2  1 
ATOM   400  H HB3  . LEU A 1 24 ? 12.189  2.183   0.811   1.00 25.12  ? 576 LEU A HB3  1 
ATOM   401  H HG   . LEU A 1 24 ? 10.903  1.284   -1.549  1.00 24.91  ? 576 LEU A HG   1 
ATOM   402  H HD11 . LEU A 1 24 ? 11.088  3.453   -2.347  1.00 32.39  ? 576 LEU A HD11 1 
ATOM   403  H HD12 . LEU A 1 24 ? 10.197  3.427   -1.051  1.00 32.39  ? 576 LEU A HD12 1 
ATOM   404  H HD13 . LEU A 1 24 ? 11.690  3.913   -0.968  1.00 32.39  ? 576 LEU A HD13 1 
ATOM   405  H HD21 . LEU A 1 24 ? 12.829  1.840   -2.662  1.00 33.21  ? 576 LEU A HD21 1 
ATOM   406  H HD22 . LEU A 1 24 ? 13.510  2.228   -1.299  1.00 33.21  ? 576 LEU A HD22 1 
ATOM   407  H HD23 . LEU A 1 24 ? 13.119  0.731   -1.586  1.00 33.21  ? 576 LEU A HD23 1 
ATOM   408  N N    . GLN A 1 25 ? 11.012  -0.246  2.911   1.00 20.96  ? 577 GLN A N    1 
ATOM   409  C CA   . GLN A 1 25 ? 11.096  -0.428  4.364   1.00 25.35  ? 577 GLN A CA   1 
ATOM   410  C C    . GLN A 1 25 ? 11.884  -1.697  4.711   1.00 25.80  ? 577 GLN A C    1 
ATOM   411  O O    . GLN A 1 25 ? 12.707  -1.652  5.629   1.00 22.01  ? 577 GLN A O    1 
ATOM   412  C CB   . GLN A 1 25 ? 9.756   -0.312  5.102   1.00 28.28  ? 577 GLN A CB   1 
ATOM   413  C CG   . GLN A 1 25 ? 9.210   -1.505  5.802   1.00 43.74  ? 577 GLN A CG   1 
ATOM   414  C CD   . GLN A 1 25 ? 9.944   -1.986  7.050   1.00 36.00  ? 577 GLN A CD   1 
ATOM   415  O OE1  . GLN A 1 25 ? 10.545  -1.221  7.860   1.00 38.96  ? 577 GLN A OE1  1 
ATOM   416  N NE2  . GLN A 1 25 ? 9.901   -3.300  7.216   1.00 56.33  ? 577 GLN A NE2  1 
ATOM   417  H H    . GLN A 1 25 ? 10.214  -0.260  2.590   1.00 25.15  ? 577 GLN A H    1 
ATOM   418  H HA   . GLN A 1 25 ? 11.639  0.314   4.702   1.00 30.41  ? 577 GLN A HA   1 
ATOM   419  H HB2  . GLN A 1 25 ? 9.847   0.385   5.771   1.00 33.94  ? 577 GLN A HB2  1 
ATOM   420  H HB3  . GLN A 1 25 ? 9.086   -0.038  4.455   1.00 33.94  ? 577 GLN A HB3  1 
ATOM   421  H HG2  . GLN A 1 25 ? 8.299   -1.307  6.068   1.00 52.49  ? 577 GLN A HG2  1 
ATOM   422  H HG3  . GLN A 1 25 ? 9.205   -2.244  5.174   1.00 52.49  ? 577 GLN A HG3  1 
ATOM   423  H HE21 . GLN A 1 25 ? 9.485   -3.791  6.645   1.00 67.59  ? 577 GLN A HE21 1 
ATOM   424  H HE22 . GLN A 1 25 ? 10.288  -3.661  7.894   1.00 67.59  ? 577 GLN A HE22 1 
ATOM   425  N N    . ALA A 1 26 ? 11.674  -2.786  3.970   1.00 21.85  ? 578 ALA A N    1 
ATOM   426  C CA   . ALA A 1 26 ? 12.424  -4.010  4.219   1.00 23.21  ? 578 ALA A CA   1 
ATOM   427  C C    . ALA A 1 26 ? 13.899  -3.800  3.951   1.00 22.90  ? 578 ALA A C    1 
ATOM   428  O O    . ALA A 1 26 ? 14.758  -4.296  4.668   1.00 20.60  ? 578 ALA A O    1 
ATOM   429  C CB   . ALA A 1 26 ? 11.862  -5.245  3.347   1.00 21.89  ? 578 ALA A CB   1 
ATOM   430  H H    . ALA A 1 26 ? 11.109  -2.839  3.324   1.00 26.21  ? 578 ALA A H    1 
ATOM   431  H HA   . ALA A 1 26 ? 12.326  -4.248  5.165   1.00 27.85  ? 578 ALA A HA   1 
ATOM   432  H HB1  . ALA A 1 26 ? 12.383  -6.027  3.542   1.00 26.27  ? 578 ALA A HB1  1 
ATOM   433  H HB2  . ALA A 1 26 ? 10.943  -5.397  3.578   1.00 26.27  ? 578 ALA A HB2  1 
ATOM   434  H HB3  . ALA A 1 26 ? 11.935  -5.027  2.415   1.00 26.27  ? 578 ALA A HB3  1 
ATOM   435  N N    . ARG A 1 27 ? 14.199  -3.063  2.888   1.00 24.38  ? 579 ARG A N    1 
ATOM   436  C CA   . ARG A 1 27 ? 15.577  -2.855  2.504   1.00 23.43  ? 579 ARG A CA   1 
ATOM   437  C C    . ARG A 1 27 ? 16.297  -1.929  3.464   1.00 20.55  ? 579 ARG A C    1 
ATOM   438  O O    . ARG A 1 27 ? 17.461  -2.151  3.790   1.00 19.11  ? 579 ARG A O    1 
ATOM   439  C CB   . ARG A 1 27 ? 15.649  -2.289  1.079   1.00 19.25  ? 579 ARG A CB   1 
ATOM   440  C CG   . ARG A 1 27 ? 15.477  -3.367  -0.018  1.00 22.69  ? 579 ARG A CG   1 
ATOM   441  C CD   . ARG A 1 27 ? 16.431  -2.882  -1.152  1.00 39.67  ? 579 ARG A CD   1 
ATOM   442  N NE   . ARG A 1 27 ? 15.652  -2.327  -2.174  1.00 36.05  ? 579 ARG A NE   1 
ATOM   443  C CZ   . ARG A 1 27 ? 16.002  -1.512  -3.158  1.00 30.09  ? 579 ARG A CZ   1 
ATOM   444  N NH1  . ARG A 1 27 ? 17.220  -1.055  -3.392  1.00 25.77  ? 579 ARG A NH1  1 
ATOM   445  N NH2  . ARG A 1 27 ? 15.003  -1.183  -3.958  1.00 26.27  ? 579 ARG A NH2  1 
ATOM   446  H H    . ARG A 1 27 ? 13.623  -2.678  2.378   1.00 29.25  ? 579 ARG A H    1 
ATOM   447  H HA   . ARG A 1 27 ? 16.042  -3.718  2.510   1.00 28.11  ? 579 ARG A HA   1 
ATOM   448  H HB2  . ARG A 1 27 ? 14.944  -1.633  0.966   1.00 23.09  ? 579 ARG A HB2  1 
ATOM   449  H HB3  . ARG A 1 27 ? 16.515  -1.871  0.951   1.00 23.09  ? 579 ARG A HB3  1 
ATOM   450  H HG2  . ARG A 1 27 ? 15.764  -4.235  0.304   1.00 27.23  ? 579 ARG A HG2  1 
ATOM   451  H HG3  . ARG A 1 27 ? 14.563  -3.385  -0.343  1.00 27.23  ? 579 ARG A HG3  1 
ATOM   452  H HD2  . ARG A 1 27 ? 17.031  -2.201  -0.810  1.00 47.60  ? 579 ARG A HD2  1 
ATOM   453  H HD3  . ARG A 1 27 ? 16.927  -3.634  -1.510  1.00 47.60  ? 579 ARG A HD3  1 
ATOM   454  H HE   . ARG A 1 27 ? 14.821  -2.548  -2.162  1.00 43.26  ? 579 ARG A HE   1 
ATOM   455  H HH11 . ARG A 1 27 ? 17.868  -1.274  -2.872  1.00 30.93  ? 579 ARG A HH11 1 
ATOM   456  H HH12 . ARG A 1 27 ? 17.361  -0.530  -4.059  1.00 30.93  ? 579 ARG A HH12 1 
ATOM   457  H HH21 . ARG A 1 27 ? 14.212  -1.484  -3.804  1.00 31.52  ? 579 ARG A HH21 1 
ATOM   458  H HH22 . ARG A 1 27 ? 15.140  -0.658  -4.625  1.00 31.52  ? 579 ARG A HH22 1 
ATOM   459  N N    . ILE A 1 28 ? 15.637  -0.878  3.922   1.00 21.05  ? 580 ILE A N    1 
ATOM   460  C CA   . ILE A 1 28 ? 16.304  0.025   4.874   1.00 24.64  ? 580 ILE A CA   1 
ATOM   461  C C    . ILE A 1 28 ? 16.585  -0.700  6.186   1.00 22.62  ? 580 ILE A C    1 
ATOM   462  O O    . ILE A 1 28 ? 17.607  -0.488  6.793   1.00 20.28  ? 580 ILE A O    1 
ATOM   463  C CB   . ILE A 1 28 ? 15.496  1.332   5.155   1.00 23.51  ? 580 ILE A CB   1 
ATOM   464  C CG1  . ILE A 1 28 ? 16.227  2.312   6.081   1.00 26.97  ? 580 ILE A CG1  1 
ATOM   465  C CG2  . ILE A 1 28 ? 14.211  1.048   5.848   1.00 35.96  ? 580 ILE A CG2  1 
ATOM   466  C CD1  . ILE A 1 28 ? 17.624  2.653   5.597   1.00 32.17  ? 580 ILE A CD1  1 
ATOM   467  H H    . ILE A 1 28 ? 14.832  -0.661  3.712   1.00 25.26  ? 580 ILE A H    1 
ATOM   468  H HA   . ILE A 1 28 ? 17.167  0.290   4.494   1.00 29.57  ? 580 ILE A HA   1 
ATOM   469  H HB   . ILE A 1 28 ? 15.308  1.775   4.312   1.00 28.21  ? 580 ILE A HB   1 
ATOM   470  H HG12 . ILE A 1 28 ? 15.718  3.136   6.132   1.00 32.36  ? 580 ILE A HG12 1 
ATOM   471  H HG13 . ILE A 1 28 ? 16.303  1.914   6.961   1.00 32.36  ? 580 ILE A HG13 1 
ATOM   472  H HG21 . ILE A 1 28 ? 14.397  0.618   6.686   1.00 43.15  ? 580 ILE A HG21 1 
ATOM   473  H HG22 . ILE A 1 28 ? 13.748  1.875   6.000   1.00 43.15  ? 580 ILE A HG22 1 
ATOM   474  H HG23 . ILE A 1 28 ? 13.679  0.472   5.294   1.00 43.15  ? 580 ILE A HG23 1 
ATOM   475  H HD11 . ILE A 1 28 ? 18.027  3.266   6.215   1.00 38.61  ? 580 ILE A HD11 1 
ATOM   476  H HD12 . ILE A 1 28 ? 18.143  1.847   5.549   1.00 38.61  ? 580 ILE A HD12 1 
ATOM   477  H HD13 . ILE A 1 28 ? 17.564  3.055   4.728   1.00 38.61  ? 580 ILE A HD13 1 
ATOM   478  N N    . LEU A 1 29 ? 15.637  -1.504  6.637   1.00 21.98  ? 581 LEU A N    1 
ATOM   479  C CA   . LEU A 1 29 ? 15.776  -2.277  7.877   1.00 20.21  ? 581 LEU A CA   1 
ATOM   480  C C    . LEU A 1 29 ? 16.915  -3.270  7.769   1.00 17.84  ? 581 LEU A C    1 
ATOM   481  O O    . LEU A 1 29 ? 17.721  -3.404  8.708   1.00 20.65  ? 581 LEU A O    1 
ATOM   482  C CB   . LEU A 1 29 ? 14.450  -3.014  8.139   1.00 18.31  ? 581 LEU A CB   1 
ATOM   483  C CG   . LEU A 1 29 ? 14.312  -3.938  9.368   1.00 18.79  ? 581 LEU A CG   1 
ATOM   484  C CD1  . LEU A 1 29 ? 14.625  -3.165  10.659  1.00 24.05  ? 581 LEU A CD1  1 
ATOM   485  C CD2  . LEU A 1 29 ? 12.828  -4.562  9.389   1.00 27.25  ? 581 LEU A CD2  1 
ATOM   486  H H    . LEU A 1 29 ? 14.885  -1.626  6.238   1.00 26.37  ? 581 LEU A H    1 
ATOM   487  H HA   . LEU A 1 29 ? 15.955  -1.671  8.627   1.00 24.25  ? 581 LEU A HA   1 
ATOM   488  H HB2  . LEU A 1 29 ? 13.755  -2.342  8.220   1.00 21.98  ? 581 LEU A HB2  1 
ATOM   489  H HB3  . LEU A 1 29 ? 14.263  -3.562  7.360   1.00 21.98  ? 581 LEU A HB3  1 
ATOM   490  H HG   . LEU A 1 29 ? 14.946  -4.668  9.291   1.00 22.54  ? 581 LEU A HG   1 
ATOM   491  H HD11 . LEU A 1 29 ? 14.533  -3.758  11.408  1.00 28.86  ? 581 LEU A HD11 1 
ATOM   492  H HD12 . LEU A 1 29 ? 15.524  -2.831  10.613  1.00 28.86  ? 581 LEU A HD12 1 
ATOM   493  H HD13 . LEU A 1 29 ? 14.008  -2.433  10.743  1.00 28.86  ? 581 LEU A HD13 1 
ATOM   494  H HD21 . LEU A 1 29 ? 12.741  -5.136  10.152  1.00 32.70  ? 581 LEU A HD21 1 
ATOM   495  H HD22 . LEU A 1 29 ? 12.190  -3.846  9.443   1.00 32.70  ? 581 LEU A HD22 1 
ATOM   496  H HD23 . LEU A 1 29 ? 12.689  -5.064  8.582   1.00 32.70  ? 581 LEU A HD23 1 
ATOM   497  N N    . ALA A 1 30 ? 17.048  -3.919  6.611   1.00 19.16  ? 582 ALA A N    1 
ATOM   498  C CA   . ALA A 1 30 ? 18.165  -4.827  6.408   1.00 19.12  ? 582 ALA A CA   1 
ATOM   499  C C    . ALA A 1 30 ? 19.520  -4.073  6.530   1.00 22.90  ? 582 ALA A C    1 
ATOM   500  O O    . ALA A 1 30 ? 20.484  -4.610  7.072   1.00 20.43  ? 582 ALA A O    1 
ATOM   501  C CB   . ALA A 1 30 ? 18.083  -5.546  5.038   1.00 18.62  ? 582 ALA A CB   1 
ATOM   502  H H    . ALA A 1 30 ? 16.514  -3.850  5.942   1.00 22.99  ? 582 ALA A H    1 
ATOM   503  H HA   . ALA A 1 30 ? 18.142  -5.513  7.107   1.00 22.95  ? 582 ALA A HA   1 
ATOM   504  H HB1  . ALA A 1 30 ? 18.838  -6.133  4.948   1.00 22.34  ? 582 ALA A HB1  1 
ATOM   505  H HB2  . ALA A 1 30 ? 17.269  -6.053  4.998   1.00 22.34  ? 582 ALA A HB2  1 
ATOM   506  H HB3  . ALA A 1 30 ? 18.094  -4.888  4.338   1.00 22.34  ? 582 ALA A HB3  1 
ATOM   507  N N    . VAL A 1 31 ? 19.614  -2.878  5.961   1.00 19.80  ? 583 VAL A N    1 
ATOM   508  C CA   . VAL A 1 31 ? 20.813  -2.074  6.070   1.00 21.43  ? 583 VAL A CA   1 
ATOM   509  C C    . VAL A 1 31 ? 21.073  -1.639  7.562   1.00 21.08  ? 583 VAL A C    1 
ATOM   510  O O    . VAL A 1 31 ? 22.190  -1.747  8.056   1.00 20.13  ? 583 VAL A O    1 
ATOM   511  C CB   . VAL A 1 31 ? 20.716  -0.823  5.136   1.00 20.07  ? 583 VAL A CB   1 
ATOM   512  C CG1  . VAL A 1 31 ? 21.744  0.269   5.557   1.00 21.36  ? 583 VAL A CG1  1 
ATOM   513  C CG2  . VAL A 1 31 ? 20.982  -1.239  3.698   1.00 19.07  ? 583 VAL A CG2  1 
ATOM   514  H H    . VAL A 1 31 ? 18.986  -2.509  5.501   1.00 23.76  ? 583 VAL A H    1 
ATOM   515  H HA   . VAL A 1 31 ? 21.579  -2.608  5.776   1.00 25.72  ? 583 VAL A HA   1 
ATOM   516  H HB   . VAL A 1 31 ? 19.815  -0.441  5.190   1.00 24.08  ? 583 VAL A HB   1 
ATOM   517  H HG11 . VAL A 1 31 ? 21.661  1.022   4.967   1.00 25.63  ? 583 VAL A HG11 1 
ATOM   518  H HG12 . VAL A 1 31 ? 21.561  0.539   6.460   1.00 25.63  ? 583 VAL A HG12 1 
ATOM   519  H HG13 . VAL A 1 31 ? 22.631  -0.096  5.498   1.00 25.63  ? 583 VAL A HG13 1 
ATOM   520  H HG21 . VAL A 1 31 ? 20.920  -0.465  3.133   1.00 22.88  ? 583 VAL A HG21 1 
ATOM   521  H HG22 . VAL A 1 31 ? 21.862  -1.617  3.640   1.00 22.88  ? 583 VAL A HG22 1 
ATOM   522  H HG23 . VAL A 1 31 ? 20.327  -1.889  3.435   1.00 22.88  ? 583 VAL A HG23 1 
ATOM   523  N N    . GLU A 1 32 ? 20.031  -1.180  8.263   1.00 18.24  ? 584 GLU A N    1 
ATOM   524  C CA   . GLU A 1 32 ? 20.174  -0.773  9.688   1.00 20.29  ? 584 GLU A CA   1 
ATOM   525  C C    . GLU A 1 32 ? 20.681  -1.965  10.483  1.00 21.91  ? 584 GLU A C    1 
ATOM   526  O O    . GLU A 1 32 ? 21.573  -1.858  11.301  1.00 18.86  ? 584 GLU A O    1 
ATOM   527  C CB   . GLU A 1 32 ? 18.816  -0.284  10.268  1.00 25.42  ? 584 GLU A CB   1 
ATOM   528  C CG   . GLU A 1 32 ? 18.256  1.014   9.615   1.00 22.51  ? 584 GLU A CG   1 
ATOM   529  C CD   . GLU A 1 32 ? 16.774  1.285   9.939   1.00 23.78  ? 584 GLU A CD   1 
ATOM   530  O OE1  . GLU A 1 32 ? 16.356  2.456   10.004  1.00 24.08  ? 584 GLU A OE1  1 
ATOM   531  O OE2  . GLU A 1 32 ? 16.011  0.317   10.098  1.00 24.12  ? 584 GLU A OE2  1 
ATOM   532  H H    . GLU A 1 32 ? 19.236  -1.091  7.950   1.00 21.89  ? 584 GLU A H    1 
ATOM   533  H HA   . GLU A 1 32 ? 20.827  -0.045  9.760   1.00 24.35  ? 584 GLU A HA   1 
ATOM   534  H HB2  . GLU A 1 32 ? 18.157  -0.984  10.142  1.00 30.51  ? 584 GLU A HB2  1 
ATOM   535  H HB3  . GLU A 1 32 ? 18.929  -0.111  11.215  1.00 30.51  ? 584 GLU A HB3  1 
ATOM   536  H HG2  . GLU A 1 32 ? 18.772  1.771   9.933   1.00 27.02  ? 584 GLU A HG2  1 
ATOM   537  H HG3  . GLU A 1 32 ? 18.339  0.940   8.651   1.00 27.02  ? 584 GLU A HG3  1 
ATOM   538  N N    . ARG A 1 33 ? 20.141  -3.143  10.196  1.00 19.60  ? 585 ARG A N    1 
ATOM   539  C CA   . ARG A 1 33 ? 20.550  -4.340  10.918  1.00 20.16  ? 585 ARG A CA   1 
ATOM   540  C C    . ARG A 1 33 ? 21.993  -4.754  10.602  1.00 23.20  ? 585 ARG A C    1 
ATOM   541  O O    . ARG A 1 33 ? 22.725  -5.193  11.489  1.00 22.49  ? 585 ARG A O    1 
ATOM   542  C CB   . ARG A 1 33 ? 19.621  -5.476  10.578  1.00 20.63  ? 585 ARG A CB   1 
ATOM   543  C CG   . ARG A 1 33 ? 18.299  -5.417  11.380  1.00 19.21  ? 585 ARG A CG   1 
ATOM   544  C CD   . ARG A 1 33 ? 17.298  -6.434  10.883  1.00 23.61  ? 585 ARG A CD   1 
ATOM   545  N NE   . ARG A 1 33 ? 16.096  -6.428  11.755  1.00 20.33  ? 585 ARG A NE   1 
ATOM   546  C CZ   . ARG A 1 33 ? 14.914  -6.937  11.426  1.00 21.63  ? 585 ARG A CZ   1 
ATOM   547  N NH1  . ARG A 1 33 ? 14.733  -7.503  10.241  1.00 17.57  ? 585 ARG A NH1  1 
ATOM   548  N NH2  . ARG A 1 33 ? 13.904  -6.871  12.290  1.00 23.80  ? 585 ARG A NH2  1 
ATOM   549  H H    . ARG A 1 33 ? 19.541  -3.275  9.595   1.00 23.52  ? 585 ARG A H    1 
ATOM   550  H HA   . ARG A 1 33 ? 20.486  -4.171  11.880  1.00 24.20  ? 585 ARG A HA   1 
ATOM   551  H HB2  . ARG A 1 33 ? 19.402  -5.436  9.634   1.00 24.76  ? 585 ARG A HB2  1 
ATOM   552  H HB3  . ARG A 1 33 ? 20.059  -6.317  10.783  1.00 24.76  ? 585 ARG A HB3  1 
ATOM   553  H HG2  . ARG A 1 33 ? 18.483  -5.603  12.314  1.00 23.06  ? 585 ARG A HG2  1 
ATOM   554  H HG3  . ARG A 1 33 ? 17.907  -4.535  11.286  1.00 23.06  ? 585 ARG A HG3  1 
ATOM   555  H HD2  . ARG A 1 33 ? 17.026  -6.208  9.980   1.00 28.33  ? 585 ARG A HD2  1 
ATOM   556  H HD3  . ARG A 1 33 ? 17.693  -7.319  10.908  1.00 28.33  ? 585 ARG A HD3  1 
ATOM   557  H HE   . ARG A 1 33 ? 16.170  -6.068  12.532  1.00 24.39  ? 585 ARG A HE   1 
ATOM   558  H HH11 . ARG A 1 33 ? 15.385  -7.546  9.681   1.00 21.09  ? 585 ARG A HH11 1 
ATOM   559  H HH12 . ARG A 1 33 ? 13.966  -7.830  10.033  1.00 21.09  ? 585 ARG A HH12 1 
ATOM   560  H HH21 . ARG A 1 33 ? 14.020  -6.503  13.059  1.00 28.57  ? 585 ARG A HH21 1 
ATOM   561  H HH22 . ARG A 1 33 ? 13.137  -7.199  12.082  1.00 28.57  ? 585 ARG A HH22 1 
ATOM   562  N N    . TYR A 1 34 ? 22.371  -4.676  9.333   1.00 19.88  ? 586 TYR A N    1 
ATOM   563  C CA   . TYR A 1 34 ? 23.743  -4.905  8.918   1.00 21.76  ? 586 TYR A CA   1 
ATOM   564  C C    . TYR A 1 34 ? 24.706  -3.959  9.667   1.00 25.34  ? 586 TYR A C    1 
ATOM   565  O O    . TYR A 1 34 ? 25.741  -4.376  10.189  1.00 21.49  ? 586 TYR A O    1 
ATOM   566  C CB   . TYR A 1 34 ? 23.847  -4.733  7.405   1.00 25.92  ? 586 TYR A CB   1 
ATOM   567  C CG   . TYR A 1 34 ? 25.251  -4.880  6.877   1.00 25.68  ? 586 TYR A CG   1 
ATOM   568  C CD1  . TYR A 1 34 ? 25.820  -6.153  6.654   1.00 34.17  ? 586 TYR A CD1  1 
ATOM   569  C CD2  . TYR A 1 34 ? 26.025  -3.749  6.619   1.00 23.74  ? 586 TYR A CD2  1 
ATOM   570  C CE1  . TYR A 1 34 ? 27.144  -6.289  6.181   1.00 35.07  ? 586 TYR A CE1  1 
ATOM   571  C CE2  . TYR A 1 34 ? 27.339  -3.860  6.144   1.00 28.75  ? 586 TYR A CE2  1 
ATOM   572  C CZ   . TYR A 1 34 ? 27.897  -5.120  5.928   1.00 39.56  ? 586 TYR A CZ   1 
ATOM   573  O OH   . TYR A 1 34 ? 29.200  -5.173  5.461   1.00 40.30  ? 586 TYR A OH   1 
ATOM   574  H H    . TYR A 1 34 ? 21.839  -4.490  8.683   1.00 23.85  ? 586 TYR A H    1 
ATOM   575  H HA   . TYR A 1 34 ? 23.993  -5.826  9.137   1.00 26.11  ? 586 TYR A HA   1 
ATOM   576  H HB2  . TYR A 1 34 ? 23.295  -5.404  6.975   1.00 31.11  ? 586 TYR A HB2  1 
ATOM   577  H HB3  . TYR A 1 34 ? 23.532  -3.846  7.168   1.00 31.11  ? 586 TYR A HB3  1 
ATOM   578  H HD1  . TYR A 1 34 ? 25.317  -6.915  6.828   1.00 41.00  ? 586 TYR A HD1  1 
ATOM   579  H HD2  . TYR A 1 34 ? 25.663  -2.905  6.766   1.00 28.49  ? 586 TYR A HD2  1 
ATOM   580  H HE1  . TYR A 1 34 ? 27.511  -7.131  6.034   1.00 42.09  ? 586 TYR A HE1  1 
ATOM   581  H HE2  . TYR A 1 34 ? 27.840  -3.095  5.979   1.00 34.50  ? 586 TYR A HE2  1 
ATOM   582  H HH   . TYR A 1 34 ? 29.703  -4.806  5.995   1.00 48.35  ? 586 TYR A HH   1 
ATOM   583  N N    . LEU A 1 35 ? 24.357  -2.686  9.756   1.00 20.20  ? 587 LEU A N    1 
ATOM   584  C CA   . LEU A 1 35 ? 25.255  -1.726  10.408  1.00 20.61  ? 587 LEU A CA   1 
ATOM   585  C C    . LEU A 1 35 ? 25.366  -2.045  11.906  1.00 27.24  ? 587 LEU A C    1 
ATOM   586  O O    . LEU A 1 35 ? 26.451  -2.022  12.497  1.00 23.70  ? 587 LEU A O    1 
ATOM   587  C CB   . LEU A 1 35 ? 24.798  -0.297  10.150  1.00 18.24  ? 587 LEU A CB   1 
ATOM   588  C CG   . LEU A 1 35 ? 25.029  0.042   8.667   1.00 17.10  ? 587 LEU A CG   1 
ATOM   589  C CD1  . LEU A 1 35 ? 24.486  1.433   8.393   1.00 23.62  ? 587 LEU A CD1  1 
ATOM   590  C CD2  . LEU A 1 35 ? 26.538  -0.072  8.280   1.00 26.55  ? 587 LEU A CD2  1 
ATOM   591  H H    . LEU A 1 35 ? 23.624  -2.350  9.456   1.00 24.24  ? 587 LEU A H    1 
ATOM   592  H HA   . LEU A 1 35 ? 26.149  -1.824  10.020  1.00 24.73  ? 587 LEU A HA   1 
ATOM   593  H HB2  . LEU A 1 35 ? 23.851  -0.215  10.345  1.00 21.89  ? 587 LEU A HB2  1 
ATOM   594  H HB3  . LEU A 1 35 ? 25.316  0.316   10.694  1.00 21.89  ? 587 LEU A HB3  1 
ATOM   595  H HG   . LEU A 1 35 ? 24.532  -0.586  8.119   1.00 20.52  ? 587 LEU A HG   1 
ATOM   596  H HD11 . LEU A 1 35 ? 24.629  1.647   7.468   1.00 28.35  ? 587 LEU A HD11 1 
ATOM   597  H HD12 . LEU A 1 35 ? 23.546  1.446   8.592   1.00 28.35  ? 587 LEU A HD12 1 
ATOM   598  H HD13 . LEU A 1 35 ? 24.947  2.064   8.951   1.00 28.35  ? 587 LEU A HD13 1 
ATOM   599  H HD21 . LEU A 1 35 ? 26.640  0.147   7.351   1.00 31.86  ? 587 LEU A HD21 1 
ATOM   600  H HD22 . LEU A 1 35 ? 27.045  0.541   8.818   1.00 31.86  ? 587 LEU A HD22 1 
ATOM   601  H HD23 . LEU A 1 35 ? 26.834  -0.971  8.440   1.00 31.86  ? 587 LEU A HD23 1 
ATOM   602  N N    . LYS A 1 36 ? 24.242  -2.396  12.500  1.00 23.65  ? 588 LYS A N    1 
ATOM   603  C CA   . LYS A 1 36 ? 24.209  -2.764  13.910  1.00 26.68  ? 588 LYS A CA   1 
ATOM   604  C C    . LYS A 1 36 ? 25.049  -3.990  14.167  1.00 33.99  ? 588 LYS A C    1 
ATOM   605  O O    . LYS A 1 36 ? 25.802  -4.018  15.142  1.00 26.89  ? 588 LYS A O    1 
ATOM   606  C CB   . LYS A 1 36 ? 22.768  -3.033  14.345  1.00 35.56  ? 588 LYS A CB   1 
ATOM   607  C CG   . LYS A 1 36 ? 22.624  -3.645  15.736  1.00 45.09  ? 588 LYS A CG   1 
ATOM   608  C CD   . LYS A 1 36 ? 21.133  -3.907  16.054  1.00 51.97  ? 588 LYS A CD   1 
ATOM   609  C CE   . LYS A 1 36 ? 20.906  -4.251  17.533  1.00 61.34  ? 588 LYS A CE   1 
ATOM   610  N NZ   . LYS A 1 36 ? 19.453  -4.137  17.919  1.00 45.97  ? 588 LYS A NZ   1 
ATOM   611  H H    . LYS A 1 36 ? 23.476  -2.432  12.110  1.00 28.38  ? 588 LYS A H    1 
ATOM   612  H HA   . LYS A 1 36 ? 24.563  -2.026  14.447  1.00 32.02  ? 588 LYS A HA   1 
ATOM   613  H HB2  . LYS A 1 36 ? 22.282  -2.193  14.342  1.00 42.67  ? 588 LYS A HB2  1 
ATOM   614  H HB3  . LYS A 1 36 ? 22.362  -3.645  13.711  1.00 42.67  ? 588 LYS A HB3  1 
ATOM   615  H HG2  . LYS A 1 36 ? 23.098  -4.491  15.769  1.00 54.11  ? 588 LYS A HG2  1 
ATOM   616  H HG3  . LYS A 1 36 ? 22.976  -3.032  16.399  1.00 54.11  ? 588 LYS A HG3  1 
ATOM   617  H HD2  . LYS A 1 36 ? 20.619  -3.111  15.847  1.00 62.37  ? 588 LYS A HD2  1 
ATOM   618  H HD3  . LYS A 1 36 ? 20.821  -4.654  15.520  1.00 62.37  ? 588 LYS A HD3  1 
ATOM   619  H HE2  . LYS A 1 36 ? 21.191  -5.163  17.696  1.00 73.61  ? 588 LYS A HE2  1 
ATOM   620  H HE3  . LYS A 1 36 ? 21.415  -3.637  18.085  1.00 73.61  ? 588 LYS A HE3  1 
ATOM   621  H HZ1  . LYS A 1 36 ? 19.351  -4.341  18.780  1.00 55.16  ? 588 LYS A HZ1  1 
ATOM   622  H HZ2  . LYS A 1 36 ? 19.166  -3.305  17.784  1.00 55.16  ? 588 LYS A HZ2  1 
ATOM   623  H HZ3  . LYS A 1 36 ? 18.963  -4.695  17.430  1.00 55.16  ? 588 LYS A HZ3  1 
ATOM   624  N N    . ASP A 1 37 ? 24.934  -4.999  13.296  1.00 28.60  ? 589 ASP A N    1 
ATOM   625  C CA   . ASP A 1 37 ? 25.706  -6.231  13.475  1.00 31.00  ? 589 ASP A CA   1 
ATOM   626  C C    . ASP A 1 37 ? 27.206  -6.047  13.243  1.00 38.39  ? 589 ASP A C    1 
ATOM   627  O O    . ASP A 1 37 ? 27.978  -6.844  13.730  1.00 29.79  ? 589 ASP A O    1 
ATOM   628  C CB   . ASP A 1 37 ? 25.229  -7.350  12.535  1.00 27.16  ? 589 ASP A CB   1 
ATOM   629  C CG   . ASP A 1 37 ? 23.745  -7.725  12.763  1.00 28.32  ? 589 ASP A CG   1 
ATOM   630  O OD1  . ASP A 1 37 ? 23.175  -7.319  13.792  1.00 23.27  ? 589 ASP A OD1  1 
ATOM   631  O OD2  . ASP A 1 37 ? 23.172  -8.394  11.892  1.00 25.42  ? 589 ASP A OD2  1 
ATOM   632  H H    . ASP A 1 37 ? 24.423  -4.995  12.605  1.00 34.33  ? 589 ASP A H    1 
ATOM   633  H HA   . ASP A 1 37 ? 25.586  -6.545  14.397  1.00 37.20  ? 589 ASP A HA   1 
ATOM   634  H HB2  . ASP A 1 37 ? 25.327  -7.055  11.616  1.00 32.59  ? 589 ASP A HB2  1 
ATOM   635  H HB3  . ASP A 1 37 ? 25.766  -8.143  12.689  1.00 32.59  ? 589 ASP A HB3  1 
ATOM   636  N N    . GLN A 1 38 ? 27.610  -5.056  12.452  1.00 32.45  ? 590 GLN A N    1 
ATOM   637  C CA   . GLN A 1 38 ? 29.040  -4.808  12.216  1.00 39.49  ? 590 GLN A CA   1 
ATOM   638  C C    . GLN A 1 38 ? 29.728  -4.297  13.483  1.00 45.48  ? 590 GLN A C    1 
ATOM   639  O O    . GLN A 1 38 ? 30.897  -4.583  13.726  1.00 50.00  ? 590 GLN A O    1 
ATOM   640  C CB   . GLN A 1 38 ? 29.214  -3.690  11.224  1.00 41.74  ? 590 GLN A CB   1 
ATOM   641  C CG   . GLN A 1 38 ? 29.189  -3.984  9.784   1.00 33.11  ? 590 GLN A CG   1 
ATOM   642  C CD   . GLN A 1 38 ? 29.857  -2.824  9.085   1.00 44.96  ? 590 GLN A CD   1 
ATOM   643  O OE1  . GLN A 1 38 ? 29.573  -1.656  9.405   1.00 50.63  ? 590 GLN A OE1  1 
ATOM   644  N NE2  . GLN A 1 38 ? 30.813  -3.117  8.215   1.00 58.47  ? 590 GLN A NE2  1 
ATOM   645  H H    . GLN A 1 38 ? 27.085  -4.515  12.039  1.00 38.94  ? 590 GLN A H    1 
ATOM   646  H HA   . GLN A 1 38 ? 29.490  -5.617  11.894  1.00 47.38  ? 590 GLN A HA   1 
ATOM   647  H HB2  . GLN A 1 38 ? 28.510  -3.044  11.386  1.00 50.08  ? 590 GLN A HB2  1 
ATOM   648  H HB3  . GLN A 1 38 ? 30.070  -3.270  11.404  1.00 50.08  ? 590 GLN A HB3  1 
ATOM   649  H HG2  . GLN A 1 38 ? 29.689  -4.796  9.600   1.00 39.73  ? 590 GLN A HG2  1 
ATOM   650  H HG3  . GLN A 1 38 ? 28.274  -4.058  9.474   1.00 39.73  ? 590 GLN A HG3  1 
ATOM   651  H HE21 . GLN A 1 38 ? 31.026  -3.937  8.070   1.00 70.17  ? 590 GLN A HE21 1 
ATOM   652  H HE22 . GLN A 1 38 ? 31.220  -2.486  7.794   1.00 70.17  ? 590 GLN A HE22 1 
HETATM 653  N N    . NH2 A 1 39 ? 29.007  -3.497  14.260  1.00 41.35  ? 591 NH2 A N    1 
HETATM 654  C C    . ACE B 2 1  ? 3.917   0.614   12.622  1.00 43.90  ? 627 ACE B C    1 
HETATM 655  O O    . ACE B 2 1  ? 2.845   0.994   12.103  1.00 41.48  ? 627 ACE B O    1 
HETATM 656  C CH3  . ACE B 2 1  ? 4.319   1.121   14.007  1.00 41.13  ? 627 ACE B CH3  1 
ATOM   657  N N    . TRP B 2 2  ? 4.771   -0.243  12.047  1.00 36.41  ? 628 TRP B N    1 
ATOM   658  C CA   . TRP B 2 2  ? 4.578   -0.782  10.699  1.00 45.40  ? 628 TRP B CA   1 
ATOM   659  C C    . TRP B 2 2  ? 3.586   -1.944  10.626  1.00 51.22  ? 628 TRP B C    1 
ATOM   660  O O    . TRP B 2 2  ? 3.072   -2.262  9.548   1.00 40.03  ? 628 TRP B O    1 
ATOM   661  C CB   . TRP B 2 2  ? 5.897   -1.227  10.076  1.00 33.55  ? 628 TRP B CB   1 
ATOM   662  C CG   . TRP B 2 2  ? 6.738   -0.040  9.618   1.00 41.94  ? 628 TRP B CG   1 
ATOM   663  C CD1  . TRP B 2 2  ? 7.709   0.602   10.328  1.00 37.73  ? 628 TRP B CD1  1 
ATOM   664  C CD2  . TRP B 2 2  ? 6.628   0.664   8.363   1.00 28.19  ? 628 TRP B CD2  1 
ATOM   665  N NE1  . TRP B 2 2  ? 8.214   1.669   9.589   1.00 34.28  ? 628 TRP B NE1  1 
ATOM   666  C CE2  . TRP B 2 2  ? 7.561   1.728   8.391   1.00 27.90  ? 628 TRP B CE2  1 
ATOM   667  C CE3  . TRP B 2 2  ? 5.831   0.501   7.234   1.00 32.14  ? 628 TRP B CE3  1 
ATOM   668  C CZ2  . TRP B 2 2  ? 7.724   2.604   7.325   1.00 27.25  ? 628 TRP B CZ2  1 
ATOM   669  C CZ3  . TRP B 2 2  ? 5.993   1.376   6.178   1.00 35.96  ? 628 TRP B CZ3  1 
ATOM   670  C CH2  . TRP B 2 2  ? 6.928   2.417   6.236   1.00 31.48  ? 628 TRP B CH2  1 
ATOM   671  H H    . TRP B 2 2  ? 5.485   -0.531  12.430  1.00 43.69  ? 628 TRP B H    1 
ATOM   672  H HA   . TRP B 2 2  ? 4.222   -0.065  10.135  1.00 54.48  ? 628 TRP B HA   1 
ATOM   673  H HB2  . TRP B 2 2  ? 6.409   -1.724  10.734  1.00 40.26  ? 628 TRP B HB2  1 
ATOM   674  H HB3  . TRP B 2 2  ? 5.713   -1.784  9.304   1.00 40.26  ? 628 TRP B HB3  1 
ATOM   675  H HD1  . TRP B 2 2  ? 7.983   0.372   11.186  1.00 45.28  ? 628 TRP B HD1  1 
ATOM   676  H HE1  . TRP B 2 2  ? 8.835   2.207   9.847   1.00 41.13  ? 628 TRP B HE1  1 
ATOM   677  H HE3  . TRP B 2 2  ? 5.198   -0.180  7.194   1.00 38.56  ? 628 TRP B HE3  1 
ATOM   678  H HZ2  . TRP B 2 2  ? 8.352   3.289   7.353   1.00 32.70  ? 628 TRP B HZ2  1 
ATOM   679  H HZ3  . TRP B 2 2  ? 5.463   1.279   5.420   1.00 43.16  ? 628 TRP B HZ3  1 
ATOM   680  H HH2  . TRP B 2 2  ? 7.019   2.985   5.506   1.00 37.78  ? 628 TRP B HH2  1 
ATOM   681  N N    . GLU B 2 3  ? 3.337   -2.587  11.758  1.00 48.96  ? 629 GLU B N    1 
ATOM   682  C CA   . GLU B 2 3  ? 2.363   -3.678  11.809  1.00 50.28  ? 629 GLU B CA   1 
ATOM   683  C C    . GLU B 2 3  ? 0.977   -3.076  11.834  1.00 40.62  ? 629 GLU B C    1 
ATOM   684  O O    . GLU B 2 3  ? 0.065   -3.578  11.217  1.00 48.50  ? 629 GLU B O    1 
ATOM   685  C CB   . GLU B 2 3  ? 2.604   -4.540  13.060  1.00 61.50  ? 629 GLU B CB   1 
ATOM   686  C CG   . GLU B 2 3  ? 1.753   -5.810  13.168  1.00 57.52  ? 629 GLU B CG   1 
ATOM   687  C CD   . GLU B 2 3  ? 2.261   -6.754  14.262  1.00 78.01  ? 629 GLU B CD   1 
ATOM   688  O OE1  . GLU B 2 3  ? 2.283   -6.350  15.451  1.00 63.40  ? 629 GLU B OE1  1 
ATOM   689  O OE2  . GLU B 2 3  ? 2.656   -7.896  13.931  1.00 77.32  ? 629 GLU B OE2  1 
ATOM   690  H H    . GLU B 2 3  ? 3.714   -2.414  12.511  1.00 58.75  ? 629 GLU B H    1 
ATOM   691  H HA   . GLU B 2 3  ? 2.451   -4.242  11.012  1.00 60.33  ? 629 GLU B HA   1 
ATOM   692  H HB2  . GLU B 2 3  ? 3.534   -4.815  13.069  1.00 73.80  ? 629 GLU B HB2  1 
ATOM   693  H HB3  . GLU B 2 3  ? 2.420   -4.000  13.845  1.00 73.80  ? 629 GLU B HB3  1 
ATOM   694  H HG2  . GLU B 2 3  ? 0.839   -5.562  13.382  1.00 69.03  ? 629 GLU B HG2  1 
ATOM   695  H HG3  . GLU B 2 3  ? 1.780   -6.284  12.323  1.00 69.03  ? 629 GLU B HG3  1 
ATOM   696  N N    . GLU B 2 4  ? 0.845   -1.995  12.581  1.00 37.40  ? 630 GLU B N    1 
ATOM   697  C CA   . GLU B 2 4  ? -0.331  -1.166  12.579  1.00 47.83  ? 630 GLU B CA   1 
ATOM   698  C C    . GLU B 2 4  ? -0.583  -0.503  11.202  1.00 49.42  ? 630 GLU B C    1 
ATOM   699  O O    . GLU B 2 4  ? -1.729  -0.419  10.744  1.00 39.82  ? 630 GLU B O    1 
ATOM   700  C CB   . GLU B 2 4  ? -0.176  -0.135  13.689  1.00 45.86  ? 630 GLU B CB   1 
ATOM   701  C CG   . GLU B 2 4  ? -1.393  0.731   13.924  1.00 61.40  ? 630 GLU B CG   1 
ATOM   702  C CD   . GLU B 2 4  ? -2.645  -0.062  14.292  1.00 75.32  ? 630 GLU B CD   1 
ATOM   703  O OE1  . GLU B 2 4  ? -2.611  -0.852  15.265  1.00 75.35  ? 630 GLU B OE1  1 
ATOM   704  O OE2  . GLU B 2 4  ? -3.674  0.117   13.607  1.00 76.91  ? 630 GLU B OE2  1 
ATOM   705  H H    . GLU B 2 4  ? 1.454   -1.713  13.118  1.00 44.88  ? 630 GLU B H    1 
ATOM   706  H HA   . GLU B 2 4  ? -1.111  -1.721  12.792  1.00 57.40  ? 630 GLU B HA   1 
ATOM   707  H HB2  . GLU B 2 4  ? 0.017   -0.599  14.518  1.00 55.03  ? 630 GLU B HB2  1 
ATOM   708  H HB3  . GLU B 2 4  ? 0.562   0.453   13.465  1.00 55.03  ? 630 GLU B HB3  1 
ATOM   709  H HG2  . GLU B 2 4  ? -1.206  1.345   14.651  1.00 73.68  ? 630 GLU B HG2  1 
ATOM   710  H HG3  . GLU B 2 4  ? -1.583  1.229   13.113  1.00 73.68  ? 630 GLU B HG3  1 
ATOM   711  N N    . TRP B 2 5  ? 0.480   -0.058  10.534  1.00 42.88  ? 631 TRP B N    1 
ATOM   712  C CA   . TRP B 2 5  ? 0.366   0.484   9.176   1.00 35.05  ? 631 TRP B CA   1 
ATOM   713  C C    . TRP B 2 5  ? -0.159  -0.588  8.243   1.00 35.60  ? 631 TRP B C    1 
ATOM   714  O O    . TRP B 2 5  ? -1.141  -0.373  7.529   1.00 36.45  ? 631 TRP B O    1 
ATOM   715  C CB   . TRP B 2 5  ? 1.734   0.968   8.680   1.00 36.31  ? 631 TRP B CB   1 
ATOM   716  C CG   . TRP B 2 5  ? 1.769   1.709   7.357   1.00 25.68  ? 631 TRP B CG   1 
ATOM   717  C CD1  . TRP B 2 5  ? 1.508   3.014   7.154   1.00 26.88  ? 631 TRP B CD1  1 
ATOM   718  C CD2  . TRP B 2 5  ? 2.149   1.171   6.101   1.00 26.05  ? 631 TRP B CD2  1 
ATOM   719  N NE1  . TRP B 2 5  ? 1.707   3.345   5.829   1.00 27.24  ? 631 TRP B NE1  1 
ATOM   720  C CE2  . TRP B 2 5  ? 2.090   2.210   5.162   1.00 28.08  ? 631 TRP B CE2  1 
ATOM   721  C CE3  . TRP B 2 5  ? 2.538   -0.106  5.671   1.00 32.20  ? 631 TRP B CE3  1 
ATOM   722  C CZ2  . TRP B 2 5  ? 2.377   2.011   3.812   1.00 30.89  ? 631 TRP B CZ2  1 
ATOM   723  C CZ3  . TRP B 2 5  ? 2.847   -0.295  4.349   1.00 29.91  ? 631 TRP B CZ3  1 
ATOM   724  C CH2  . TRP B 2 5  ? 2.758   0.751   3.430   1.00 30.08  ? 631 TRP B CH2  1 
ATOM   725  H H    . TRP B 2 5  ? 1.282   -0.056  10.845  1.00 51.45  ? 631 TRP B H    1 
ATOM   726  H HA   . TRP B 2 5  ? -0.258  1.241   9.170   1.00 42.06  ? 631 TRP B HA   1 
ATOM   727  H HB2  . TRP B 2 5  ? 2.103   1.563   9.350   1.00 43.58  ? 631 TRP B HB2  1 
ATOM   728  H HB3  . TRP B 2 5  ? 2.312   0.193   8.589   1.00 43.58  ? 631 TRP B HB3  1 
ATOM   729  H HD1  . TRP B 2 5  ? 1.253   3.614   7.817   1.00 32.26  ? 631 TRP B HD1  1 
ATOM   730  H HE1  . TRP B 2 5  ? 1.574   4.118   5.476   1.00 32.68  ? 631 TRP B HE1  1 
ATOM   731  H HE3  . TRP B 2 5  ? 2.595   -0.811  6.275   1.00 38.64  ? 631 TRP B HE3  1 
ATOM   732  H HZ2  . TRP B 2 5  ? 2.336   2.711   3.200   1.00 37.06  ? 631 TRP B HZ2  1 
ATOM   733  H HZ3  . TRP B 2 5  ? 3.094   -1.141  4.056   1.00 35.89  ? 631 TRP B HZ3  1 
ATOM   734  H HH2  . TRP B 2 5  ? 2.967   0.590   2.537   1.00 36.09  ? 631 TRP B HH2  1 
ATOM   735  N N    . ASP B 2 6  ? 0.507   -1.733  8.225   1.00 28.58  ? 632 ASP B N    1 
ATOM   736  C CA   . ASP B 2 6  ? 0.110   -2.845  7.363   1.00 37.82  ? 632 ASP B CA   1 
ATOM   737  C C    . ASP B 2 6  ? -1.418  -3.098  7.465   1.00 44.30  ? 632 ASP B C    1 
ATOM   738  O O    . ASP B 2 6  ? -2.099  -3.378  6.465   1.00 39.85  ? 632 ASP B O    1 
ATOM   739  C CB   . ASP B 2 6  ? 0.838   -4.124  7.761   1.00 43.09  ? 632 ASP B CB   1 
ATOM   740  C CG   . ASP B 2 6  ? 2.246   -4.238  7.162   1.00 56.37  ? 632 ASP B CG   1 
ATOM   741  O OD1  . ASP B 2 6  ? 2.612   -3.403  6.302   1.00 53.90  ? 632 ASP B OD1  1 
ATOM   742  O OD2  . ASP B 2 6  ? 2.978   -5.198  7.537   1.00 45.21  ? 632 ASP B OD2  1 
ATOM   743  H H    . ASP B 2 6  ? 1.200   -1.897  8.707   1.00 34.30  ? 632 ASP B H    1 
ATOM   744  H HA   . ASP B 2 6  ? 0.331   -2.635  6.431   1.00 45.39  ? 632 ASP B HA   1 
ATOM   745  H HB2  . ASP B 2 6  ? 0.923   -4.149  8.728   1.00 51.71  ? 632 ASP B HB2  1 
ATOM   746  H HB3  . ASP B 2 6  ? 0.322   -4.887  7.457   1.00 51.71  ? 632 ASP B HB3  1 
ATOM   747  N N    . LYS B 2 7  ? -1.948  -2.979  8.680   1.00 42.28  ? 633 LYS B N    1 
ATOM   748  C CA   . LYS B 2 7  ? -3.351  -3.293  8.934   1.00 47.21  ? 633 LYS B CA   1 
ATOM   749  C C    . LYS B 2 7  ? -4.326  -2.189  8.514   1.00 42.69  ? 633 LYS B C    1 
ATOM   750  O O    . LYS B 2 7  ? -5.423  -2.474  8.050   1.00 43.78  ? 633 LYS B O    1 
ATOM   751  C CB   . LYS B 2 7  ? -3.534  -3.631  10.410  1.00 47.13  ? 633 LYS B CB   1 
ATOM   752  C CG   . LYS B 2 7  ? -2.863  -4.955  10.795  1.00 62.12  ? 633 LYS B CG   1 
ATOM   753  C CD   . LYS B 2 7  ? -2.794  -5.164  12.315  1.00 72.10  ? 633 LYS B CD   1 
ATOM   754  C CE   . LYS B 2 7  ? -2.081  -6.479  12.662  1.00 69.52  ? 633 LYS B CE   1 
ATOM   755  N NZ   . LYS B 2 7  ? -1.777  -6.576  14.112  1.00 70.61  ? 633 LYS B NZ   1 
ATOM   756  H H    . LYS B 2 7  ? -1.515  -2.718  9.375   1.00 50.74  ? 633 LYS B H    1 
ATOM   757  H HA   . LYS B 2 7  ? -3.582  -4.095  8.420   1.00 56.65  ? 633 LYS B HA   1 
ATOM   758  H HB2  . LYS B 2 7  ? -3.141  -2.926  10.947  1.00 56.56  ? 633 LYS B HB2  1 
ATOM   759  H HB3  . LYS B 2 7  ? -4.482  -3.707  10.602  1.00 56.56  ? 633 LYS B HB3  1 
ATOM   760  H HG2  . LYS B 2 7  ? -3.370  -5.689  10.414  1.00 74.54  ? 633 LYS B HG2  1 
ATOM   761  H HG3  . LYS B 2 7  ? -1.956  -4.962  10.450  1.00 74.54  ? 633 LYS B HG3  1 
ATOM   762  H HD2  . LYS B 2 7  ? -2.301  -4.434  12.718  1.00 86.53  ? 633 LYS B HD2  1 
ATOM   763  H HD3  . LYS B 2 7  ? -3.695  -5.202  12.675  1.00 86.53  ? 633 LYS B HD3  1 
ATOM   764  H HE2  . LYS B 2 7  ? -2.652  -7.225  12.422  1.00 83.42  ? 633 LYS B HE2  1 
ATOM   765  H HE3  . LYS B 2 7  ? -1.244  -6.526  12.173  1.00 83.42  ? 633 LYS B HE3  1 
ATOM   766  H HZ1  . LYS B 2 7  ? -1.364  -7.345  14.286  1.00 84.73  ? 633 LYS B HZ1  1 
ATOM   767  H HZ2  . LYS B 2 7  ? -1.248  -5.902  14.358  1.00 84.73  ? 633 LYS B HZ2  1 
ATOM   768  H HZ3  . LYS B 2 7  ? -2.530  -6.539  14.584  1.00 84.73  ? 633 LYS B HZ3  1 
ATOM   769  N N    . LYS B 2 8  ? -3.953  -0.936  8.728   1.00 34.82  ? 634 LYS B N    1 
ATOM   770  C CA   . LYS B 2 8  ? -4.736  0.161   8.246   1.00 40.24  ? 634 LYS B CA   1 
ATOM   771  C C    . LYS B 2 8  ? -4.789  0.136   6.713   1.00 42.18  ? 634 LYS B C    1 
ATOM   772  O O    . LYS B 2 8  ? -5.841  0.399   6.120   1.00 40.01  ? 634 LYS B O    1 
ATOM   773  C CB   . LYS B 2 8  ? -4.180  1.479   8.756   1.00 42.84  ? 634 LYS B CB   1 
ATOM   774  C CG   . LYS B 2 8  ? -4.334  1.714   10.261  1.00 47.98  ? 634 LYS B CG   1 
ATOM   775  C CD   . LYS B 2 8  ? -3.929  3.168   10.592  1.00 60.94  ? 634 LYS B CD   1 
ATOM   776  C CE   . LYS B 2 8  ? -4.194  3.560   12.050  1.00 70.55  ? 634 LYS B CE   1 
ATOM   777  N NZ   . LYS B 2 8  ? -3.212  2.959   12.984  1.00 77.98  ? 634 LYS B NZ   1 
ATOM   778  H H    . LYS B 2 8  ? -3.243  -0.704  9.155   1.00 41.79  ? 634 LYS B H    1 
ATOM   779  H HA   . LYS B 2 8  ? -5.653  0.071   8.581   1.00 48.29  ? 634 LYS B HA   1 
ATOM   780  H HB2  . LYS B 2 8  ? -3.232  1.513   8.552   1.00 51.40  ? 634 LYS B HB2  1 
ATOM   781  H HB3  . LYS B 2 8  ? -4.635  2.203   8.299   1.00 51.40  ? 634 LYS B HB3  1 
ATOM   782  H HG2  . LYS B 2 8  ? -5.260  1.582   10.519  1.00 57.58  ? 634 LYS B HG2  1 
ATOM   783  H HG3  . LYS B 2 8  ? -3.753  1.110   10.747  1.00 57.58  ? 634 LYS B HG3  1 
ATOM   784  H HD2  . LYS B 2 8  ? -2.980  3.276   10.423  1.00 73.13  ? 634 LYS B HD2  1 
ATOM   785  H HD3  . LYS B 2 8  ? -4.435  3.772   10.026  1.00 73.13  ? 634 LYS B HD3  1 
ATOM   786  H HE2  . LYS B 2 8  ? -4.139  4.525   12.135  1.00 84.66  ? 634 LYS B HE2  1 
ATOM   787  H HE3  . LYS B 2 8  ? -5.078  3.253   12.305  1.00 84.66  ? 634 LYS B HE3  1 
ATOM   788  H HZ1  . LYS B 2 8  ? -2.390  3.230   12.774  1.00 93.57  ? 634 LYS B HZ1  1 
ATOM   789  H HZ2  . LYS B 2 8  ? -3.395  3.206   13.818  1.00 93.57  ? 634 LYS B HZ2  1 
ATOM   790  H HZ3  . LYS B 2 8  ? -3.246  2.071   12.930  1.00 93.57  ? 634 LYS B HZ3  1 
ATOM   791  N N    . ILE B 2 9  ? -3.673  -0.201  6.069   1.00 35.58  ? 635 ILE B N    1 
ATOM   792  C CA   . ILE B 2 9  ? -3.640  -0.287  4.604   1.00 37.97  ? 635 ILE B CA   1 
ATOM   793  C C    . ILE B 2 9  ? -4.654  -1.325  4.078   1.00 40.17  ? 635 ILE B C    1 
ATOM   794  O O    . ILE B 2 9  ? -5.372  -1.083  3.076   1.00 38.21  ? 635 ILE B O    1 
ATOM   795  C CB   . ILE B 2 9  ? -2.216  -0.669  4.068   1.00 38.72  ? 635 ILE B CB   1 
ATOM   796  C CG1  . ILE B 2 9  ? -1.197  0.457   4.318   1.00 32.07  ? 635 ILE B CG1  1 
ATOM   797  C CG2  . ILE B 2 9  ? -2.269  -1.013  2.578   1.00 33.21  ? 635 ILE B CG2  1 
ATOM   798  C CD1  . ILE B 2 9  ? -1.413  1.714   3.465   1.00 31.25  ? 635 ILE B CD1  1 
ATOM   799  H H    . ILE B 2 9  ? -2.925  -0.384  6.452   1.00 42.69  ? 635 ILE B H    1 
ATOM   800  H HA   . ILE B 2 9  ? -3.879  0.586   4.229   1.00 45.56  ? 635 ILE B HA   1 
ATOM   801  H HB   . ILE B 2 9  ? -1.916  -1.456  4.548   1.00 46.47  ? 635 ILE B HB   1 
ATOM   802  H HG12 . ILE B 2 9  ? -1.251  0.723   5.250   1.00 38.49  ? 635 ILE B HG12 1 
ATOM   803  H HG13 . ILE B 2 9  ? -0.308  0.120   4.126   1.00 38.49  ? 635 ILE B HG13 1 
ATOM   804  H HG21 . ILE B 2 9  ? -1.387  -1.242  2.280   1.00 39.85  ? 635 ILE B HG21 1 
ATOM   805  H HG22 . ILE B 2 9  ? -2.862  -1.757  2.451   1.00 39.85  ? 635 ILE B HG22 1 
ATOM   806  H HG23 . ILE B 2 9  ? -2.593  -0.250  2.093   1.00 39.85  ? 635 ILE B HG23 1 
ATOM   807  H HD11 . ILE B 2 9  ? -0.738  2.360   3.684   1.00 37.50  ? 635 ILE B HD11 1 
ATOM   808  H HD12 . ILE B 2 9  ? -1.349  1.475   2.537   1.00 37.50  ? 635 ILE B HD12 1 
ATOM   809  H HD13 . ILE B 2 9  ? -2.283  2.072   3.652   1.00 37.50  ? 635 ILE B HD13 1 
ATOM   810  N N    . GLU B 2 10 ? -4.677  -2.489  4.723   1.00 33.53  ? 636 GLU B N    1 
ATOM   811  C CA   . GLU B 2 10 ? -5.499  -3.618  4.296   1.00 41.13  ? 636 GLU B CA   1 
ATOM   812  C C    . GLU B 2 10 ? -6.976  -3.282  4.512   1.00 40.42  ? 636 GLU B C    1 
ATOM   813  O O    . GLU B 2 10 ? -7.808  -3.567  3.661   1.00 42.65  ? 636 GLU B O    1 
ATOM   814  C CB   . GLU B 2 10 ? -5.128  -4.884  5.076   1.00 51.44  ? 636 GLU B CB   1 
ATOM   815  C CG   . GLU B 2 10 ? -5.656  -4.892  6.521   1.00 60.74  ? 636 GLU B CG   1 
ATOM   816  C CD   . GLU B 2 10 ? -5.316  -6.153  7.330   1.00 76.90  ? 636 GLU B CD   1 
ATOM   817  O OE1  . GLU B 2 10 ? -4.437  -6.943  6.906   1.00 80.14  ? 636 GLU B OE1  1 
ATOM   818  O OE2  . GLU B 2 10 ? -5.930  -6.333  8.413   1.00 72.23  ? 636 GLU B OE2  1 
ATOM   819  H H    . GLU B 2 10 ? -4.213  -2.653  5.428   1.00 40.24  ? 636 GLU B H    1 
ATOM   820  H HA   . GLU B 2 10 ? -5.355  -3.786  3.341   1.00 49.36  ? 636 GLU B HA   1 
ATOM   821  H HB2  . GLU B 2 10 ? -5.500  -5.655  4.618   1.00 61.72  ? 636 GLU B HB2  1 
ATOM   822  H HB3  . GLU B 2 10 ? -4.161  -4.958  5.112   1.00 61.72  ? 636 GLU B HB3  1 
ATOM   823  H HG2  . GLU B 2 10 ? -5.279  -4.132  6.991   1.00 72.89  ? 636 GLU B HG2  1 
ATOM   824  H HG3  . GLU B 2 10 ? -6.623  -4.813  6.496   1.00 72.89  ? 636 GLU B HG3  1 
ATOM   825  N N    . GLU B 2 11 ? -7.260  -2.638  5.637   1.00 38.41  ? 637 GLU B N    1 
ATOM   826  C CA   . GLU B 2 11 ? -8.599  -2.185  5.993   1.00 45.72  ? 637 GLU B CA   1 
ATOM   827  C C    . GLU B 2 11 ? -9.162  -1.162  5.017   1.00 46.61  ? 637 GLU B C    1 
ATOM   828  O O    . GLU B 2 11 ? -10.326 -1.250  4.616   1.00 38.74  ? 637 GLU B O    1 
ATOM   829  C CB   . GLU B 2 11 ? -8.585  -1.505  7.355   1.00 46.22  ? 637 GLU B CB   1 
ATOM   830  C CG   . GLU B 2 11 ? -8.442  -2.416  8.542   1.00 68.13  ? 637 GLU B CG   1 
ATOM   831  C CD   . GLU B 2 11 ? -8.419  -1.626  9.834   1.00 76.18  ? 637 GLU B CD   1 
ATOM   832  O OE1  . GLU B 2 11 ? -8.955  -0.489  9.818   1.00 64.69  ? 637 GLU B OE1  1 
ATOM   833  O OE2  . GLU B 2 11 ? -7.852  -2.126  10.838  1.00 73.19  ? 637 GLU B OE2  1 
ATOM   834  H H    . GLU B 2 11 ? -6.671  -2.445  6.233   1.00 46.10  ? 637 GLU B H    1 
ATOM   835  H HA   . GLU B 2 11 ? -9.207  -2.952  6.030   1.00 54.87  ? 637 GLU B HA   1 
ATOM   836  H HB2  . GLU B 2 11 ? -7.841  -0.882  7.377   1.00 55.47  ? 637 GLU B HB2  1 
ATOM   837  H HB3  . GLU B 2 11 ? -9.416  -1.018  7.462   1.00 55.47  ? 637 GLU B HB3  1 
ATOM   838  H HG2  . GLU B 2 11 ? -9.195  -3.026  8.571   1.00 81.75  ? 637 GLU B HG2  1 
ATOM   839  H HG3  . GLU B 2 11 ? -7.610  -2.910  8.470   1.00 81.75  ? 637 GLU B HG3  1 
ATOM   840  N N    . TYR B 2 12 ? -8.382  -0.133  4.694   1.00 33.46  ? 638 TYR B N    1 
ATOM   841  C CA   . TYR B 2 12 ? -8.898  0.850   3.764   1.00 38.85  ? 638 TYR B CA   1 
ATOM   842  C C    . TYR B 2 12 ? -8.930  0.316   2.323   1.00 41.85  ? 638 TYR B C    1 
ATOM   843  O O    . TYR B 2 12 ? -9.789  0.709   1.524   1.00 37.86  ? 638 TYR B O    1 
ATOM   844  C CB   . TYR B 2 12 ? -8.175  2.186   3.886   1.00 32.08  ? 638 TYR B CB   1 
ATOM   845  C CG   . TYR B 2 12 ? -8.576  2.980   5.106   1.00 33.63  ? 638 TYR B CG   1 
ATOM   846  C CD1  . TYR B 2 12 ? -9.779  3.665   5.160   1.00 36.87  ? 638 TYR B CD1  1 
ATOM   847  C CD2  . TYR B 2 12 ? -7.733  3.071   6.199   1.00 44.75  ? 638 TYR B CD2  1 
ATOM   848  C CE1  . TYR B 2 12 ? -10.142 4.396   6.292   1.00 36.48  ? 638 TYR B CE1  1 
ATOM   849  C CE2  . TYR B 2 12 ? -8.075  3.794   7.321   1.00 43.23  ? 638 TYR B CE2  1 
ATOM   850  C CZ   . TYR B 2 12 ? -9.277  4.451   7.366   1.00 52.09  ? 638 TYR B CZ   1 
ATOM   851  O OH   . TYR B 2 12 ? -9.589  5.172   8.499   1.00 57.96  ? 638 TYR B OH   1 
ATOM   852  H H    . TYR B 2 12 ? -7.586  0.011   4.987   1.00 40.15  ? 638 TYR B H    1 
ATOM   853  H HA   . TYR B 2 12 ? -9.830  1.021   4.012   1.00 46.62  ? 638 TYR B HA   1 
ATOM   854  H HB2  . TYR B 2 12 ? -7.220  2.023   3.938   1.00 38.50  ? 638 TYR B HB2  1 
ATOM   855  H HB3  . TYR B 2 12 ? -8.375  2.723   3.103   1.00 38.50  ? 638 TYR B HB3  1 
ATOM   856  H HD1  . TYR B 2 12 ? -10.363 3.620   4.438   1.00 44.25  ? 638 TYR B HD1  1 
ATOM   857  H HD2  . TYR B 2 12 ? -6.918  2.623   6.180   1.00 53.70  ? 638 TYR B HD2  1 
ATOM   858  H HE1  . TYR B 2 12 ? -10.955 4.846   6.320   1.00 43.78  ? 638 TYR B HE1  1 
ATOM   859  H HE2  . TYR B 2 12 ? -7.494  3.833   8.046   1.00 51.88  ? 638 TYR B HE2  1 
ATOM   860  H HH   . TYR B 2 12 ? -9.025  5.753   8.625   1.00 69.55  ? 638 TYR B HH   1 
ATOM   861  N N    . THR B 2 13 ? -8.044  -0.617  2.002   1.00 37.07  ? 639 THR B N    1 
ATOM   862  C CA   . THR B 2 13 ? -8.040  -1.227  0.673   1.00 31.22  ? 639 THR B CA   1 
ATOM   863  C C    . THR B 2 13 ? -9.300  -2.072  0.501   1.00 44.48  ? 639 THR B C    1 
ATOM   864  O O    . THR B 2 13 ? -9.943  -2.061  -0.567  1.00 39.70  ? 639 THR B O    1 
ATOM   865  C CB   . THR B 2 13 ? -6.791  -2.102  0.454   1.00 39.27  ? 639 THR B CB   1 
ATOM   866  O OG1  . THR B 2 13 ? -5.618  -1.278  0.495   1.00 36.49  ? 639 THR B OG1  1 
ATOM   867  C CG2  . THR B 2 13 ? -6.851  -2.904  -0.896  1.00 33.37  ? 639 THR B CG2  1 
ATOM   868  H H    . THR B 2 13 ? -7.435  -0.917  2.531   1.00 44.48  ? 639 THR B H    1 
ATOM   869  H HA   . THR B 2 13 ? -8.046  -0.522  -0.008  1.00 37.46  ? 639 THR B HA   1 
ATOM   870  H HB   . THR B 2 13 ? -6.738  -2.748  1.175   1.00 47.12  ? 639 THR B HB   1 
ATOM   871  H HG1  . THR B 2 13 ? -5.562  -0.905  1.224   1.00 43.79  ? 639 THR B HG1  1 
ATOM   872  H HG21 . THR B 2 13 ? -6.059  -3.436  -0.997  1.00 40.05  ? 639 THR B HG21 1 
ATOM   873  H HG22 . THR B 2 13 ? -7.618  -3.482  -0.899  1.00 40.05  ? 639 THR B HG22 1 
ATOM   874  H HG23 . THR B 2 13 ? -6.917  -2.296  -1.635  1.00 40.05  ? 639 THR B HG23 1 
ATOM   875  N N    . LYS B 2 14 ? -9.672  -2.812  1.538   1.00 39.21  ? 640 LYS B N    1 
ATOM   876  C CA   . LYS B 2 14 ? -10.861 -3.655  1.401   1.00 44.36  ? 640 LYS B CA   1 
ATOM   877  C C    . LYS B 2 14 ? -12.116 -2.771  1.332   1.00 39.54  ? 640 LYS B C    1 
ATOM   878  O O    . LYS B 2 14 ? -12.996 -3.013  0.528   1.00 43.38  ? 640 LYS B O    1 
ATOM   879  C CB   . LYS B 2 14 ? -10.969 -4.662  2.543   1.00 48.87  ? 640 LYS B CB   1 
ATOM   880  C CG   . LYS B 2 14 ? -9.810  -5.664  2.592   1.00 69.41  ? 640 LYS B CG   1 
ATOM   881  C CD   . LYS B 2 14 ? -10.137 -6.918  3.396   1.00 81.79  ? 640 LYS B CD   1 
ATOM   882  C CE   . LYS B 2 14 ? -10.327 -6.629  4.881   1.00 81.62  ? 640 LYS B CE   1 
ATOM   883  N NZ   . LYS B 2 14 ? -9.051  -6.674  5.661   1.00 77.76  ? 640 LYS B NZ   1 
ATOM   884  H H    . LYS B 2 14 ? -9.277  -2.849  2.301   1.00 47.05  ? 640 LYS B H    1 
ATOM   885  H HA   . LYS B 2 14 ? -10.799 -4.156  0.561   1.00 53.23  ? 640 LYS B HA   1 
ATOM   886  H HB2  . LYS B 2 14 ? -10.982 -4.181  3.385   1.00 58.64  ? 640 LYS B HB2  1 
ATOM   887  H HB3  . LYS B 2 14 ? -11.792 -5.166  2.439   1.00 58.64  ? 640 LYS B HB3  1 
ATOM   888  H HG2  . LYS B 2 14 ? -9.591  -5.937  1.687   1.00 83.29  ? 640 LYS B HG2  1 
ATOM   889  H HG3  . LYS B 2 14 ? -9.042  -5.236  3.003   1.00 83.29  ? 640 LYS B HG3  1 
ATOM   890  H HD2  . LYS B 2 14 ? -10.960 -7.304  3.058   1.00 98.15  ? 640 LYS B HD2  1 
ATOM   891  H HD3  . LYS B 2 14 ? -9.409  -7.552  3.305   1.00 98.15  ? 640 LYS B HD3  1 
ATOM   892  H HE2  . LYS B 2 14 ? -10.706 -5.741  4.982   1.00 97.95  ? 640 LYS B HE2  1 
ATOM   893  H HE3  . LYS B 2 14 ? -10.929 -7.290  5.256   1.00 97.95  ? 640 LYS B HE3  1 
ATOM   894  H HZ1  . LYS B 2 14 ? -8.480  -6.069  5.344   1.00 93.31  ? 640 LYS B HZ1  1 
ATOM   895  H HZ2  . LYS B 2 14 ? -9.212  -6.500  6.518   1.00 93.31  ? 640 LYS B HZ2  1 
ATOM   896  H HZ3  . LYS B 2 14 ? -8.683  -7.482  5.594   1.00 93.31  ? 640 LYS B HZ3  1 
ATOM   897  N N    . LYS B 2 15 ? -12.173 -1.753  2.180   1.00 38.18  ? 641 LYS B N    1 
ATOM   898  C CA   . LYS B 2 15 ? -13.275 -0.799  2.196   1.00 42.42  ? 641 LYS B CA   1 
ATOM   899  C C    . LYS B 2 15 ? -13.450 -0.090  0.841   1.00 44.76  ? 641 LYS B C    1 
ATOM   900  O O    . LYS B 2 15 ? -14.570 0.077   0.361   1.00 45.48  ? 641 LYS B O    1 
ATOM   901  C CB   . LYS B 2 15 ? -13.034 0.232   3.303   1.00 47.88  ? 641 LYS B CB   1 
ATOM   902  C CG   . LYS B 2 15 ? -14.152 1.242   3.482   1.00 54.78  ? 641 LYS B CG   1 
ATOM   903  C CD   . LYS B 2 15 ? -13.756 2.352   4.450   1.00 66.42  ? 641 LYS B CD   1 
ATOM   904  C CE   . LYS B 2 15 ? -13.470 1.822   5.849   1.00 75.79  ? 641 LYS B CE   1 
ATOM   905  N NZ   . LYS B 2 15 ? -13.584 2.904   6.873   1.00 83.01  ? 641 LYS B NZ   1 
ATOM   906  H H    . LYS B 2 15 ? -11.570 -1.588  2.771   1.00 45.81  ? 641 LYS B H    1 
ATOM   907  H HA   . LYS B 2 15 ? -14.108 -1.276  2.399   1.00 50.91  ? 641 LYS B HA   1 
ATOM   908  H HB2  . LYS B 2 15 ? -12.924 -0.238  4.145   1.00 57.46  ? 641 LYS B HB2  1 
ATOM   909  H HB3  . LYS B 2 15 ? -12.224 0.723   3.096   1.00 57.46  ? 641 LYS B HB3  1 
ATOM   910  H HG2  . LYS B 2 15 ? -14.358 1.646   2.624   1.00 65.74  ? 641 LYS B HG2  1 
ATOM   911  H HG3  . LYS B 2 15 ? -14.935 0.793   3.838   1.00 65.74  ? 641 LYS B HG3  1 
ATOM   912  H HD2  . LYS B 2 15 ? -12.954 2.788   4.123   1.00 79.71  ? 641 LYS B HD2  1 
ATOM   913  H HD3  . LYS B 2 15 ? -14.482 2.992   4.513   1.00 79.71  ? 641 LYS B HD3  1 
ATOM   914  H HE2  . LYS B 2 15 ? -14.111 1.128   6.066   1.00 90.95  ? 641 LYS B HE2  1 
ATOM   915  H HE3  . LYS B 2 15 ? -12.567 1.468   5.878   1.00 90.95  ? 641 LYS B HE3  1 
ATOM   916  H HZ1  . LYS B 2 15 ? -14.407 3.244   6.866   1.00 99.62  ? 641 LYS B HZ1  1 
ATOM   917  H HZ2  . LYS B 2 15 ? -13.414 2.576   7.682   1.00 99.62  ? 641 LYS B HZ2  1 
ATOM   918  H HZ3  . LYS B 2 15 ? -13.002 3.554   6.695   1.00 99.62  ? 641 LYS B HZ3  1 
ATOM   919  N N    . ILE B 2 16 ? -12.344 0.322   0.225   1.00 37.36  ? 642 ILE B N    1 
ATOM   920  C CA   . ILE B 2 16 ? -12.371 0.938   -1.104  1.00 38.11  ? 642 ILE B CA   1 
ATOM   921  C C    . ILE B 2 16 ? -12.891 0.013   -2.203  1.00 43.70  ? 642 ILE B C    1 
ATOM   922  O O    . ILE B 2 16 ? -13.643 0.456   -3.092  1.00 37.13  ? 642 ILE B O    1 
ATOM   923  C CB   . ILE B 2 16 ? -10.974 1.453   -1.547  1.00 40.84  ? 642 ILE B CB   1 
ATOM   924  C CG1  . ILE B 2 16 ? -10.533 2.597   -0.645  1.00 38.75  ? 642 ILE B CG1  1 
ATOM   925  C CG2  . ILE B 2 16 ? -11.010 1.972   -2.986  1.00 41.57  ? 642 ILE B CG2  1 
ATOM   926  C CD1  . ILE B 2 16 ? -9.136  2.987   -0.860  1.00 40.68  ? 642 ILE B CD1  1 
ATOM   927  H H    . ILE B 2 16 ? -11.554 0.257   0.559   1.00 44.83  ? 642 ILE B H    1 
ATOM   928  H HA   . ILE B 2 16 ? -12.971 1.713   -1.069  1.00 45.74  ? 642 ILE B HA   1 
ATOM   929  H HB   . ILE B 2 16 ? -10.331 0.729   -1.484  1.00 49.01  ? 642 ILE B HB   1 
ATOM   930  H HG12 . ILE B 2 16 ? -11.091 3.372   -0.822  1.00 46.50  ? 642 ILE B HG12 1 
ATOM   931  H HG13 . ILE B 2 16 ? -10.629 2.325   0.281   1.00 46.50  ? 642 ILE B HG13 1 
ATOM   932  H HG21 . ILE B 2 16 ? -10.135 2.282   -3.227  1.00 49.88  ? 642 ILE B HG21 1 
ATOM   933  H HG22 . ILE B 2 16 ? -11.279 1.258   -3.568  1.00 49.88  ? 642 ILE B HG22 1 
ATOM   934  H HG23 . ILE B 2 16 ? -11.641 2.695   -3.041  1.00 49.88  ? 642 ILE B HG23 1 
ATOM   935  H HD11 . ILE B 2 16 ? -8.918  3.709   -0.266  1.00 48.82  ? 642 ILE B HD11 1 
ATOM   936  H HD12 . ILE B 2 16 ? -8.570  2.234   -0.681  1.00 48.82  ? 642 ILE B HD12 1 
ATOM   937  H HD13 . ILE B 2 16 ? -9.027  3.269   -1.771  1.00 48.82  ? 642 ILE B HD13 1 
ATOM   938  N N    . GLU B 2 17 ? -12.456 -1.246  -2.181  1.00 36.81  ? 643 GLU B N    1 
ATOM   939  C CA   . GLU B 2 17 ? -12.828 -2.192  -3.237  1.00 37.88  ? 643 GLU B CA   1 
ATOM   940  C C    . GLU B 2 17 ? -14.331 -2.560  -3.191  1.00 43.91  ? 643 GLU B C    1 
ATOM   941  O O    . GLU B 2 17 ? -14.908 -2.975  -4.205  1.00 42.40  ? 643 GLU B O    1 
ATOM   942  C CB   . GLU B 2 17 ? -12.001 -3.468  -3.141  1.00 45.26  ? 643 GLU B CB   1 
ATOM   943  C CG   . GLU B 2 17 ? -10.477 -3.274  -3.379  1.00 54.23  ? 643 GLU B CG   1 
ATOM   944  C CD   . GLU B 2 17 ? -10.129 -2.984  -4.846  1.00 67.04  ? 643 GLU B CD   1 
ATOM   945  O OE1  . GLU B 2 17 ? -11.051 -2.727  -5.658  1.00 71.13  ? 643 GLU B OE1  1 
ATOM   946  O OE2  . GLU B 2 17 ? -8.925  -3.013  -5.185  1.00 65.74  ? 643 GLU B OE2  1 
ATOM   947  H H    . GLU B 2 17 ? -11.949 -1.578  -1.571  1.00 44.18  ? 643 GLU B H    1 
ATOM   948  H HA   . GLU B 2 17 ? -12.646 -1.781  -4.108  1.00 45.45  ? 643 GLU B HA   1 
ATOM   949  H HB2  . GLU B 2 17 ? -12.114 -3.844  -2.254  1.00 54.31  ? 643 GLU B HB2  1 
ATOM   950  H HB3  . GLU B 2 17 ? -12.324 -4.096  -3.806  1.00 54.31  ? 643 GLU B HB3  1 
ATOM   951  H HG2  . GLU B 2 17 ? -10.168 -2.526  -2.845  1.00 65.07  ? 643 GLU B HG2  1 
ATOM   952  H HG3  . GLU B 2 17 ? -10.013 -4.084  -3.116  1.00 65.07  ? 643 GLU B HG3  1 
ATOM   953  N N    . GLU B 2 18 ? -14.939 -2.458  -2.013  1.00 35.64  ? 644 GLU B N    1 
ATOM   954  C CA   . GLU B 2 18 ? -16.348 -2.813  -1.852  1.00 45.52  ? 644 GLU B CA   1 
ATOM   955  C C    . GLU B 2 18 ? -17.221 -1.641  -2.299  1.00 46.77  ? 644 GLU B C    1 
ATOM   956  O O    . GLU B 2 18 ? -18.311 -1.837  -2.841  1.00 47.12  ? 644 GLU B O    1 
ATOM   957  C CB   . GLU B 2 18 ? -16.664 -3.166  -0.396  1.00 47.90  ? 644 GLU B CB   1 
ATOM   958  C CG   . GLU B 2 18 ? -16.332 -2.043  0.588   1.00 54.88  ? 644 GLU B CG   1 
ATOM   959  C CD   . GLU B 2 18 ? -17.069 -2.153  1.910   1.00 80.23  ? 644 GLU B CD   1 
ATOM   960  O OE1  . GLU B 2 18 ? -17.217 -3.286  2.422   1.00 98.54  ? 644 GLU B OE1  1 
ATOM   961  O OE2  . GLU B 2 18 ? -17.501 -1.093  2.435   1.00 80.76  ? 644 GLU B OE2  1 
ATOM   962  H H    . GLU B 2 18 ? -14.558 -2.185  -1.292  1.00 42.77  ? 644 GLU B H    1 
ATOM   963  H HA   . GLU B 2 18 ? -16.557 -3.589  -2.412  1.00 54.62  ? 644 GLU B HA   1 
ATOM   964  H HB2  . GLU B 2 18 ? -17.612 -3.359  -0.319  1.00 57.48  ? 644 GLU B HB2  1 
ATOM   965  H HB3  . GLU B 2 18 ? -16.147 -3.946  -0.143  1.00 57.48  ? 644 GLU B HB3  1 
ATOM   966  H HG2  . GLU B 2 18 ? -15.381 -2.063  0.776   1.00 65.86  ? 644 GLU B HG2  1 
ATOM   967  H HG3  . GLU B 2 18 ? -16.570 -1.193  0.185   1.00 65.86  ? 644 GLU B HG3  1 
ATOM   968  N N    . LEU B 2 19 ? -16.711 -0.432  -2.057  1.00 43.65  ? 645 LEU B N    1 
ATOM   969  C CA   . LEU B 2 19 ? -17.328 0.810   -2.488  1.00 39.23  ? 645 LEU B CA   1 
ATOM   970  C C    . LEU B 2 19 ? -17.274 0.981   -3.989  1.00 44.02  ? 645 LEU B C    1 
ATOM   971  O O    . LEU B 2 19 ? -18.273 1.344   -4.618  1.00 44.33  ? 645 LEU B O    1 
ATOM   972  C CB   . LEU B 2 19 ? -16.676 2.002   -1.806  1.00 37.87  ? 645 LEU B CB   1 
ATOM   973  C CG   . LEU B 2 19 ? -16.955 2.060   -0.317  1.00 37.68  ? 645 LEU B CG   1 
ATOM   974  C CD1  . LEU B 2 19 ? -16.141 3.168   0.293   1.00 35.22  ? 645 LEU B CD1  1 
ATOM   975  C CD2  . LEU B 2 19 ? -18.456 2.291   -0.067  1.00 47.49  ? 645 LEU B CD2  1 
ATOM   976  H H    . LEU B 2 19 ? -15.977 -0.310  -1.626  1.00 52.38  ? 645 LEU B H    1 
ATOM   977  H HA   . LEU B 2 19 ? -18.272 0.798   -2.225  1.00 47.08  ? 645 LEU B HA   1 
ATOM   978  H HB2  . LEU B 2 19 ? -15.716 1.948   -1.928  1.00 45.44  ? 645 LEU B HB2  1 
ATOM   979  H HB3  . LEU B 2 19 ? -17.015 2.818   -2.206  1.00 45.44  ? 645 LEU B HB3  1 
ATOM   980  H HG   . LEU B 2 19 ? -16.696 1.221   0.096   1.00 45.22  ? 645 LEU B HG   1 
ATOM   981  H HD11 . LEU B 2 19 ? -15.209 2.991   0.142   1.00 42.26  ? 645 LEU B HD11 1 
ATOM   982  H HD12 . LEU B 2 19 ? -16.388 3.999   -0.117  1.00 42.26  ? 645 LEU B HD12 1 
ATOM   983  H HD13 . LEU B 2 19 ? -16.319 3.202   1.237   1.00 42.26  ? 645 LEU B HD13 1 
ATOM   984  H HD21 . LEU B 2 19 ? -18.716 3.122   -0.472  1.00 56.98  ? 645 LEU B HD21 1 
ATOM   985  H HD22 . LEU B 2 19 ? -18.953 1.567   -0.456  1.00 56.98  ? 645 LEU B HD22 1 
ATOM   986  H HD23 . LEU B 2 19 ? -18.614 2.325   0.880   1.00 56.98  ? 645 LEU B HD23 1 
ATOM   987  N N    . ILE B 2 20 ? -16.131 0.700   -4.578  1.00 36.93  ? 646 ILE B N    1 
ATOM   988  C CA   . ILE B 2 20 ? -16.043 0.638   -6.036  1.00 43.86  ? 646 ILE B CA   1 
ATOM   989  C C    . ILE B 2 20 ? -17.043 -0.368  -6.651  1.00 50.17  ? 646 ILE B C    1 
ATOM   990  O O    . ILE B 2 20 ? -17.657 -0.089  -7.697  1.00 46.86  ? 646 ILE B O    1 
ATOM   991  C CB   . ILE B 2 20 ? -14.645 0.308   -6.483  1.00 40.06  ? 646 ILE B CB   1 
ATOM   992  C CG1  . ILE B 2 20 ? -13.753 1.552   -6.350  1.00 48.04  ? 646 ILE B CG1  1 
ATOM   993  C CG2  . ILE B 2 20 ? -14.646 -0.224  -7.898  1.00 40.34  ? 646 ILE B CG2  1 
ATOM   994  C CD1  . ILE B 2 20 ? -12.261 1.262   -6.452  1.00 43.61  ? 646 ILE B CD1  1 
ATOM   995  H H    . ILE B 2 20 ? -15.393 0.541   -4.168  1.00 44.32  ? 646 ILE B H    1 
ATOM   996  H HA   . ILE B 2 20 ? -16.262 1.524   -6.395  1.00 52.63  ? 646 ILE B HA   1 
ATOM   997  H HB   . ILE B 2 20 ? -14.294 -0.382  -5.898  1.00 48.07  ? 646 ILE B HB   1 
ATOM   998  H HG12 . ILE B 2 20 ? -13.980 2.176   -7.057  1.00 57.65  ? 646 ILE B HG12 1 
ATOM   999  H HG13 . ILE B 2 20 ? -13.916 1.962   -5.486  1.00 57.65  ? 646 ILE B HG13 1 
ATOM   1000 H HG21 . ILE B 2 20 ? -13.744 -0.426  -8.155  1.00 48.41  ? 646 ILE B HG21 1 
ATOM   1001 H HG22 . ILE B 2 20 ? -15.183 -1.019  -7.932  1.00 48.41  ? 646 ILE B HG22 1 
ATOM   1002 H HG23 . ILE B 2 20 ? -15.013 0.445   -8.481  1.00 48.41  ? 646 ILE B HG23 1 
ATOM   1003 H HD11 . ILE B 2 20 ? -12.014 0.655   -5.750  1.00 52.33  ? 646 ILE B HD11 1 
ATOM   1004 H HD12 . ILE B 2 20 ? -12.078 0.866   -7.307  1.00 52.33  ? 646 ILE B HD12 1 
ATOM   1005 H HD13 . ILE B 2 20 ? -11.775 2.084   -6.359  1.00 52.33  ? 646 ILE B HD13 1 
ATOM   1006 N N    . LYS B 2 21 ? -17.208 -1.517  -6.003  1.00 47.94  ? 647 LYS B N    1 
ATOM   1007 C CA   . LYS B 2 21 ? -18.213 -2.497  -6.404  1.00 47.81  ? 647 LYS B CA   1 
ATOM   1008 C C    . LYS B 2 21 ? -19.667 -1.983  -6.281  1.00 50.70  ? 647 LYS B C    1 
ATOM   1009 O O    . LYS B 2 21 ? -20.479 -2.252  -7.163  1.00 51.28  ? 647 LYS B O    1 
ATOM   1010 C CB   . LYS B 2 21 ? -18.071 -3.777  -5.588  1.00 57.26  ? 647 LYS B CB   1 
ATOM   1011 C CG   . LYS B 2 21 ? -18.917 -4.938  -6.115  1.00 67.92  ? 647 LYS B CG   1 
ATOM   1012 C CD   . LYS B 2 21 ? -18.813 -6.163  -5.202  1.00 91.80  ? 647 LYS B CD   1 
ATOM   1013 C CE   . LYS B 2 21 ? -19.835 -7.252  -5.570  1.00 94.28  ? 647 LYS B CE   1 
ATOM   1014 N NZ   . LYS B 2 21 ? -19.242 -8.380  -6.358  1.00 85.71  ? 647 LYS B NZ   1 
ATOM   1015 H H    . LYS B 2 21 ? -16.745 -1.756  -5.319  1.00 57.53  ? 647 LYS B H    1 
ATOM   1016 H HA   . LYS B 2 21 ? -18.061 -2.728  -7.344  1.00 57.37  ? 647 LYS B HA   1 
ATOM   1017 H HB2  . LYS B 2 21 ? -17.142 -4.055  -5.602  1.00 68.71  ? 647 LYS B HB2  1 
ATOM   1018 H HB3  . LYS B 2 21 ? -18.347 -3.599  -4.675  1.00 68.71  ? 647 LYS B HB3  1 
ATOM   1019 H HG2  . LYS B 2 21 ? -19.847 -4.666  -6.155  1.00 81.50  ? 647 LYS B HG2  1 
ATOM   1020 H HG3  . LYS B 2 21 ? -18.602 -5.189  -6.998  1.00 81.50  ? 647 LYS B HG3  1 
ATOM   1021 H HD2  . LYS B 2 21 ? -17.924 -6.545  -5.281  1.00 110.16 ? 647 LYS B HD2  1 
ATOM   1022 H HD3  . LYS B 2 21 ? -18.978 -5.891  -4.285  1.00 110.16 ? 647 LYS B HD3  1 
ATOM   1023 H HE2  . LYS B 2 21 ? -20.207 -7.622  -4.755  1.00 113.14 ? 647 LYS B HE2  1 
ATOM   1024 H HE3  . LYS B 2 21 ? -20.540 -6.854  -6.105  1.00 113.14 ? 647 LYS B HE3  1 
ATOM   1025 H HZ1  . LYS B 2 21 ? -19.869 -8.981  -6.547  1.00 102.86 ? 647 LYS B HZ1  1 
ATOM   1026 H HZ2  . LYS B 2 21 ? -18.899 -8.071  -7.120  1.00 102.86 ? 647 LYS B HZ2  1 
ATOM   1027 H HZ3  . LYS B 2 21 ? -18.596 -8.772  -5.888  1.00 102.86 ? 647 LYS B HZ3  1 
ATOM   1028 N N    . LYS B 2 22 ? -19.995 -1.275  -5.197  1.00 47.17  ? 648 LYS B N    1 
ATOM   1029 C CA   . LYS B 2 22 ? -21.347 -0.754  -4.981  1.00 46.84  ? 648 LYS B CA   1 
ATOM   1030 C C    . LYS B 2 22 ? -21.669 0.357   -5.972  1.00 56.50  ? 648 LYS B C    1 
ATOM   1031 O O    . LYS B 2 22 ? -22.761 0.401   -6.536  1.00 46.25  ? 648 LYS B O    1 
ATOM   1032 C CB   . LYS B 2 22 ? -21.513 -0.210  -3.568  1.00 51.50  ? 648 LYS B CB   1 
ATOM   1033 C CG   . LYS B 2 22 ? -21.721 -1.262  -2.496  1.00 49.42  ? 648 LYS B CG   1 
ATOM   1034 C CD   . LYS B 2 22 ? -22.016 -0.596  -1.166  1.00 51.79  ? 648 LYS B CD   1 
ATOM   1035 C CE   . LYS B 2 22 ? -22.533 -1.606  -0.146  1.00 56.35  ? 648 LYS B CE   1 
ATOM   1036 N NZ   . LYS B 2 22 ? -21.520 -2.637  0.185   1.00 59.03  ? 648 LYS B NZ   1 
ATOM   1037 H H    . LYS B 2 22 ? -19.444 -1.083  -4.564  1.00 56.60  ? 648 LYS B H    1 
ATOM   1038 H HA   . LYS B 2 22 ? -21.996 -1.476  -5.109  1.00 56.21  ? 648 LYS B HA   1 
ATOM   1039 H HB2  . LYS B 2 22 ? -20.715 0.291   -3.335  1.00 61.80  ? 648 LYS B HB2  1 
ATOM   1040 H HB3  . LYS B 2 22 ? -22.282 0.380   -3.553  1.00 61.80  ? 648 LYS B HB3  1 
ATOM   1041 H HG2  . LYS B 2 22 ? -22.475 -1.824  -2.734  1.00 59.30  ? 648 LYS B HG2  1 
ATOM   1042 H HG3  . LYS B 2 22 ? -20.916 -1.796  -2.402  1.00 59.30  ? 648 LYS B HG3  1 
ATOM   1043 H HD2  . LYS B 2 22 ? -21.202 -0.201  -0.818  1.00 62.15  ? 648 LYS B HD2  1 
ATOM   1044 H HD3  . LYS B 2 22 ? -22.695 0.085   -1.292  1.00 62.15  ? 648 LYS B HD3  1 
ATOM   1045 H HE2  . LYS B 2 22 ? -22.767 -1.139  0.672   1.00 67.62  ? 648 LYS B HE2  1 
ATOM   1046 H HE3  . LYS B 2 22 ? -23.313 -2.053  -0.510  1.00 67.62  ? 648 LYS B HE3  1 
ATOM   1047 H HZ1  . LYS B 2 22 ? -20.794 -2.252  0.527   1.00 70.84  ? 648 LYS B HZ1  1 
ATOM   1048 H HZ2  . LYS B 2 22 ? -21.851 -3.210  0.781   1.00 70.84  ? 648 LYS B HZ2  1 
ATOM   1049 H HZ3  . LYS B 2 22 ? -21.290 -3.086  -0.550  1.00 70.84  ? 648 LYS B HZ3  1 
ATOM   1050 N N    . SER B 2 23 ? -20.726 1.275   -6.162  1.00 51.81  ? 649 SER B N    1 
ATOM   1051 C CA   . SER B 2 23 ? -20.802 2.167   -7.300  1.00 59.73  ? 649 SER B CA   1 
ATOM   1052 C C    . SER B 2 23 ? -20.897 1.295   -8.546  1.00 47.17  ? 649 SER B C    1 
ATOM   1053 O O    . SER B 2 23 ? -20.982 1.810   -9.650  1.00 57.29  ? 649 SER B O    1 
ATOM   1054 C CB   . SER B 2 23 ? -19.572 3.069   -7.374  1.00 49.70  ? 649 SER B CB   1 
ATOM   1055 O OG   . SER B 2 23 ? -19.457 3.861   -6.201  1.00 51.19  ? 649 SER B OG   1 
ATOM   1056 H H    . SER B 2 23 ? -20.045 1.397   -5.652  1.00 62.18  ? 649 SER B H    1 
ATOM   1057 H HA   . SER B 2 23 ? -21.605 2.726   -7.236  1.00 71.67  ? 649 SER B HA   1 
ATOM   1058 H HB2  . SER B 2 23 ? -18.780 2.517   -7.462  1.00 59.64  ? 649 SER B HB2  1 
ATOM   1059 H HB3  . SER B 2 23 ? -19.656 3.655   -8.143  1.00 59.64  ? 649 SER B HB3  1 
ATOM   1060 H HG   . SER B 2 23 ? -20.075 3.693   -5.688  1.00 61.43  ? 649 SER B HG   1 
HETATM 1061 S S    . SO4 C 3 .  ? 17.083  -5.923  15.629  0.44 40.23  ? 601 SO4 A S    1 
HETATM 1062 O O1   . SO4 C 3 .  ? 16.304  -5.401  14.500  0.44 35.21  ? 601 SO4 A O1   1 
HETATM 1063 O O2   . SO4 C 3 .  ? 16.468  -5.482  16.879  0.44 43.62  ? 601 SO4 A O2   1 
HETATM 1064 O O3   . SO4 C 3 .  ? 17.129  -7.390  15.614  0.44 34.81  ? 601 SO4 A O3   1 
HETATM 1065 O O4   . SO4 C 3 .  ? 18.436  -5.391  15.551  0.44 39.30  ? 601 SO4 A O4   1 
HETATM 1066 N N    . NH4 D 4 .  ? 14.348  -3.855  14.587  1.00 52.77  ? 602 NH4 A N    1 
HETATM 1067 H HN1  . NH4 D 4 .  ? 14.008  -4.767  14.703  1.00 63.33  ? 602 NH4 A HN1  1 
HETATM 1068 H HN2  . NH4 D 4 .  ? 13.599  -3.224  14.579  1.00 63.33  ? 602 NH4 A HN2  1 
HETATM 1069 H HN3  . NH4 D 4 .  ? 14.952  -3.636  15.329  1.00 63.33  ? 602 NH4 A HN3  1 
HETATM 1070 H HN4  . NH4 D 4 .  ? 14.837  -3.793  13.740  1.00 63.33  ? 602 NH4 A HN4  1 
HETATM 1071 O O    . HOH E 5 .  ? 14.342  -6.589  5.908   1.00 22.76  ? 701 HOH A O    1 
HETATM 1072 O O    . HOH E 5 .  ? 12.941  -3.699  -3.891  1.00 28.88  ? 702 HOH A O    1 
HETATM 1073 O O    . HOH E 5 .  ? 17.956  4.715   10.108  1.00 19.76  ? 703 HOH A O    1 
HETATM 1074 O O    . HOH E 5 .  ? 30.314  -3.090  4.371   1.00 27.21  ? 704 HOH A O    1 
HETATM 1075 O O    . HOH E 5 .  ? 6.417   -4.877  -1.578  1.00 27.16  ? 705 HOH A O    1 
HETATM 1076 O O    . HOH E 5 .  ? 16.163  -7.465  7.903   1.00 22.95  ? 706 HOH A O    1 
HETATM 1077 O O    . HOH E 5 .  ? 24.105  -11.092 11.713  1.00 23.56  ? 707 HOH A O    1 
HETATM 1078 O O    . HOH E 5 .  ? 20.624  -7.342  7.329   1.00 26.84  ? 708 HOH A O    1 
HETATM 1079 O O    . HOH E 5 .  ? 18.292  -8.860  6.736   1.00 27.20  ? 709 HOH A O    1 
HETATM 1080 O O    . HOH E 5 .  ? 17.888  -6.134  1.342   1.00 24.45  ? 710 HOH A O    1 
HETATM 1081 O O    . HOH E 5 .  ? -9.604  9.203   -6.088  0.33 29.97  ? 711 HOH A O    1 
HETATM 1082 O O    . HOH E 5 .  ? 15.450  -6.548  1.754   1.00 35.62  ? 712 HOH A O    1 
HETATM 1083 O O    . HOH E 5 .  ? 30.599  0.467   7.552   0.33 45.93  ? 713 HOH A O    1 
HETATM 1084 O O    . HOH E 5 .  ? 0.513   7.004   -2.656  0.33 22.71  ? 714 HOH A O    1 
HETATM 1085 O O    . HOH E 5 .  ? 4.058   -6.408  -1.435  1.00 42.07  ? 715 HOH A O    1 
HETATM 1086 O O    . HOH E 5 .  ? 1.963   -4.675  -1.686  1.00 37.52  ? 716 HOH A O    1 
HETATM 1087 O O    . HOH E 5 .  ? 21.685  -7.193  4.172   1.00 42.43  ? 717 HOH A O    1 
HETATM 1088 O O    . HOH E 5 .  ? 19.475  -8.181  2.763   1.00 45.07  ? 718 HOH A O    1 
HETATM 1089 O O    . HOH E 5 .  ? 0.362   -4.789  -0.039  1.00 43.54  ? 719 HOH A O    1 
HETATM 1090 O O    . HOH E 5 .  ? -9.682  2.318   -14.881 1.00 36.66  ? 720 HOH A O    1 
HETATM 1091 O O    . HOH E 5 .  ? 26.334  -2.038  17.021  1.00 43.65  ? 721 HOH A O    1 
HETATM 1092 O O    . HOH E 5 .  ? 32.384  -5.765  11.967  1.00 48.40  ? 722 HOH A O    1 
HETATM 1093 O O    . HOH E 5 .  ? 14.888  -8.176  3.954   1.00 28.79  ? 723 HOH A O    1 
HETATM 1094 O O    . HOH E 5 .  ? 18.192  -9.398  4.407   1.00 34.81  ? 724 HOH A O    1 
HETATM 1095 O O    . HOH E 5 .  ? 26.052  -11.454 10.494  1.00 38.24  ? 725 HOH A O    1 
HETATM 1096 O O    . HOH E 5 .  ? -4.046  -3.385  -7.939  1.00 51.38  ? 726 HOH A O    1 
HETATM 1097 O O    . HOH E 5 .  ? -7.963  0.625   -13.903 1.00 44.08  ? 727 HOH A O    1 
HETATM 1098 O O    . HOH E 5 .  ? 23.839  -8.007  16.154  1.00 46.99  ? 728 HOH A O    1 
HETATM 1099 O O    . HOH E 5 .  ? 23.891  -8.636  9.160   1.00 38.27  ? 729 HOH A O    1 
HETATM 1100 O O    . HOH E 5 .  ? 8.405   -4.256  4.652   1.00 39.87  ? 730 HOH A O    1 
HETATM 1101 O O    . HOH E 5 .  ? -8.924  -1.052  -9.393  1.00 50.19  ? 731 HOH A O    1 
HETATM 1102 O O    . HOH E 5 .  ? 30.199  -7.959  5.204   1.00 57.23  ? 732 HOH A O    1 
HETATM 1103 O O    . HOH F 5 .  ? -17.907 -1.191  -9.736  1.00 49.76  ? 701 HOH B O    1 
HETATM 1104 O O    . HOH F 5 .  ? 5.504   -3.441  5.762   1.00 45.60  ? 702 HOH B O    1 
HETATM 1105 O O    . HOH F 5 .  ? -5.598  -2.250  -6.948  1.00 49.81  ? 703 HOH B O    1 
HETATM 1106 O O    . HOH F 5 .  ? -13.457 -5.423  -0.235  1.00 43.23  ? 704 HOH B O    1 
HETATM 1107 O O    . HOH F 5 .  ? -10.647 1.297   9.043   1.00 53.88  ? 705 HOH B O    1 
HETATM 1108 O O    . HOH F 5 .  ? -14.440 -3.744  -6.204  1.00 47.06  ? 706 HOH B O    1 
HETATM 1109 O O    . HOH F 5 .  ? -6.347  -2.047  -4.425  1.00 54.69  ? 707 HOH B O    1 
HETATM 1110 O O    . HOH F 5 .  ? 1.021   3.232   12.756  1.00 48.29  ? 708 HOH B O    1 
HETATM 1111 O O    . HOH F 5 .  ? 7.634   -1.054  13.571  1.00 64.99  ? 709 HOH B O    1 
HETATM 1112 O O    . HOH F 5 .  ? 5.705   -3.183  13.605  1.00 54.10  ? 710 HOH B O    1 
HETATM 1113 O O    . HOH F 5 .  ? 0.345   4.312   10.964  1.00 46.38  ? 711 HOH B O    1 
HETATM 1114 O O    . HOH F 5 .  ? -0.406  6.273   10.860  1.00 51.33  ? 712 HOH B O    1 
# 
